data_3GWZ
#
_entry.id   3GWZ
#
_cell.length_a   88.372
_cell.length_b   98.918
_cell.length_c   171.119
_cell.angle_alpha   90.000
_cell.angle_beta   90.000
_cell.angle_gamma   90.000
#
_symmetry.space_group_name_H-M   'P 21 21 21'
#
loop_
_entity.id
_entity.type
_entity.pdbx_description
1 polymer MmcR
2 non-polymer 'CALCIUM ION'
3 non-polymer (4S)-2-METHYL-2,4-PENTANEDIOL
4 non-polymer S-ADENOSYL-L-HOMOCYSTEINE
5 water water
#
_entity_poly.entity_id   1
_entity_poly.type   'polypeptide(L)'
_entity_poly.pdbx_seq_one_letter_code
;(MSE)GSSHHHHHHSSGLVPRGSH(MSE)TVEQTPENPGTAARAAAEETVNDILQGAWKARAIHVAVELGVPELLQEGPR
TATALAEATGAHEQTLRRLLRLLATVGVFDDLGHDDLFAQNALSAVLLPDPASPVATDARFQAAPWHWRAWEQLTHSVRT
GEASFDVANGTSFWQLTHEDPKARELFNRA(MSE)GSVSLTEAGQVAAAYDFSGAATAVDIGGGRGSL(MSE)AAVLDAF
PGLRGTLLERPPVAEEARELLTGRGLADRCEILPGDFFETIPDGADVYLIKHVLHDWDDDDVVRILRRIATA(MSE)KPD
SRLLVIDNLIDERPAASTLFVDLLLLVLVGGAERSESEFAALLEKSGLRVERSLPCGAGPVRIVEIRRA
;
_entity_poly.pdbx_strand_id   A,D,C,B
#
loop_
_chem_comp.id
_chem_comp.type
_chem_comp.name
_chem_comp.formula
CA non-polymer 'CALCIUM ION' 'Ca 2'
MPD non-polymer (4S)-2-METHYL-2,4-PENTANEDIOL 'C6 H14 O2'
SAH non-polymer S-ADENOSYL-L-HOMOCYSTEINE 'C14 H20 N6 O5 S'
#
# COMPACT_ATOMS: atom_id res chain seq x y z
N GLY A 31 -15.31 -50.11 6.76
CA GLY A 31 -16.17 -50.23 7.92
C GLY A 31 -15.72 -49.29 9.02
N THR A 32 -14.76 -49.74 9.81
CA THR A 32 -14.16 -48.92 10.85
C THR A 32 -13.41 -47.76 10.22
N ALA A 33 -12.59 -48.06 9.21
CA ALA A 33 -11.79 -47.04 8.54
C ALA A 33 -12.68 -46.01 7.86
N ALA A 34 -13.82 -46.46 7.35
CA ALA A 34 -14.77 -45.57 6.70
C ALA A 34 -15.39 -44.62 7.73
N ARG A 35 -15.75 -45.17 8.89
CA ARG A 35 -16.33 -44.36 9.95
C ARG A 35 -15.33 -43.36 10.49
N ALA A 36 -14.09 -43.79 10.66
CA ALA A 36 -13.05 -42.90 11.16
C ALA A 36 -12.82 -41.74 10.19
N ALA A 37 -12.90 -42.04 8.89
CA ALA A 37 -12.69 -41.02 7.87
C ALA A 37 -13.82 -39.98 7.90
N ALA A 38 -15.05 -40.44 8.12
CA ALA A 38 -16.19 -39.56 8.23
C ALA A 38 -16.05 -38.66 9.46
N GLU A 39 -15.64 -39.26 10.57
CA GLU A 39 -15.41 -38.51 11.79
C GLU A 39 -14.37 -37.41 11.57
N GLU A 40 -13.28 -37.75 10.89
CA GLU A 40 -12.22 -36.80 10.61
C GLU A 40 -12.69 -35.68 9.68
N THR A 41 -13.46 -36.06 8.66
CA THR A 41 -14.03 -35.08 7.76
C THR A 41 -14.93 -34.08 8.50
N VAL A 42 -15.80 -34.58 9.35
CA VAL A 42 -16.70 -33.71 10.10
C VAL A 42 -15.92 -32.85 11.11
N ASN A 43 -14.92 -33.45 11.75
CA ASN A 43 -14.11 -32.69 12.70
C ASN A 43 -13.39 -31.54 12.00
N ASP A 44 -12.96 -31.77 10.76
CA ASP A 44 -12.30 -30.70 10.00
C ASP A 44 -13.28 -29.56 9.79
N ILE A 45 -14.55 -29.90 9.55
CA ILE A 45 -15.56 -28.86 9.40
C ILE A 45 -15.68 -28.02 10.66
N LEU A 46 -15.74 -28.67 11.82
CA LEU A 46 -15.85 -27.94 13.09
C LEU A 46 -14.63 -27.04 13.30
N GLN A 47 -13.44 -27.58 13.03
CA GLN A 47 -12.21 -26.81 13.22
C GLN A 47 -12.11 -25.66 12.23
N GLY A 48 -12.85 -25.76 11.13
CA GLY A 48 -12.94 -24.69 10.15
C GLY A 48 -13.41 -23.36 10.73
N ALA A 49 -14.19 -23.39 11.79
CA ALA A 49 -14.62 -22.14 12.43
C ALA A 49 -13.42 -21.40 12.99
N TRP A 50 -12.51 -22.15 13.61
CA TRP A 50 -11.31 -21.58 14.21
C TRP A 50 -10.33 -21.13 13.14
N LYS A 51 -10.27 -21.83 12.02
CA LYS A 51 -9.45 -21.42 10.90
C LYS A 51 -9.86 -20.03 10.41
N ALA A 52 -11.16 -19.84 10.26
CA ALA A 52 -11.70 -18.55 9.84
C ALA A 52 -11.36 -17.46 10.86
N ARG A 53 -11.55 -17.76 12.14
CA ARG A 53 -11.32 -16.76 13.18
C ARG A 53 -9.84 -16.38 13.23
N ALA A 54 -8.96 -17.34 12.98
CA ALA A 54 -7.54 -17.02 12.96
C ALA A 54 -7.23 -16.02 11.84
N ILE A 55 -7.88 -16.17 10.70
CA ILE A 55 -7.74 -15.20 9.62
C ILE A 55 -8.28 -13.84 10.06
N HIS A 56 -9.41 -13.83 10.76
CA HIS A 56 -9.97 -12.56 11.22
C HIS A 56 -8.97 -11.82 12.09
N VAL A 57 -8.33 -12.54 13.00
CA VAL A 57 -7.37 -11.93 13.90
C VAL A 57 -6.14 -11.44 13.15
N ALA A 58 -5.68 -12.23 12.17
CA ALA A 58 -4.54 -11.80 11.36
C ALA A 58 -4.82 -10.49 10.60
N VAL A 59 -6.04 -10.34 10.08
CA VAL A 59 -6.35 -9.08 9.39
C VAL A 59 -6.61 -7.95 10.38
N GLU A 60 -7.24 -8.26 11.50
CA GLU A 60 -7.50 -7.23 12.51
C GLU A 60 -6.18 -6.64 13.03
N LEU A 61 -5.18 -7.50 13.24
CA LEU A 61 -3.88 -7.05 13.72
C LEU A 61 -3.03 -6.40 12.64
N GLY A 62 -3.33 -6.69 11.38
CA GLY A 62 -2.58 -6.12 10.27
C GLY A 62 -1.34 -6.90 9.87
N VAL A 63 -1.35 -8.21 10.10
CA VAL A 63 -0.18 -9.03 9.77
C VAL A 63 0.23 -9.01 8.30
N PRO A 64 -0.72 -9.25 7.36
CA PRO A 64 -0.36 -9.29 5.93
C PRO A 64 0.33 -8.02 5.43
N GLU A 65 -0.10 -6.87 5.94
CA GLU A 65 0.48 -5.59 5.53
C GLU A 65 1.95 -5.48 5.96
N LEU A 66 2.30 -6.17 7.03
CA LEU A 66 3.65 -6.11 7.58
C LEU A 66 4.63 -7.05 6.87
N LEU A 67 4.11 -7.84 5.94
CA LEU A 67 4.95 -8.82 5.27
C LEU A 67 5.19 -8.48 3.80
N GLN A 68 4.96 -7.22 3.42
CA GLN A 68 5.06 -6.84 2.01
C GLN A 68 6.50 -6.56 1.58
N GLU A 69 7.40 -6.47 2.53
CA GLU A 69 8.81 -6.19 2.22
C GLU A 69 9.72 -7.29 2.75
N GLY A 70 9.36 -8.54 2.43
CA GLY A 70 10.16 -9.69 2.85
C GLY A 70 9.69 -10.30 4.16
N PRO A 71 10.31 -11.43 4.57
CA PRO A 71 9.89 -12.18 5.75
C PRO A 71 10.20 -11.40 7.02
N ARG A 72 9.43 -11.67 8.08
CA ARG A 72 9.66 -11.05 9.39
C ARG A 72 9.48 -12.10 10.47
N THR A 73 10.13 -11.90 11.60
CA THR A 73 10.02 -12.84 12.70
C THR A 73 8.71 -12.65 13.47
N ALA A 74 8.26 -13.71 14.12
CA ALA A 74 7.10 -13.61 15.00
C ALA A 74 7.37 -12.54 16.05
N THR A 75 8.60 -12.47 16.55
CA THR A 75 8.99 -11.43 17.51
C THR A 75 8.68 -10.04 16.96
N ALA A 76 9.18 -9.77 15.76
CA ALA A 76 9.03 -8.45 15.15
C ALA A 76 7.56 -8.14 14.81
N LEU A 77 6.87 -9.13 14.27
CA LEU A 77 5.46 -8.97 13.98
C LEU A 77 4.64 -8.71 15.25
N ALA A 78 5.00 -9.38 16.33
CA ALA A 78 4.32 -9.18 17.62
C ALA A 78 4.55 -7.77 18.16
N GLU A 79 5.79 -7.30 18.09
CA GLU A 79 6.12 -5.95 18.52
C GLU A 79 5.34 -4.90 17.73
N ALA A 80 5.29 -5.07 16.41
CA ALA A 80 4.61 -4.10 15.55
C ALA A 80 3.08 -4.12 15.72
N THR A 81 2.51 -5.27 16.06
CA THR A 81 1.04 -5.37 16.11
C THR A 81 0.49 -5.18 17.51
N GLY A 82 1.35 -5.20 18.52
CA GLY A 82 0.91 -5.17 19.90
C GLY A 82 0.38 -6.52 20.37
N ALA A 83 0.90 -7.59 19.79
CA ALA A 83 0.45 -8.94 20.17
C ALA A 83 1.43 -9.59 21.14
N HIS A 84 0.92 -10.56 21.89
CA HIS A 84 1.74 -11.36 22.78
C HIS A 84 2.58 -12.33 21.94
N GLU A 85 3.89 -12.25 22.09
CA GLU A 85 4.83 -12.92 21.18
C GLU A 85 4.57 -14.43 21.02
N GLN A 86 4.60 -15.17 22.11
CA GLN A 86 4.36 -16.62 22.07
C GLN A 86 3.02 -16.96 21.40
N THR A 87 1.99 -16.16 21.67
CA THR A 87 0.65 -16.46 21.11
C THR A 87 0.55 -16.15 19.60
N LEU A 88 1.16 -15.06 19.18
CA LEU A 88 1.19 -14.74 17.76
C LEU A 88 1.95 -15.82 17.00
N ARG A 89 3.03 -16.32 17.59
CA ARG A 89 3.78 -17.42 17.01
C ARG A 89 2.91 -18.69 16.84
N ARG A 90 2.15 -19.05 17.88
CA ARG A 90 1.21 -20.16 17.77
C ARG A 90 0.22 -19.89 16.63
N LEU A 91 -0.34 -18.68 16.59
CA LEU A 91 -1.32 -18.36 15.54
C LEU A 91 -0.71 -18.47 14.15
N LEU A 92 0.48 -17.92 13.97
CA LEU A 92 1.15 -17.94 12.68
C LEU A 92 1.53 -19.37 12.24
N ARG A 93 2.00 -20.18 13.19
N ARG A 93 2.01 -20.18 13.19
CA ARG A 93 2.32 -21.57 12.89
CA ARG A 93 2.31 -21.58 12.89
C ARG A 93 1.09 -22.34 12.43
C ARG A 93 1.07 -22.29 12.38
N LEU A 94 -0.04 -22.10 13.08
CA LEU A 94 -1.29 -22.74 12.70
C LEU A 94 -1.73 -22.30 11.31
N LEU A 95 -1.73 -21.00 11.08
CA LEU A 95 -2.16 -20.49 9.79
C LEU A 95 -1.30 -21.05 8.67
N ALA A 96 0.02 -21.04 8.86
CA ALA A 96 0.93 -21.56 7.84
C ALA A 96 0.63 -23.03 7.54
N THR A 97 0.30 -23.78 8.59
CA THR A 97 -0.04 -25.19 8.48
C THR A 97 -1.27 -25.40 7.58
N VAL A 98 -2.17 -24.43 7.54
CA VAL A 98 -3.35 -24.57 6.69
C VAL A 98 -3.24 -23.72 5.43
N GLY A 99 -2.03 -23.26 5.13
CA GLY A 99 -1.77 -22.63 3.83
C GLY A 99 -1.74 -21.11 3.80
N VAL A 100 -1.99 -20.46 4.93
CA VAL A 100 -2.03 -19.00 4.98
C VAL A 100 -0.74 -18.48 5.61
N PHE A 101 0.01 -17.69 4.85
CA PHE A 101 1.41 -17.36 5.17
C PHE A 101 2.28 -18.60 5.00
N ASP A 102 3.57 -18.40 4.75
CA ASP A 102 4.55 -19.48 4.75
C ASP A 102 5.38 -19.42 6.03
N ASP A 103 5.59 -20.57 6.66
CA ASP A 103 6.52 -20.67 7.77
C ASP A 103 7.87 -21.06 7.17
N LEU A 104 8.87 -20.17 7.24
CA LEU A 104 10.13 -20.45 6.55
C LEU A 104 10.92 -21.59 7.21
N GLY A 105 10.56 -21.93 8.44
CA GLY A 105 11.17 -23.03 9.16
C GLY A 105 12.59 -22.74 9.66
N HIS A 106 12.97 -21.47 9.66
CA HIS A 106 14.25 -21.07 10.25
C HIS A 106 14.20 -19.62 10.73
N ASP A 107 14.97 -19.34 11.77
CA ASP A 107 15.15 -17.97 12.27
C ASP A 107 13.84 -17.32 12.70
N ASP A 108 12.82 -18.14 12.97
CA ASP A 108 11.53 -17.63 13.45
C ASP A 108 10.84 -16.78 12.40
N LEU A 109 11.17 -17.02 11.13
CA LEU A 109 10.66 -16.20 10.04
C LEU A 109 9.35 -16.68 9.43
N PHE A 110 8.50 -15.73 9.06
CA PHE A 110 7.30 -16.02 8.31
C PHE A 110 7.23 -15.09 7.10
N ALA A 111 6.56 -15.53 6.04
CA ALA A 111 6.51 -14.77 4.80
C ALA A 111 5.11 -14.73 4.20
N GLN A 112 4.87 -13.71 3.38
CA GLN A 112 3.66 -13.64 2.58
C GLN A 112 3.62 -14.83 1.64
N ASN A 113 2.43 -15.37 1.40
CA ASN A 113 2.23 -16.27 0.27
C ASN A 113 0.97 -15.91 -0.51
N ALA A 114 0.61 -16.74 -1.48
CA ALA A 114 -0.51 -16.47 -2.38
C ALA A 114 -1.82 -16.27 -1.61
N LEU A 115 -2.04 -17.09 -0.59
CA LEU A 115 -3.25 -16.98 0.20
C LEU A 115 -3.24 -15.76 1.11
N SER A 116 -2.13 -15.54 1.81
CA SER A 116 -2.09 -14.40 2.71
C SER A 116 -2.11 -13.09 1.92
N ALA A 117 -1.62 -13.11 0.68
CA ALA A 117 -1.59 -11.90 -0.14
C ALA A 117 -2.99 -11.36 -0.48
N VAL A 118 -3.98 -12.25 -0.61
CA VAL A 118 -5.32 -11.79 -0.96
C VAL A 118 -5.99 -11.10 0.24
N LEU A 119 -5.34 -11.13 1.39
CA LEU A 119 -5.86 -10.49 2.59
C LEU A 119 -5.35 -9.06 2.77
N LEU A 120 -4.48 -8.62 1.87
CA LEU A 120 -4.02 -7.24 1.93
C LEU A 120 -5.22 -6.31 1.78
N PRO A 121 -5.27 -5.25 2.61
CA PRO A 121 -6.39 -4.30 2.59
C PRO A 121 -6.48 -3.62 1.23
N ASP A 122 -7.67 -3.64 0.66
CA ASP A 122 -7.89 -3.12 -0.69
C ASP A 122 -9.39 -3.00 -0.92
N PRO A 123 -9.87 -1.76 -1.10
CA PRO A 123 -11.31 -1.47 -1.22
C PRO A 123 -11.93 -2.15 -2.43
N ALA A 124 -11.10 -2.65 -3.33
CA ALA A 124 -11.59 -3.34 -4.52
C ALA A 124 -11.60 -4.86 -4.35
N SER A 125 -11.15 -5.34 -3.20
CA SER A 125 -11.09 -6.79 -3.00
C SER A 125 -12.24 -7.30 -2.13
N PRO A 126 -13.11 -8.14 -2.71
CA PRO A 126 -14.21 -8.67 -1.92
C PRO A 126 -13.69 -9.47 -0.72
N VAL A 127 -12.71 -10.34 -0.93
CA VAL A 127 -12.28 -11.22 0.15
C VAL A 127 -11.60 -10.45 1.28
N ALA A 128 -10.75 -9.49 0.94
CA ALA A 128 -10.05 -8.69 1.93
C ALA A 128 -11.00 -7.82 2.76
N THR A 129 -11.98 -7.21 2.10
CA THR A 129 -12.91 -6.37 2.84
C THR A 129 -13.84 -7.24 3.67
N ASP A 130 -14.22 -8.39 3.12
CA ASP A 130 -15.14 -9.27 3.85
C ASP A 130 -14.45 -9.84 5.09
N ALA A 131 -13.17 -10.19 4.97
CA ALA A 131 -12.45 -10.73 6.12
C ALA A 131 -12.46 -9.73 7.27
N ARG A 132 -12.28 -8.46 6.95
CA ARG A 132 -12.26 -7.42 7.99
C ARG A 132 -13.64 -7.13 8.56
N PHE A 133 -14.66 -7.22 7.71
CA PHE A 133 -16.07 -7.09 8.11
C PHE A 133 -16.42 -8.19 9.10
N GLN A 134 -16.07 -9.43 8.75
CA GLN A 134 -16.35 -10.60 9.58
C GLN A 134 -15.56 -10.61 10.89
N ALA A 135 -14.45 -9.89 10.92
CA ALA A 135 -13.62 -9.82 12.11
C ALA A 135 -14.36 -9.14 13.27
N ALA A 136 -15.27 -8.24 12.94
CA ALA A 136 -16.05 -7.52 13.94
C ALA A 136 -16.78 -8.46 14.89
N PRO A 137 -16.71 -8.18 16.20
CA PRO A 137 -17.34 -9.06 17.20
C PRO A 137 -18.83 -9.18 16.98
N TRP A 138 -19.48 -8.12 16.50
CA TRP A 138 -20.93 -8.15 16.33
C TRP A 138 -21.35 -8.98 15.13
N HIS A 139 -20.44 -9.14 14.17
CA HIS A 139 -20.70 -10.00 13.03
C HIS A 139 -20.64 -11.45 13.55
N TRP A 140 -19.52 -11.83 14.15
CA TRP A 140 -19.38 -13.17 14.73
C TRP A 140 -20.52 -13.47 15.72
N ARG A 141 -20.94 -12.48 16.50
CA ARG A 141 -21.98 -12.75 17.50
C ARG A 141 -23.35 -13.03 16.90
N ALA A 142 -23.64 -12.47 15.72
CA ALA A 142 -24.89 -12.81 15.06
C ALA A 142 -24.94 -14.30 14.78
N TRP A 143 -23.79 -14.87 14.41
CA TRP A 143 -23.68 -16.31 14.15
C TRP A 143 -23.81 -17.14 15.43
N GLU A 144 -23.38 -16.56 16.54
CA GLU A 144 -23.56 -17.20 17.86
C GLU A 144 -25.02 -17.62 18.02
N GLN A 145 -25.93 -16.76 17.54
CA GLN A 145 -27.36 -16.94 17.74
C GLN A 145 -28.07 -17.46 16.49
N LEU A 146 -27.35 -18.20 15.66
CA LEU A 146 -27.94 -18.83 14.47
C LEU A 146 -29.19 -19.64 14.81
N THR A 147 -29.15 -20.35 15.94
CA THR A 147 -30.33 -21.13 16.33
C THR A 147 -31.60 -20.26 16.36
N HIS A 148 -31.48 -19.04 16.87
CA HIS A 148 -32.62 -18.12 16.92
C HIS A 148 -33.21 -17.91 15.52
N SER A 149 -32.34 -17.67 14.54
CA SER A 149 -32.81 -17.46 13.16
C SER A 149 -33.46 -18.72 12.62
N VAL A 150 -32.89 -19.87 12.93
CA VAL A 150 -33.45 -21.11 12.40
C VAL A 150 -34.83 -21.40 13.02
N ARG A 151 -35.06 -20.91 14.24
CA ARG A 151 -36.38 -21.04 14.88
C ARG A 151 -37.42 -20.01 14.42
N THR A 152 -36.99 -18.93 13.78
CA THR A 152 -37.89 -17.80 13.50
C THR A 152 -37.99 -17.33 12.04
N GLY A 153 -36.96 -17.60 11.24
CA GLY A 153 -36.85 -17.00 9.93
C GLY A 153 -36.45 -15.53 9.98
N GLU A 154 -36.08 -15.05 11.16
CA GLU A 154 -35.72 -13.64 11.34
C GLU A 154 -34.23 -13.48 11.68
N ALA A 155 -33.74 -12.25 11.57
CA ALA A 155 -32.35 -11.94 11.91
C ALA A 155 -32.01 -12.32 13.35
N SER A 156 -30.82 -12.88 13.55
CA SER A 156 -30.33 -13.13 14.89
C SER A 156 -29.54 -11.92 15.39
N PHE A 157 -29.23 -11.00 14.48
CA PHE A 157 -28.36 -9.87 14.79
C PHE A 157 -28.89 -9.11 16.00
N ASP A 158 -30.20 -8.91 16.02
CA ASP A 158 -30.84 -8.12 17.06
C ASP A 158 -30.71 -8.76 18.44
N VAL A 159 -31.01 -10.05 18.52
CA VAL A 159 -30.94 -10.70 19.82
C VAL A 159 -29.49 -10.78 20.30
N ALA A 160 -28.56 -10.95 19.38
CA ALA A 160 -27.14 -11.06 19.73
C ALA A 160 -26.56 -9.72 20.19
N ASN A 161 -26.90 -8.66 19.47
CA ASN A 161 -26.20 -7.38 19.63
C ASN A 161 -27.05 -6.25 20.24
N GLY A 162 -28.33 -6.50 20.45
CA GLY A 162 -29.18 -5.53 21.13
C GLY A 162 -29.62 -4.39 20.22
N THR A 163 -29.40 -4.54 18.92
CA THR A 163 -29.80 -3.55 17.93
C THR A 163 -29.82 -4.22 16.57
N SER A 164 -30.50 -3.62 15.60
CA SER A 164 -30.58 -4.20 14.25
C SER A 164 -29.33 -3.88 13.44
N PHE A 165 -29.10 -4.67 12.40
CA PHE A 165 -27.97 -4.43 11.52
C PHE A 165 -28.07 -3.02 10.89
N TRP A 166 -29.27 -2.64 10.47
CA TRP A 166 -29.41 -1.33 9.83
C TRP A 166 -29.23 -0.19 10.82
N GLN A 167 -29.64 -0.40 12.07
CA GLN A 167 -29.50 0.64 13.07
C GLN A 167 -28.04 0.80 13.46
N LEU A 168 -27.33 -0.31 13.59
CA LEU A 168 -25.91 -0.24 13.92
C LEU A 168 -25.12 0.49 12.85
N THR A 169 -25.35 0.14 11.58
CA THR A 169 -24.61 0.76 10.50
C THR A 169 -25.04 2.23 10.30
N HIS A 170 -26.26 2.54 10.72
CA HIS A 170 -26.71 3.94 10.70
C HIS A 170 -25.97 4.77 11.75
N GLU A 171 -25.88 4.26 12.97
CA GLU A 171 -25.37 5.01 14.11
C GLU A 171 -23.84 4.99 14.27
N ASP A 172 -23.24 3.87 13.89
CA ASP A 172 -21.84 3.59 14.23
C ASP A 172 -20.98 3.66 12.98
N PRO A 173 -20.15 4.72 12.87
CA PRO A 173 -19.38 4.98 11.65
C PRO A 173 -18.38 3.87 11.32
N LYS A 174 -17.78 3.25 12.33
CA LYS A 174 -16.86 2.15 12.10
C LYS A 174 -17.58 0.93 11.52
N ALA A 175 -18.72 0.57 12.11
CA ALA A 175 -19.55 -0.50 11.57
C ALA A 175 -20.02 -0.19 10.16
N ARG A 176 -20.48 1.03 9.94
CA ARG A 176 -20.92 1.48 8.61
C ARG A 176 -19.79 1.32 7.59
N GLU A 177 -18.59 1.70 8.00
CA GLU A 177 -17.44 1.66 7.11
C GLU A 177 -17.07 0.22 6.74
N LEU A 178 -17.01 -0.68 7.73
CA LEU A 178 -16.70 -2.09 7.45
C LEU A 178 -17.71 -2.71 6.49
N PHE A 179 -18.99 -2.47 6.75
CA PHE A 179 -20.01 -3.01 5.86
C PHE A 179 -19.97 -2.39 4.45
N ASN A 180 -19.98 -1.07 4.39
CA ASN A 180 -19.98 -0.39 3.09
C ASN A 180 -18.77 -0.71 2.21
N ARG A 181 -17.61 -0.93 2.86
CA ARG A 181 -16.43 -1.40 2.14
C ARG A 181 -16.63 -2.82 1.60
N ALA A 182 -17.23 -3.70 2.39
CA ALA A 182 -17.39 -5.09 1.95
C ALA A 182 -18.41 -5.20 0.83
N MSE A 183 -19.50 -4.43 0.93
CA MSE A 183 -20.49 -4.37 -0.14
C MSE A 183 -19.89 -3.65 -1.35
O MSE A 183 -20.11 -4.04 -2.51
CB MSE A 183 -21.73 -3.62 0.37
CG MSE A 183 -22.93 -3.64 -0.57
SE MSE A 183 -23.73 -5.42 -0.77
CE MSE A 183 -23.11 -5.83 -2.56
N GLY A 184 -19.15 -2.58 -1.09
CA GLY A 184 -18.60 -1.75 -2.16
C GLY A 184 -17.61 -2.46 -3.06
N SER A 185 -16.86 -3.41 -2.51
CA SER A 185 -15.86 -4.13 -3.29
C SER A 185 -16.56 -5.08 -4.25
N VAL A 186 -17.54 -5.81 -3.74
CA VAL A 186 -18.37 -6.67 -4.56
C VAL A 186 -19.02 -5.84 -5.69
N SER A 187 -19.53 -4.67 -5.32
CA SER A 187 -20.26 -3.83 -6.26
C SER A 187 -19.37 -3.31 -7.39
N LEU A 188 -18.13 -2.97 -7.06
CA LEU A 188 -17.20 -2.50 -8.08
C LEU A 188 -17.05 -3.52 -9.22
N THR A 189 -17.01 -4.81 -8.87
CA THR A 189 -16.87 -5.85 -9.88
C THR A 189 -18.15 -5.97 -10.70
N GLU A 190 -19.29 -6.04 -10.01
CA GLU A 190 -20.58 -6.20 -10.66
C GLU A 190 -20.92 -5.02 -11.55
N ALA A 191 -20.43 -3.84 -11.17
CA ALA A 191 -20.86 -2.60 -11.84
C ALA A 191 -20.47 -2.62 -13.32
N GLY A 192 -19.21 -2.94 -13.59
CA GLY A 192 -18.74 -3.07 -14.96
C GLY A 192 -19.51 -4.13 -15.74
N GLN A 193 -19.83 -5.24 -15.07
CA GLN A 193 -20.59 -6.33 -15.69
C GLN A 193 -21.98 -5.86 -16.09
N VAL A 194 -22.67 -5.17 -15.18
CA VAL A 194 -24.01 -4.69 -15.50
C VAL A 194 -23.99 -3.71 -16.67
N ALA A 195 -23.05 -2.77 -16.62
CA ALA A 195 -22.94 -1.74 -17.65
C ALA A 195 -22.66 -2.34 -19.03
N ALA A 196 -22.09 -3.53 -19.04
CA ALA A 196 -21.74 -4.18 -20.29
C ALA A 196 -22.83 -5.14 -20.75
N ALA A 197 -23.70 -5.54 -19.82
CA ALA A 197 -24.69 -6.57 -20.10
C ALA A 197 -26.07 -6.02 -20.46
N TYR A 198 -26.27 -4.74 -20.25
CA TYR A 198 -27.58 -4.15 -20.52
C TYR A 198 -27.43 -2.88 -21.36
N ASP A 199 -28.23 -2.80 -22.42
CA ASP A 199 -28.20 -1.65 -23.32
C ASP A 199 -29.01 -0.48 -22.77
N PHE A 200 -28.32 0.48 -22.16
CA PHE A 200 -28.97 1.65 -21.57
C PHE A 200 -29.10 2.81 -22.57
N SER A 201 -28.75 2.57 -23.84
CA SER A 201 -28.63 3.67 -24.81
C SER A 201 -29.93 4.43 -25.06
N GLY A 202 -31.06 3.81 -24.75
CA GLY A 202 -32.35 4.45 -24.99
C GLY A 202 -32.81 5.29 -23.83
N ALA A 203 -32.12 5.21 -22.69
CA ALA A 203 -32.57 5.91 -21.50
C ALA A 203 -31.95 7.28 -21.36
N ALA A 204 -32.75 8.25 -20.97
CA ALA A 204 -32.24 9.57 -20.64
C ALA A 204 -31.97 9.69 -19.13
N THR A 205 -32.79 9.03 -18.32
CA THR A 205 -32.64 9.11 -16.87
C THR A 205 -32.67 7.74 -16.22
N ALA A 206 -31.84 7.59 -15.17
CA ALA A 206 -31.77 6.35 -14.39
C ALA A 206 -31.81 6.66 -12.90
N VAL A 207 -32.41 5.77 -12.13
CA VAL A 207 -32.42 5.93 -10.68
C VAL A 207 -31.94 4.64 -10.02
N ASP A 208 -30.91 4.74 -9.17
CA ASP A 208 -30.45 3.56 -8.44
C ASP A 208 -30.96 3.59 -7.02
N ILE A 209 -31.85 2.64 -6.73
CA ILE A 209 -32.53 2.58 -5.45
C ILE A 209 -31.72 1.78 -4.43
N GLY A 210 -31.31 2.42 -3.34
CA GLY A 210 -30.44 1.76 -2.37
C GLY A 210 -29.11 1.42 -3.01
N GLY A 211 -28.55 2.38 -3.74
CA GLY A 211 -27.37 2.16 -4.58
C GLY A 211 -26.02 2.10 -3.89
N GLY A 212 -26.01 2.04 -2.55
CA GLY A 212 -24.76 1.93 -1.81
C GLY A 212 -23.83 3.11 -2.03
N ARG A 213 -22.55 2.84 -2.29
CA ARG A 213 -21.59 3.94 -2.49
C ARG A 213 -21.58 4.44 -3.93
N GLY A 214 -22.45 3.89 -4.77
CA GLY A 214 -22.68 4.46 -6.08
C GLY A 214 -21.84 3.91 -7.23
N SER A 215 -21.09 2.83 -7.00
CA SER A 215 -20.27 2.28 -8.08
C SER A 215 -21.10 1.80 -9.29
N LEU A 216 -22.29 1.25 -9.02
CA LEU A 216 -23.14 0.83 -10.14
C LEU A 216 -23.54 2.03 -10.99
N MSE A 217 -24.04 3.08 -10.35
CA MSE A 217 -24.43 4.29 -11.10
C MSE A 217 -23.22 4.88 -11.83
O MSE A 217 -23.33 5.34 -12.97
CB MSE A 217 -25.07 5.34 -10.17
CG MSE A 217 -25.66 6.54 -10.90
SE MSE A 217 -27.27 6.06 -11.89
CE MSE A 217 -26.45 5.39 -13.52
N ALA A 218 -22.06 4.86 -11.19
CA ALA A 218 -20.84 5.41 -11.80
C ALA A 218 -20.46 4.64 -13.07
N ALA A 219 -20.50 3.31 -13.00
CA ALA A 219 -20.15 2.48 -14.15
C ALA A 219 -21.10 2.69 -15.32
N VAL A 220 -22.40 2.71 -15.02
CA VAL A 220 -23.41 2.92 -16.04
C VAL A 220 -23.31 4.33 -16.67
N LEU A 221 -23.10 5.34 -15.84
CA LEU A 221 -22.93 6.70 -16.35
C LEU A 221 -21.69 6.80 -17.23
N ASP A 222 -20.58 6.24 -16.78
CA ASP A 222 -19.36 6.26 -17.58
C ASP A 222 -19.60 5.63 -18.95
N ALA A 223 -20.35 4.53 -18.96
CA ALA A 223 -20.54 3.75 -20.17
C ALA A 223 -21.55 4.33 -21.13
N PHE A 224 -22.44 5.18 -20.60
CA PHE A 224 -23.52 5.76 -21.40
C PHE A 224 -23.58 7.27 -21.18
N PRO A 225 -22.75 8.00 -21.91
CA PRO A 225 -22.50 9.45 -21.75
C PRO A 225 -23.74 10.34 -21.78
N GLY A 226 -24.82 9.94 -22.46
CA GLY A 226 -26.01 10.78 -22.51
C GLY A 226 -26.91 10.64 -21.29
N LEU A 227 -26.62 9.64 -20.47
CA LEU A 227 -27.48 9.30 -19.34
C LEU A 227 -27.28 10.24 -18.15
N ARG A 228 -28.35 10.53 -17.42
CA ARG A 228 -28.19 11.19 -16.12
C ARG A 228 -28.88 10.35 -15.05
N GLY A 229 -28.42 10.49 -13.81
CA GLY A 229 -28.86 9.57 -12.79
C GLY A 229 -29.22 10.20 -11.46
N THR A 230 -29.89 9.42 -10.62
CA THR A 230 -30.15 9.81 -9.25
C THR A 230 -29.83 8.63 -8.38
N LEU A 231 -29.05 8.86 -7.34
CA LEU A 231 -28.73 7.80 -6.38
C LEU A 231 -29.50 8.03 -5.09
N LEU A 232 -30.35 7.09 -4.73
CA LEU A 232 -31.14 7.15 -3.52
C LEU A 232 -30.54 6.21 -2.46
N GLU A 233 -30.22 6.76 -1.29
CA GLU A 233 -29.65 5.97 -0.18
C GLU A 233 -29.99 6.59 1.17
N ARG A 234 -29.83 5.80 2.23
CA ARG A 234 -29.86 6.32 3.59
C ARG A 234 -28.89 7.50 3.70
N PRO A 235 -29.30 8.55 4.43
CA PRO A 235 -28.54 9.80 4.47
C PRO A 235 -27.02 9.67 4.67
N PRO A 236 -26.56 8.89 5.66
CA PRO A 236 -25.10 8.79 5.81
C PRO A 236 -24.43 8.11 4.61
N VAL A 237 -25.08 7.08 4.09
CA VAL A 237 -24.53 6.33 2.96
C VAL A 237 -24.56 7.21 1.71
N ALA A 238 -25.62 7.99 1.57
CA ALA A 238 -25.76 8.88 0.41
C ALA A 238 -24.57 9.83 0.31
N GLU A 239 -24.09 10.32 1.44
CA GLU A 239 -22.93 11.22 1.45
C GLU A 239 -21.67 10.50 1.00
N GLU A 240 -21.53 9.23 1.36
CA GLU A 240 -20.41 8.45 0.87
C GLU A 240 -20.49 8.29 -0.65
N ALA A 241 -21.69 8.03 -1.16
CA ALA A 241 -21.89 7.95 -2.60
C ALA A 241 -21.56 9.27 -3.27
N ARG A 242 -21.92 10.38 -2.63
CA ARG A 242 -21.57 11.68 -3.17
C ARG A 242 -20.05 11.82 -3.32
N GLU A 243 -19.30 11.41 -2.30
CA GLU A 243 -17.85 11.48 -2.39
C GLU A 243 -17.28 10.64 -3.56
N LEU A 244 -17.75 9.41 -3.70
CA LEU A 244 -17.29 8.52 -4.78
C LEU A 244 -17.62 9.10 -6.15
N LEU A 245 -18.88 9.51 -6.33
CA LEU A 245 -19.32 10.04 -7.61
C LEU A 245 -18.65 11.37 -7.94
N THR A 246 -18.47 12.23 -6.94
CA THR A 246 -17.85 13.54 -7.19
C THR A 246 -16.39 13.39 -7.60
N GLY A 247 -15.65 12.55 -6.87
CA GLY A 247 -14.23 12.33 -7.15
C GLY A 247 -13.97 11.61 -8.46
N ARG A 248 -15.01 10.98 -9.00
CA ARG A 248 -14.90 10.36 -10.31
C ARG A 248 -15.45 11.28 -11.42
N GLY A 249 -15.69 12.54 -11.06
CA GLY A 249 -16.09 13.55 -12.04
C GLY A 249 -17.52 13.41 -12.53
N LEU A 250 -18.40 12.87 -11.68
CA LEU A 250 -19.76 12.58 -12.12
C LEU A 250 -20.83 13.36 -11.35
N ALA A 251 -20.42 14.31 -10.51
CA ALA A 251 -21.35 15.07 -9.69
C ALA A 251 -22.36 15.88 -10.51
N ASP A 252 -21.97 16.34 -11.69
CA ASP A 252 -22.92 17.08 -12.52
C ASP A 252 -23.85 16.17 -13.34
N ARG A 253 -23.68 14.87 -13.20
CA ARG A 253 -24.53 13.93 -13.95
C ARG A 253 -25.37 13.04 -13.02
N CYS A 254 -25.13 13.12 -11.73
CA CYS A 254 -25.87 12.29 -10.80
C CYS A 254 -26.33 13.08 -9.58
N GLU A 255 -27.63 13.18 -9.41
CA GLU A 255 -28.20 13.79 -8.22
C GLU A 255 -28.14 12.78 -7.07
N ILE A 256 -27.79 13.26 -5.89
CA ILE A 256 -27.81 12.46 -4.66
C ILE A 256 -29.09 12.73 -3.87
N LEU A 257 -29.84 11.67 -3.59
CA LEU A 257 -31.10 11.78 -2.87
C LEU A 257 -31.05 10.99 -1.57
N PRO A 258 -30.78 11.67 -0.45
CA PRO A 258 -30.87 11.04 0.86
C PRO A 258 -32.33 10.74 1.13
N GLY A 259 -32.66 9.51 1.47
CA GLY A 259 -34.05 9.14 1.63
C GLY A 259 -34.27 7.70 2.06
N ASP A 260 -35.52 7.28 2.00
CA ASP A 260 -35.94 5.98 2.50
C ASP A 260 -36.82 5.36 1.43
N PHE A 261 -36.37 4.25 0.85
CA PHE A 261 -37.12 3.67 -0.28
C PHE A 261 -38.49 3.08 0.11
N PHE A 262 -38.79 3.05 1.40
CA PHE A 262 -40.14 2.67 1.82
C PHE A 262 -41.10 3.84 1.74
N GLU A 263 -40.55 5.05 1.59
CA GLU A 263 -41.33 6.26 1.59
C GLU A 263 -41.23 7.00 0.26
N THR A 264 -40.08 6.88 -0.39
CA THR A 264 -39.78 7.71 -1.56
C THR A 264 -39.10 6.94 -2.69
N ILE A 265 -39.64 7.10 -3.91
CA ILE A 265 -38.95 6.71 -5.13
C ILE A 265 -39.16 7.82 -6.13
N PRO A 266 -38.08 8.42 -6.64
CA PRO A 266 -38.20 9.51 -7.61
C PRO A 266 -39.09 9.12 -8.78
N ASP A 267 -40.02 9.99 -9.13
CA ASP A 267 -41.01 9.68 -10.14
C ASP A 267 -40.52 9.93 -11.57
N GLY A 268 -40.95 9.05 -12.48
CA GLY A 268 -40.81 9.28 -13.91
C GLY A 268 -39.45 9.12 -14.56
N ALA A 269 -38.59 8.26 -14.03
CA ALA A 269 -37.33 7.96 -14.71
C ALA A 269 -37.52 6.88 -15.77
N ASP A 270 -36.60 6.82 -16.73
CA ASP A 270 -36.63 5.79 -17.77
C ASP A 270 -36.24 4.40 -17.24
N VAL A 271 -35.24 4.34 -16.39
CA VAL A 271 -34.81 3.05 -15.86
C VAL A 271 -34.55 3.14 -14.37
N TYR A 272 -35.10 2.18 -13.63
CA TYR A 272 -34.82 2.06 -12.20
C TYR A 272 -33.94 0.84 -11.98
N LEU A 273 -32.98 0.97 -11.07
CA LEU A 273 -32.09 -0.15 -10.78
C LEU A 273 -32.17 -0.44 -9.29
N ILE A 274 -32.14 -1.71 -8.93
CA ILE A 274 -32.18 -2.11 -7.52
C ILE A 274 -31.35 -3.40 -7.37
N LYS A 275 -30.15 -3.25 -6.85
CA LYS A 275 -29.17 -4.33 -6.86
C LYS A 275 -28.83 -4.73 -5.43
N HIS A 276 -29.00 -6.01 -5.12
CA HIS A 276 -28.70 -6.57 -3.81
C HIS A 276 -29.42 -5.81 -2.70
N VAL A 277 -30.64 -5.41 -2.99
CA VAL A 277 -31.47 -4.76 -1.98
C VAL A 277 -32.62 -5.67 -1.59
N LEU A 278 -33.37 -6.15 -2.58
CA LEU A 278 -34.58 -6.91 -2.27
C LEU A 278 -34.28 -8.16 -1.47
N HIS A 279 -33.10 -8.75 -1.66
CA HIS A 279 -32.78 -9.96 -0.91
C HIS A 279 -32.52 -9.72 0.59
N ASP A 280 -32.48 -8.44 1.00
CA ASP A 280 -32.41 -8.08 2.41
C ASP A 280 -33.76 -8.17 3.11
N TRP A 281 -34.84 -8.25 2.33
CA TRP A 281 -36.19 -8.02 2.87
C TRP A 281 -37.15 -9.20 2.73
N ASP A 282 -38.08 -9.34 3.68
CA ASP A 282 -39.10 -10.39 3.56
C ASP A 282 -40.13 -10.02 2.50
N ASP A 283 -41.06 -10.95 2.22
CA ASP A 283 -42.00 -10.75 1.13
C ASP A 283 -42.82 -9.47 1.27
N ASP A 284 -43.38 -9.25 2.46
CA ASP A 284 -44.17 -8.06 2.71
C ASP A 284 -43.38 -6.78 2.39
N ASP A 285 -42.15 -6.71 2.88
CA ASP A 285 -41.35 -5.51 2.66
C ASP A 285 -40.93 -5.37 1.20
N VAL A 286 -40.70 -6.48 0.50
CA VAL A 286 -40.38 -6.40 -0.92
C VAL A 286 -41.56 -5.85 -1.70
N VAL A 287 -42.76 -6.30 -1.36
CA VAL A 287 -43.95 -5.79 -2.04
C VAL A 287 -44.13 -4.30 -1.80
N ARG A 288 -43.85 -3.86 -0.58
CA ARG A 288 -43.91 -2.42 -0.27
C ARG A 288 -42.99 -1.64 -1.19
N ILE A 289 -41.75 -2.11 -1.33
CA ILE A 289 -40.79 -1.42 -2.18
C ILE A 289 -41.24 -1.44 -3.63
N LEU A 290 -41.65 -2.60 -4.12
CA LEU A 290 -42.00 -2.78 -5.53
C LEU A 290 -43.20 -1.92 -5.90
N ARG A 291 -44.15 -1.85 -4.99
CA ARG A 291 -45.37 -1.09 -5.26
C ARG A 291 -45.05 0.40 -5.39
N ARG A 292 -44.16 0.91 -4.54
CA ARG A 292 -43.77 2.31 -4.65
C ARG A 292 -42.97 2.55 -5.94
N ILE A 293 -42.17 1.57 -6.35
CA ILE A 293 -41.45 1.69 -7.61
C ILE A 293 -42.44 1.70 -8.76
N ALA A 294 -43.36 0.74 -8.76
CA ALA A 294 -44.36 0.65 -9.81
C ALA A 294 -45.11 1.99 -10.02
N THR A 295 -45.42 2.66 -8.92
N THR A 295 -45.45 2.63 -8.91
CA THR A 295 -46.19 3.90 -8.98
CA THR A 295 -46.16 3.91 -8.93
C THR A 295 -45.35 5.12 -9.39
C THR A 295 -45.35 5.00 -9.63
N ALA A 296 -44.03 4.94 -9.46
CA ALA A 296 -43.13 5.96 -9.98
C ALA A 296 -42.83 5.74 -11.47
N MSE A 297 -43.13 4.55 -11.97
CA MSE A 297 -42.74 4.19 -13.32
C MSE A 297 -43.68 4.74 -14.39
O MSE A 297 -44.90 4.79 -14.21
CB MSE A 297 -42.62 2.67 -13.45
CG MSE A 297 -41.43 2.10 -12.70
SE MSE A 297 -41.40 0.16 -12.66
CE MSE A 297 -41.06 -0.15 -14.54
N LYS A 298 -43.11 5.15 -15.51
CA LYS A 298 -43.89 5.48 -16.69
C LYS A 298 -44.19 4.19 -17.45
N PRO A 299 -45.24 4.19 -18.26
CA PRO A 299 -45.59 2.98 -19.01
C PRO A 299 -44.38 2.40 -19.76
N ASP A 300 -43.49 3.27 -20.20
CA ASP A 300 -42.33 2.85 -20.98
C ASP A 300 -41.09 2.60 -20.10
N SER A 301 -41.22 2.88 -18.80
CA SER A 301 -40.10 2.69 -17.88
C SER A 301 -39.72 1.23 -17.74
N ARG A 302 -38.48 0.98 -17.35
CA ARG A 302 -38.04 -0.38 -17.05
C ARG A 302 -37.42 -0.43 -15.65
N LEU A 303 -37.62 -1.54 -14.96
CA LEU A 303 -36.98 -1.78 -13.68
C LEU A 303 -36.04 -2.96 -13.82
N LEU A 304 -34.81 -2.80 -13.36
CA LEU A 304 -33.85 -3.89 -13.33
C LEU A 304 -33.62 -4.35 -11.90
N VAL A 305 -34.19 -5.49 -11.54
CA VAL A 305 -33.86 -6.11 -10.28
C VAL A 305 -32.59 -6.91 -10.50
N ILE A 306 -31.52 -6.52 -9.83
CA ILE A 306 -30.23 -7.17 -10.02
C ILE A 306 -29.86 -7.90 -8.73
N ASP A 307 -29.93 -9.22 -8.75
CA ASP A 307 -29.70 -9.94 -7.51
C ASP A 307 -29.25 -11.37 -7.76
N ASN A 308 -28.94 -12.07 -6.67
CA ASN A 308 -28.56 -13.46 -6.72
C ASN A 308 -29.84 -14.27 -6.93
N LEU A 309 -29.89 -15.07 -7.99
CA LEU A 309 -31.06 -15.90 -8.21
C LEU A 309 -30.78 -17.37 -7.90
N ILE A 310 -31.70 -17.99 -7.17
CA ILE A 310 -31.62 -19.41 -6.86
C ILE A 310 -32.20 -20.22 -8.01
N ASP A 311 -31.37 -21.09 -8.58
CA ASP A 311 -31.83 -21.99 -9.63
C ASP A 311 -31.91 -23.41 -9.09
N GLU A 312 -31.90 -24.39 -10.00
CA GLU A 312 -32.18 -25.77 -9.64
C GLU A 312 -31.06 -26.42 -8.82
N ARG A 313 -29.83 -26.01 -9.05
CA ARG A 313 -28.71 -26.55 -8.28
C ARG A 313 -27.76 -25.44 -7.86
N PRO A 314 -28.14 -24.69 -6.81
CA PRO A 314 -27.32 -23.55 -6.35
C PRO A 314 -25.96 -24.03 -5.82
N ALA A 315 -24.92 -23.26 -6.08
CA ALA A 315 -23.61 -23.56 -5.52
C ALA A 315 -23.64 -23.34 -4.01
N ALA A 316 -22.81 -24.09 -3.29
CA ALA A 316 -22.69 -23.92 -1.84
C ALA A 316 -22.49 -22.46 -1.46
N SER A 317 -21.62 -21.75 -2.19
CA SER A 317 -21.32 -20.36 -1.88
C SER A 317 -22.57 -19.48 -1.92
N THR A 318 -23.44 -19.77 -2.88
CA THR A 318 -24.68 -19.02 -3.05
C THR A 318 -25.57 -19.24 -1.84
N LEU A 319 -25.60 -20.47 -1.36
CA LEU A 319 -26.38 -20.81 -0.19
C LEU A 319 -25.77 -20.29 1.11
N PHE A 320 -24.45 -20.21 1.19
CA PHE A 320 -23.81 -19.60 2.36
C PHE A 320 -24.21 -18.12 2.47
N VAL A 321 -24.20 -17.41 1.34
CA VAL A 321 -24.60 -16.01 1.37
C VAL A 321 -26.07 -15.87 1.77
N ASP A 322 -26.90 -16.81 1.31
CA ASP A 322 -28.31 -16.85 1.71
C ASP A 322 -28.44 -16.93 3.24
N LEU A 323 -27.62 -17.78 3.85
CA LEU A 323 -27.64 -17.94 5.31
C LEU A 323 -27.13 -16.68 6.03
N LEU A 324 -26.12 -16.02 5.47
CA LEU A 324 -25.66 -14.74 6.00
C LEU A 324 -26.79 -13.68 5.98
N LEU A 325 -27.56 -13.64 4.90
CA LEU A 325 -28.68 -12.70 4.83
C LEU A 325 -29.66 -12.96 5.96
N LEU A 326 -29.92 -14.23 6.22
CA LEU A 326 -30.84 -14.62 7.28
C LEU A 326 -30.36 -14.06 8.61
N VAL A 327 -29.10 -14.33 8.92
CA VAL A 327 -28.52 -13.93 10.19
C VAL A 327 -28.47 -12.41 10.38
N LEU A 328 -28.04 -11.67 9.36
CA LEU A 328 -27.82 -10.24 9.53
C LEU A 328 -29.12 -9.42 9.50
N VAL A 329 -29.97 -9.68 8.51
CA VAL A 329 -31.14 -8.84 8.28
C VAL A 329 -32.42 -9.63 8.06
N GLY A 330 -32.38 -10.94 8.29
CA GLY A 330 -33.54 -11.78 8.05
C GLY A 330 -33.94 -11.86 6.60
N GLY A 331 -32.99 -11.64 5.70
CA GLY A 331 -33.23 -11.76 4.28
C GLY A 331 -33.14 -13.18 3.76
N ALA A 332 -33.17 -13.31 2.43
CA ALA A 332 -33.15 -14.60 1.77
C ALA A 332 -33.01 -14.38 0.27
N GLU A 333 -32.29 -15.28 -0.39
CA GLU A 333 -32.22 -15.27 -1.84
C GLU A 333 -33.49 -15.90 -2.37
N ARG A 334 -33.88 -15.51 -3.58
CA ARG A 334 -35.11 -16.00 -4.19
C ARG A 334 -34.84 -16.53 -5.60
N SER A 335 -35.72 -17.41 -6.07
CA SER A 335 -35.72 -17.85 -7.46
C SER A 335 -36.44 -16.81 -8.30
N GLU A 336 -36.30 -16.89 -9.62
CA GLU A 336 -37.02 -15.95 -10.49
C GLU A 336 -38.53 -16.05 -10.30
N SER A 337 -39.05 -17.27 -10.12
CA SER A 337 -40.49 -17.46 -9.96
C SER A 337 -40.99 -16.86 -8.65
N GLU A 338 -40.16 -16.95 -7.62
CA GLU A 338 -40.49 -16.28 -6.36
C GLU A 338 -40.55 -14.76 -6.54
N PHE A 339 -39.58 -14.19 -7.24
CA PHE A 339 -39.63 -12.76 -7.52
C PHE A 339 -40.87 -12.43 -8.34
N ALA A 340 -41.15 -13.24 -9.36
CA ALA A 340 -42.26 -12.99 -10.28
C ALA A 340 -43.59 -12.92 -9.53
N ALA A 341 -43.77 -13.79 -8.54
CA ALA A 341 -44.96 -13.78 -7.71
C ALA A 341 -45.12 -12.46 -6.96
N LEU A 342 -44.02 -11.96 -6.39
CA LEU A 342 -44.05 -10.69 -5.67
C LEU A 342 -44.24 -9.53 -6.65
N LEU A 343 -43.62 -9.63 -7.82
CA LEU A 343 -43.80 -8.61 -8.84
C LEU A 343 -45.28 -8.52 -9.23
N GLU A 344 -45.93 -9.68 -9.37
CA GLU A 344 -47.35 -9.69 -9.72
C GLU A 344 -48.18 -8.95 -8.68
N LYS A 345 -47.93 -9.20 -7.39
CA LYS A 345 -48.67 -8.51 -6.34
C LYS A 345 -48.37 -7.02 -6.32
N SER A 346 -47.41 -6.60 -7.13
CA SER A 346 -46.97 -5.21 -7.13
C SER A 346 -47.32 -4.48 -8.41
N GLY A 347 -48.03 -5.17 -9.31
CA GLY A 347 -48.42 -4.57 -10.59
C GLY A 347 -47.30 -4.55 -11.62
N LEU A 348 -46.34 -5.47 -11.48
CA LEU A 348 -45.20 -5.52 -12.38
C LEU A 348 -45.08 -6.90 -12.99
N ARG A 349 -44.32 -7.01 -14.08
CA ARG A 349 -44.10 -8.32 -14.67
C ARG A 349 -42.74 -8.43 -15.33
N VAL A 350 -42.21 -9.65 -15.36
CA VAL A 350 -40.89 -9.89 -15.89
C VAL A 350 -40.91 -9.87 -17.41
N GLU A 351 -40.03 -9.07 -18.01
CA GLU A 351 -39.88 -9.03 -19.45
C GLU A 351 -38.86 -10.08 -19.86
N ARG A 352 -37.71 -10.08 -19.20
CA ARG A 352 -36.70 -11.09 -19.45
C ARG A 352 -35.65 -11.06 -18.35
N SER A 353 -34.82 -12.09 -18.30
CA SER A 353 -33.73 -12.11 -17.34
C SER A 353 -32.43 -12.39 -18.08
N LEU A 354 -31.39 -11.64 -17.74
CA LEU A 354 -30.12 -11.68 -18.45
C LEU A 354 -28.99 -12.11 -17.52
N PRO A 355 -27.99 -12.80 -18.07
CA PRO A 355 -26.84 -13.21 -17.28
C PRO A 355 -25.98 -12.00 -16.96
N CYS A 356 -25.27 -12.07 -15.84
CA CYS A 356 -24.43 -10.96 -15.42
C CYS A 356 -23.19 -11.53 -14.76
N GLY A 357 -22.12 -11.67 -15.54
CA GLY A 357 -20.87 -12.20 -15.03
C GLY A 357 -21.03 -13.55 -14.36
N ALA A 358 -19.98 -14.01 -13.70
CA ALA A 358 -20.02 -15.31 -13.02
C ALA A 358 -20.84 -15.23 -11.74
N GLY A 359 -21.21 -16.40 -11.22
CA GLY A 359 -22.01 -16.47 -10.00
C GLY A 359 -23.49 -16.62 -10.29
N PRO A 360 -24.31 -16.32 -9.29
CA PRO A 360 -25.76 -16.41 -9.43
C PRO A 360 -26.41 -15.08 -9.81
N VAL A 361 -25.63 -14.02 -9.95
CA VAL A 361 -26.25 -12.72 -10.22
C VAL A 361 -26.92 -12.70 -11.59
N ARG A 362 -28.15 -12.22 -11.63
CA ARG A 362 -28.83 -12.02 -12.91
C ARG A 362 -29.48 -10.66 -12.94
N ILE A 363 -29.74 -10.17 -14.15
CA ILE A 363 -30.48 -8.93 -14.33
C ILE A 363 -31.89 -9.29 -14.74
N VAL A 364 -32.88 -8.97 -13.92
CA VAL A 364 -34.26 -9.22 -14.28
C VAL A 364 -34.91 -7.93 -14.75
N GLU A 365 -35.18 -7.85 -16.04
CA GLU A 365 -35.80 -6.66 -16.62
C GLU A 365 -37.31 -6.73 -16.50
N ILE A 366 -37.90 -5.67 -15.95
CA ILE A 366 -39.28 -5.68 -15.51
C ILE A 366 -40.03 -4.43 -16.03
N ARG A 367 -41.31 -4.61 -16.38
CA ARG A 367 -42.13 -3.49 -16.82
C ARG A 367 -43.45 -3.50 -16.08
N ARG A 368 -44.21 -2.41 -16.19
CA ARG A 368 -45.53 -2.37 -15.57
C ARG A 368 -46.48 -3.31 -16.29
N ALA A 369 -47.36 -3.95 -15.53
CA ALA A 369 -48.31 -4.91 -16.07
C ALA A 369 -49.40 -4.17 -16.85
N GLY B 31 17.49 31.89 -41.33
CA GLY B 31 18.36 32.47 -40.32
C GLY B 31 17.57 32.96 -39.11
N THR B 32 16.60 33.82 -39.37
CA THR B 32 15.75 34.34 -38.31
C THR B 32 14.91 33.20 -37.71
N ALA B 33 14.34 32.37 -38.58
CA ALA B 33 13.53 31.24 -38.13
C ALA B 33 14.40 30.18 -37.48
N ALA B 34 15.56 29.90 -38.05
CA ALA B 34 16.45 28.87 -37.52
C ALA B 34 16.95 29.27 -36.12
N ARG B 35 17.20 30.56 -35.94
CA ARG B 35 17.63 31.07 -34.64
C ARG B 35 16.50 30.92 -33.62
N ALA B 36 15.29 31.27 -34.02
CA ALA B 36 14.14 31.10 -33.15
C ALA B 36 13.97 29.63 -32.73
N ALA B 37 14.26 28.71 -33.64
CA ALA B 37 14.11 27.29 -33.35
C ALA B 37 15.16 26.84 -32.35
N ALA B 38 16.40 27.30 -32.55
CA ALA B 38 17.49 27.00 -31.63
C ALA B 38 17.17 27.55 -30.23
N GLU B 39 16.66 28.78 -30.17
CA GLU B 39 16.27 29.37 -28.89
C GLU B 39 15.18 28.58 -28.17
N GLU B 40 14.23 28.05 -28.94
CA GLU B 40 13.14 27.27 -28.36
C GLU B 40 13.67 25.94 -27.83
N THR B 41 14.54 25.30 -28.59
CA THR B 41 15.16 24.06 -28.16
C THR B 41 15.88 24.26 -26.82
N VAL B 42 16.67 25.32 -26.71
CA VAL B 42 17.41 25.59 -25.47
C VAL B 42 16.48 25.97 -24.33
N ASN B 43 15.48 26.80 -24.60
CA ASN B 43 14.47 27.09 -23.59
C ASN B 43 13.75 25.83 -23.11
N ASP B 44 13.48 24.88 -24.01
CA ASP B 44 12.88 23.61 -23.60
C ASP B 44 13.82 22.85 -22.65
N ILE B 45 15.11 22.92 -22.94
CA ILE B 45 16.07 22.29 -22.04
C ILE B 45 16.01 22.89 -20.63
N LEU B 46 16.05 24.21 -20.55
CA LEU B 46 15.94 24.90 -19.28
C LEU B 46 14.64 24.52 -18.53
N GLN B 47 13.51 24.54 -19.23
CA GLN B 47 12.25 24.21 -18.55
C GLN B 47 12.18 22.75 -18.14
N GLY B 48 13.02 21.92 -18.77
CA GLY B 48 13.12 20.51 -18.44
C GLY B 48 13.48 20.25 -16.98
N ALA B 49 14.22 21.16 -16.36
CA ALA B 49 14.51 21.05 -14.94
C ALA B 49 13.22 21.07 -14.12
N TRP B 50 12.30 21.94 -14.52
CA TRP B 50 11.05 22.12 -13.77
C TRP B 50 10.11 20.96 -14.03
N LYS B 51 10.17 20.43 -15.25
CA LYS B 51 9.42 19.21 -15.59
C LYS B 51 9.85 18.06 -14.67
N ALA B 52 11.17 17.89 -14.52
CA ALA B 52 11.70 16.89 -13.60
C ALA B 52 11.19 17.08 -12.18
N ARG B 53 11.31 18.29 -11.65
CA ARG B 53 10.90 18.54 -10.27
C ARG B 53 9.39 18.28 -10.10
N ALA B 54 8.61 18.63 -11.11
CA ALA B 54 7.17 18.38 -11.03
C ALA B 54 6.91 16.90 -10.87
N ILE B 55 7.66 16.06 -11.58
CA ILE B 55 7.53 14.63 -11.42
C ILE B 55 7.93 14.20 -10.01
N HIS B 56 9.06 14.73 -9.53
CA HIS B 56 9.50 14.46 -8.16
C HIS B 56 8.37 14.70 -7.16
N VAL B 57 7.66 15.81 -7.31
CA VAL B 57 6.62 16.15 -6.35
C VAL B 57 5.43 15.22 -6.50
N ALA B 58 5.04 14.94 -7.74
CA ALA B 58 3.94 14.00 -8.00
C ALA B 58 4.23 12.64 -7.37
N VAL B 59 5.48 12.19 -7.48
CA VAL B 59 5.86 10.91 -6.92
C VAL B 59 5.94 10.97 -5.40
N GLU B 60 6.51 12.05 -4.88
CA GLU B 60 6.61 12.23 -3.42
C GLU B 60 5.22 12.24 -2.79
N LEU B 61 4.26 12.88 -3.45
CA LEU B 61 2.89 12.97 -2.92
C LEU B 61 2.09 11.69 -3.08
N GLY B 62 2.48 10.86 -4.04
CA GLY B 62 1.80 9.60 -4.27
C GLY B 62 0.61 9.70 -5.22
N VAL B 63 0.70 10.58 -6.20
CA VAL B 63 -0.41 10.74 -7.15
C VAL B 63 -0.65 9.52 -8.06
N PRO B 64 0.40 8.98 -8.70
CA PRO B 64 0.16 7.85 -9.60
C PRO B 64 -0.57 6.66 -8.96
N GLU B 65 -0.27 6.35 -7.69
CA GLU B 65 -0.95 5.26 -6.99
C GLU B 65 -2.46 5.48 -6.95
N LEU B 66 -2.85 6.75 -6.81
CA LEU B 66 -4.26 7.10 -6.66
C LEU B 66 -5.06 7.01 -7.96
N LEU B 67 -4.36 6.76 -9.07
CA LEU B 67 -5.01 6.77 -10.38
C LEU B 67 -5.10 5.38 -11.02
N GLN B 68 -4.80 4.34 -10.24
CA GLN B 68 -4.82 2.97 -10.74
C GLN B 68 -6.24 2.41 -10.93
N GLU B 69 -7.23 3.06 -10.34
CA GLU B 69 -8.60 2.60 -10.45
C GLU B 69 -9.41 3.49 -11.37
N GLY B 70 -8.74 4.22 -12.26
CA GLY B 70 -9.43 5.10 -13.19
C GLY B 70 -9.28 6.58 -12.86
N PRO B 71 -9.83 7.44 -13.72
CA PRO B 71 -9.61 8.90 -13.59
C PRO B 71 -10.21 9.47 -12.30
N ARG B 72 -9.54 10.45 -11.71
CA ARG B 72 -10.02 11.12 -10.50
C ARG B 72 -9.80 12.62 -10.65
N THR B 73 -10.57 13.40 -9.89
CA THR B 73 -10.45 14.86 -9.97
C THR B 73 -9.23 15.36 -9.21
N ALA B 74 -8.71 16.52 -9.64
CA ALA B 74 -7.62 17.18 -8.93
C ALA B 74 -8.04 17.44 -7.49
N THR B 75 -9.29 17.86 -7.31
CA THR B 75 -9.84 18.06 -5.97
C THR B 75 -9.67 16.82 -5.11
N ALA B 76 -10.15 15.68 -5.60
CA ALA B 76 -10.06 14.45 -4.83
C ALA B 76 -8.61 14.00 -4.63
N LEU B 77 -7.78 14.13 -5.67
CA LEU B 77 -6.36 13.81 -5.53
C LEU B 77 -5.66 14.70 -4.50
N ALA B 78 -6.05 15.97 -4.45
CA ALA B 78 -5.48 16.92 -3.49
C ALA B 78 -5.87 16.55 -2.05
N GLU B 79 -7.13 16.20 -1.86
CA GLU B 79 -7.60 15.81 -0.54
C GLU B 79 -6.86 14.56 -0.05
N ALA B 80 -6.67 13.60 -0.96
CA ALA B 80 -6.05 12.33 -0.59
C ALA B 80 -4.55 12.45 -0.34
N THR B 81 -3.90 13.44 -0.93
CA THR B 81 -2.45 13.59 -0.82
C THR B 81 -2.01 14.66 0.19
N GLY B 82 -2.96 15.43 0.69
CA GLY B 82 -2.65 16.55 1.56
C GLY B 82 -2.11 17.75 0.79
N ALA B 83 -2.45 17.86 -0.49
CA ALA B 83 -1.98 18.98 -1.30
C ALA B 83 -2.97 20.15 -1.31
N HIS B 84 -2.46 21.34 -1.59
CA HIS B 84 -3.29 22.53 -1.82
C HIS B 84 -3.98 22.36 -3.16
N GLU B 85 -5.30 22.37 -3.15
CA GLU B 85 -6.08 21.96 -4.31
C GLU B 85 -5.73 22.70 -5.60
N GLN B 86 -5.74 24.03 -5.55
CA GLN B 86 -5.48 24.83 -6.75
C GLN B 86 -4.08 24.52 -7.29
N THR B 87 -3.14 24.31 -6.39
CA THR B 87 -1.74 24.12 -6.79
C THR B 87 -1.49 22.74 -7.37
N LEU B 88 -2.12 21.71 -6.81
CA LEU B 88 -1.98 20.38 -7.39
C LEU B 88 -2.60 20.38 -8.79
N ARG B 89 -3.72 21.09 -8.96
CA ARG B 89 -4.34 21.20 -10.27
C ARG B 89 -3.39 21.83 -11.29
N ARG B 90 -2.73 22.92 -10.90
CA ARG B 90 -1.74 23.53 -11.77
C ARG B 90 -0.65 22.52 -12.14
N LEU B 91 -0.16 21.80 -11.13
CA LEU B 91 0.93 20.85 -11.37
C LEU B 91 0.53 19.76 -12.35
N LEU B 92 -0.65 19.18 -12.14
CA LEU B 92 -1.12 18.09 -12.98
C LEU B 92 -1.43 18.57 -14.39
N ARG B 93 -2.02 19.75 -14.49
CA ARG B 93 -2.32 20.33 -15.79
C ARG B 93 -1.04 20.52 -16.60
N LEU B 94 0.00 21.02 -15.94
CA LEU B 94 1.28 21.22 -16.59
C LEU B 94 1.90 19.89 -17.00
N LEU B 95 1.90 18.90 -16.11
CA LEU B 95 2.49 17.60 -16.43
C LEU B 95 1.78 16.96 -17.62
N ALA B 96 0.46 17.05 -17.64
CA ALA B 96 -0.35 16.55 -18.75
C ALA B 96 0.02 17.21 -20.09
N THR B 97 0.31 18.50 -20.10
CA THR B 97 0.67 19.15 -21.37
C THR B 97 1.99 18.64 -21.93
N VAL B 98 2.82 18.03 -21.10
CA VAL B 98 4.07 17.42 -21.57
C VAL B 98 4.02 15.88 -21.53
N GLY B 99 2.81 15.32 -21.51
CA GLY B 99 2.63 13.89 -21.72
C GLY B 99 2.65 13.00 -20.50
N VAL B 100 2.75 13.61 -19.32
CA VAL B 100 2.79 12.84 -18.07
C VAL B 100 1.45 12.99 -17.35
N PHE B 101 0.74 11.88 -17.21
CA PHE B 101 -0.69 11.88 -16.89
C PHE B 101 -1.47 12.40 -18.09
N ASP B 102 -2.75 12.05 -18.12
CA ASP B 102 -3.66 12.59 -19.13
C ASP B 102 -4.67 13.54 -18.47
N ASP B 103 -4.80 14.74 -19.04
CA ASP B 103 -5.81 15.71 -18.62
C ASP B 103 -7.04 15.46 -19.48
N LEU B 104 -8.14 15.00 -18.89
CA LEU B 104 -9.30 14.59 -19.70
C LEU B 104 -10.05 15.78 -20.28
N GLY B 105 -9.81 16.96 -19.73
CA GLY B 105 -10.34 18.19 -20.29
C GLY B 105 -11.79 18.40 -19.91
N HIS B 106 -12.29 17.59 -18.98
CA HIS B 106 -13.65 17.78 -18.46
C HIS B 106 -13.75 17.30 -17.02
N ASP B 107 -14.59 17.98 -16.24
CA ASP B 107 -14.93 17.55 -14.88
C ASP B 107 -13.74 17.44 -13.95
N ASP B 108 -12.70 18.24 -14.23
CA ASP B 108 -11.50 18.29 -13.39
C ASP B 108 -10.76 16.95 -13.36
N LEU B 109 -11.03 16.07 -14.31
CA LEU B 109 -10.46 14.71 -14.26
C LEU B 109 -9.06 14.59 -14.84
N PHE B 110 -8.26 13.77 -14.16
CA PHE B 110 -6.95 13.38 -14.64
C PHE B 110 -6.88 11.87 -14.62
N ALA B 111 -6.14 11.30 -15.56
CA ALA B 111 -6.01 9.85 -15.65
C ALA B 111 -4.57 9.41 -15.74
N GLN B 112 -4.32 8.16 -15.39
CA GLN B 112 -3.03 7.53 -15.64
C GLN B 112 -2.77 7.41 -17.13
N ASN B 113 -1.52 7.58 -17.54
CA ASN B 113 -1.14 7.23 -18.90
C ASN B 113 0.15 6.44 -18.91
N ALA B 114 0.71 6.19 -20.08
CA ALA B 114 1.88 5.31 -20.16
C ALA B 114 3.05 5.84 -19.34
N LEU B 115 3.31 7.14 -19.44
CA LEU B 115 4.46 7.69 -18.72
C LEU B 115 4.22 7.76 -17.21
N SER B 116 3.01 8.17 -16.80
CA SER B 116 2.76 8.25 -15.36
C SER B 116 2.75 6.87 -14.69
N ALA B 117 2.31 5.86 -15.41
CA ALA B 117 2.32 4.48 -14.88
C ALA B 117 3.72 4.01 -14.49
N VAL B 118 4.73 4.47 -15.23
CA VAL B 118 6.14 4.16 -14.95
C VAL B 118 6.52 4.60 -13.54
N LEU B 119 5.80 5.59 -13.01
CA LEU B 119 6.13 6.15 -11.70
C LEU B 119 5.48 5.44 -10.53
N LEU B 120 4.72 4.38 -10.80
CA LEU B 120 4.07 3.66 -9.70
C LEU B 120 5.16 3.10 -8.75
N PRO B 121 4.86 3.09 -7.45
CA PRO B 121 5.89 2.66 -6.49
C PRO B 121 6.13 1.17 -6.63
N ASP B 122 7.27 0.80 -7.20
CA ASP B 122 7.61 -0.60 -7.37
C ASP B 122 9.09 -0.80 -7.08
N PRO B 123 9.40 -1.51 -6.00
CA PRO B 123 10.77 -1.78 -5.56
C PRO B 123 11.61 -2.38 -6.68
N ALA B 124 10.95 -2.92 -7.69
CA ALA B 124 11.64 -3.56 -8.82
C ALA B 124 11.91 -2.57 -9.94
N SER B 125 11.33 -1.38 -9.83
CA SER B 125 11.48 -0.38 -10.87
C SER B 125 12.61 0.60 -10.61
N PRO B 126 13.65 0.55 -11.45
CA PRO B 126 14.75 1.52 -11.37
C PRO B 126 14.23 2.94 -11.50
N VAL B 127 13.44 3.23 -12.54
CA VAL B 127 12.99 4.59 -12.78
C VAL B 127 12.10 5.12 -11.66
N ALA B 128 11.18 4.29 -11.17
CA ALA B 128 10.27 4.73 -10.11
C ALA B 128 11.02 4.97 -8.80
N THR B 129 11.96 4.11 -8.47
CA THR B 129 12.70 4.30 -7.22
C THR B 129 13.68 5.46 -7.33
N ASP B 130 14.24 5.66 -8.51
CA ASP B 130 15.17 6.75 -8.72
C ASP B 130 14.43 8.08 -8.62
N ALA B 131 13.23 8.16 -9.18
CA ALA B 131 12.45 9.40 -9.10
C ALA B 131 12.21 9.79 -7.65
N ARG B 132 11.90 8.80 -6.80
N ARG B 132 11.93 8.80 -6.80
N ARG B 132 11.91 8.81 -6.80
CA ARG B 132 11.68 9.08 -5.38
CA ARG B 132 11.69 9.05 -5.38
CA ARG B 132 11.69 9.06 -5.39
C ARG B 132 12.98 9.49 -4.68
C ARG B 132 12.97 9.43 -4.65
C ARG B 132 12.97 9.47 -4.68
N PHE B 133 14.09 8.93 -5.15
CA PHE B 133 15.40 9.24 -4.59
C PHE B 133 15.73 10.71 -4.95
N GLN B 134 15.50 11.08 -6.20
CA GLN B 134 15.78 12.43 -6.67
C GLN B 134 14.85 13.49 -6.07
N ALA B 135 13.67 13.06 -5.62
CA ALA B 135 12.72 13.96 -4.98
C ALA B 135 13.30 14.58 -3.70
N ALA B 136 14.16 13.83 -3.00
CA ALA B 136 14.79 14.33 -1.78
C ALA B 136 15.43 15.72 -1.98
N PRO B 137 15.20 16.64 -1.04
CA PRO B 137 15.76 17.98 -1.19
C PRO B 137 17.29 17.98 -1.20
N TRP B 138 17.92 17.05 -0.48
CA TRP B 138 19.38 17.00 -0.42
C TRP B 138 19.98 16.46 -1.72
N HIS B 139 19.19 15.73 -2.49
CA HIS B 139 19.64 15.24 -3.79
C HIS B 139 19.66 16.42 -4.76
N TRP B 140 18.53 17.10 -4.87
CA TRP B 140 18.44 18.30 -5.72
C TRP B 140 19.49 19.36 -5.31
N ARG B 141 19.69 19.51 -4.02
CA ARG B 141 20.63 20.55 -3.54
C ARG B 141 22.07 20.28 -3.96
N ALA B 142 22.43 19.01 -4.08
CA ALA B 142 23.77 18.68 -4.57
C ALA B 142 23.98 19.28 -5.96
N TRP B 143 22.94 19.23 -6.79
CA TRP B 143 23.03 19.77 -8.15
C TRP B 143 23.10 21.30 -8.17
N GLU B 144 22.63 21.92 -7.11
CA GLU B 144 22.73 23.37 -6.95
C GLU B 144 24.16 23.85 -7.14
N GLN B 145 25.12 23.05 -6.66
CA GLN B 145 26.51 23.46 -6.65
C GLN B 145 27.35 22.78 -7.71
N LEU B 146 26.73 22.37 -8.81
CA LEU B 146 27.44 21.73 -9.90
C LEU B 146 28.66 22.57 -10.33
N THR B 147 28.52 23.88 -10.27
CA THR B 147 29.61 24.75 -10.70
C THR B 147 30.86 24.49 -9.88
N HIS B 148 30.69 24.25 -8.58
CA HIS B 148 31.83 23.90 -7.74
C HIS B 148 32.55 22.65 -8.25
N SER B 149 31.78 21.64 -8.64
CA SER B 149 32.38 20.40 -9.12
C SER B 149 33.16 20.64 -10.40
N VAL B 150 32.60 21.45 -11.29
CA VAL B 150 33.27 21.73 -12.55
C VAL B 150 34.54 22.57 -12.36
N ARG B 151 34.54 23.40 -11.32
CA ARG B 151 35.70 24.22 -11.00
C ARG B 151 36.80 23.45 -10.27
N THR B 152 36.44 22.37 -9.58
CA THR B 152 37.41 21.71 -8.70
C THR B 152 37.63 20.20 -8.89
N GLY B 153 36.70 19.52 -9.55
CA GLY B 153 36.76 18.07 -9.62
C GLY B 153 36.24 17.35 -8.37
N GLU B 154 35.74 18.12 -7.40
CA GLU B 154 35.25 17.54 -6.14
C GLU B 154 33.74 17.43 -6.13
N ALA B 155 33.20 16.61 -5.23
CA ALA B 155 31.76 16.47 -5.10
C ALA B 155 31.09 17.78 -4.75
N SER B 156 29.93 18.05 -5.32
CA SER B 156 29.18 19.25 -4.94
C SER B 156 28.25 18.99 -3.76
N PHE B 157 27.95 17.72 -3.50
CA PHE B 157 27.03 17.34 -2.42
C PHE B 157 27.41 17.98 -1.09
N ASP B 158 28.71 17.88 -0.74
CA ASP B 158 29.21 18.31 0.56
C ASP B 158 29.08 19.81 0.77
N VAL B 159 29.38 20.57 -0.26
CA VAL B 159 29.33 22.02 -0.20
C VAL B 159 27.91 22.48 0.02
N ALA B 160 26.99 21.83 -0.66
CA ALA B 160 25.60 22.24 -0.66
C ALA B 160 24.88 21.81 0.61
N ASN B 161 25.16 20.59 1.05
CA ASN B 161 24.41 19.98 2.13
C ASN B 161 25.09 20.08 3.49
N GLY B 162 26.37 20.45 3.49
CA GLY B 162 27.11 20.64 4.73
C GLY B 162 27.60 19.34 5.33
N THR B 163 27.43 18.25 4.58
CA THR B 163 27.84 16.92 5.00
C THR B 163 28.05 16.04 3.76
N SER B 164 28.75 14.94 3.90
CA SER B 164 28.96 14.08 2.74
C SER B 164 27.75 13.17 2.54
N PHE B 165 27.66 12.58 1.34
CA PHE B 165 26.61 11.61 1.02
C PHE B 165 26.69 10.40 1.95
N TRP B 166 27.89 9.90 2.19
CA TRP B 166 28.04 8.77 3.11
C TRP B 166 27.65 9.14 4.54
N GLN B 167 28.04 10.33 4.98
CA GLN B 167 27.71 10.73 6.33
C GLN B 167 26.21 10.88 6.49
N LEU B 168 25.57 11.51 5.51
CA LEU B 168 24.12 11.68 5.57
C LEU B 168 23.40 10.34 5.64
N THR B 169 23.81 9.40 4.79
CA THR B 169 23.12 8.11 4.74
C THR B 169 23.46 7.25 5.95
N HIS B 170 24.57 7.57 6.63
CA HIS B 170 24.88 6.88 7.88
C HIS B 170 23.99 7.35 9.02
N GLU B 171 23.71 8.65 9.07
CA GLU B 171 22.99 9.24 10.19
C GLU B 171 21.48 9.24 10.00
N ASP B 172 21.05 9.39 8.75
CA ASP B 172 19.65 9.55 8.42
C ASP B 172 19.10 8.28 7.77
N PRO B 173 18.34 7.49 8.54
CA PRO B 173 17.86 6.21 8.02
C PRO B 173 16.77 6.41 6.95
N LYS B 174 16.13 7.57 6.98
CA LYS B 174 15.15 7.87 5.94
C LYS B 174 15.89 8.12 4.62
N ALA B 175 16.98 8.88 4.68
CA ALA B 175 17.79 9.13 3.48
C ALA B 175 18.40 7.82 2.98
N ARG B 176 18.93 7.02 3.90
CA ARG B 176 19.55 5.76 3.50
C ARG B 176 18.54 4.86 2.80
N GLU B 177 17.31 4.85 3.32
CA GLU B 177 16.28 4.02 2.73
C GLU B 177 15.96 4.43 1.29
N LEU B 178 15.95 5.73 1.01
CA LEU B 178 15.70 6.17 -0.36
C LEU B 178 16.82 5.69 -1.29
N PHE B 179 18.05 5.81 -0.82
CA PHE B 179 19.20 5.31 -1.58
C PHE B 179 19.08 3.80 -1.78
N ASN B 180 18.82 3.08 -0.69
CA ASN B 180 18.60 1.63 -0.74
C ASN B 180 17.61 1.16 -1.79
N ARG B 181 16.42 1.75 -1.80
CA ARG B 181 15.41 1.35 -2.78
C ARG B 181 15.87 1.64 -4.20
N ALA B 182 16.53 2.77 -4.42
CA ALA B 182 16.98 3.09 -5.76
C ALA B 182 18.06 2.10 -6.24
N MSE B 183 18.98 1.74 -5.35
CA MSE B 183 20.06 0.80 -5.68
C MSE B 183 19.53 -0.62 -5.80
O MSE B 183 19.93 -1.38 -6.69
CB MSE B 183 21.13 0.80 -4.57
CG MSE B 183 22.07 1.96 -4.62
SE MSE B 183 23.12 1.97 -6.26
CE MSE B 183 24.40 0.59 -5.93
N GLY B 184 18.66 -0.99 -4.87
CA GLY B 184 18.15 -2.34 -4.79
C GLY B 184 17.42 -2.75 -6.04
N SER B 185 16.68 -1.80 -6.62
CA SER B 185 15.86 -2.12 -7.78
C SER B 185 16.69 -2.70 -8.93
N VAL B 186 17.96 -2.34 -8.97
CA VAL B 186 18.85 -2.86 -10.02
C VAL B 186 19.74 -3.98 -9.50
N SER B 187 20.39 -3.74 -8.37
N SER B 187 20.40 -3.76 -8.37
CA SER B 187 21.29 -4.71 -7.75
CA SER B 187 21.34 -4.74 -7.85
C SER B 187 20.70 -6.11 -7.84
C SER B 187 20.73 -6.14 -7.70
N LEU B 188 19.41 -6.22 -7.52
CA LEU B 188 18.76 -7.51 -7.44
C LEU B 188 18.81 -8.30 -8.76
N THR B 189 18.73 -7.59 -9.88
CA THR B 189 18.86 -8.23 -11.19
C THR B 189 20.33 -8.52 -11.52
N GLU B 190 21.19 -7.57 -11.20
CA GLU B 190 22.62 -7.71 -11.42
C GLU B 190 23.20 -8.91 -10.67
N ALA B 191 22.63 -9.17 -9.49
CA ALA B 191 23.13 -10.24 -8.63
C ALA B 191 23.06 -11.60 -9.34
N GLY B 192 21.87 -11.93 -9.84
CA GLY B 192 21.69 -13.17 -10.58
C GLY B 192 22.55 -13.22 -11.83
N GLN B 193 22.81 -12.07 -12.44
CA GLN B 193 23.61 -12.01 -13.65
C GLN B 193 25.07 -12.36 -13.38
N VAL B 194 25.61 -11.83 -12.28
CA VAL B 194 27.01 -12.11 -11.95
C VAL B 194 27.16 -13.57 -11.60
N ALA B 195 26.20 -14.11 -10.84
CA ALA B 195 26.27 -15.49 -10.40
C ALA B 195 26.20 -16.48 -11.56
N ALA B 196 25.59 -16.05 -12.67
CA ALA B 196 25.48 -16.89 -13.86
C ALA B 196 26.61 -16.65 -14.84
N ALA B 197 27.35 -15.56 -14.65
CA ALA B 197 28.38 -15.15 -15.61
C ALA B 197 29.80 -15.55 -15.25
N TYR B 198 30.03 -15.86 -13.98
CA TYR B 198 31.36 -16.23 -13.53
C TYR B 198 31.28 -17.55 -12.79
N ASP B 199 32.23 -18.42 -13.05
CA ASP B 199 32.19 -19.75 -12.45
C ASP B 199 32.98 -19.75 -11.16
N PHE B 200 32.23 -19.75 -10.05
CA PHE B 200 32.81 -19.76 -8.71
C PHE B 200 32.98 -21.18 -8.18
N SER B 201 32.76 -22.17 -9.04
CA SER B 201 32.81 -23.58 -8.61
C SER B 201 34.09 -24.00 -7.89
N GLY B 202 35.20 -23.33 -8.18
CA GLY B 202 36.47 -23.70 -7.59
C GLY B 202 36.84 -22.98 -6.29
N ALA B 203 36.01 -22.02 -5.87
CA ALA B 203 36.34 -21.20 -4.71
C ALA B 203 35.75 -21.73 -3.41
N ALA B 204 36.54 -21.70 -2.35
CA ALA B 204 36.04 -22.04 -1.02
C ALA B 204 35.45 -20.83 -0.28
N THR B 205 36.09 -19.66 -0.45
CA THR B 205 35.67 -18.46 0.29
C THR B 205 35.58 -17.25 -0.62
N ALA B 206 34.59 -16.40 -0.38
CA ALA B 206 34.41 -15.18 -1.13
C ALA B 206 34.17 -14.01 -0.16
N VAL B 207 34.59 -12.82 -0.56
CA VAL B 207 34.39 -11.61 0.23
C VAL B 207 33.79 -10.51 -0.66
N ASP B 208 32.65 -9.97 -0.27
CA ASP B 208 32.07 -8.86 -1.02
C ASP B 208 32.35 -7.55 -0.31
N ILE B 209 33.20 -6.73 -0.94
CA ILE B 209 33.67 -5.49 -0.36
C ILE B 209 32.68 -4.39 -0.70
N GLY B 210 32.06 -3.82 0.33
CA GLY B 210 31.00 -2.85 0.12
C GLY B 210 29.79 -3.46 -0.57
N GLY B 211 29.41 -4.66 -0.13
CA GLY B 211 28.38 -5.44 -0.81
C GLY B 211 26.93 -5.03 -0.60
N GLY B 212 26.69 -3.82 -0.09
CA GLY B 212 25.34 -3.33 0.07
C GLY B 212 24.53 -4.19 1.04
N ARG B 213 23.26 -4.41 0.75
CA ARG B 213 22.42 -5.26 1.59
C ARG B 213 22.64 -6.76 1.34
N GLY B 214 23.64 -7.08 0.51
CA GLY B 214 24.07 -8.46 0.34
C GLY B 214 23.39 -9.26 -0.78
N SER B 215 22.69 -8.58 -1.67
CA SER B 215 22.03 -9.23 -2.80
C SER B 215 22.99 -10.06 -3.65
N LEU B 216 24.14 -9.48 -3.96
CA LEU B 216 25.15 -10.20 -4.74
C LEU B 216 25.66 -11.43 -3.99
N MSE B 217 26.03 -11.27 -2.72
CA MSE B 217 26.52 -12.40 -1.95
C MSE B 217 25.47 -13.50 -1.90
O MSE B 217 25.78 -14.69 -2.01
CB MSE B 217 26.90 -11.97 -0.53
CG MSE B 217 27.57 -13.06 0.30
SE MSE B 217 29.11 -13.88 -0.57
CE MSE B 217 30.41 -12.50 -0.38
N ALA B 218 24.21 -13.11 -1.75
CA ALA B 218 23.13 -14.09 -1.64
C ALA B 218 22.99 -14.90 -2.92
N ALA B 219 22.98 -14.22 -4.07
CA ALA B 219 22.87 -14.92 -5.35
C ALA B 219 24.04 -15.88 -5.56
N VAL B 220 25.25 -15.44 -5.22
CA VAL B 220 26.43 -16.26 -5.43
C VAL B 220 26.41 -17.48 -4.50
N LEU B 221 26.06 -17.26 -3.24
CA LEU B 221 25.97 -18.39 -2.31
C LEU B 221 24.87 -19.37 -2.73
N ASP B 222 23.75 -18.87 -3.22
CA ASP B 222 22.70 -19.77 -3.71
C ASP B 222 23.22 -20.66 -4.83
N ALA B 223 23.94 -20.06 -5.77
CA ALA B 223 24.39 -20.75 -6.98
C ALA B 223 25.57 -21.69 -6.73
N PHE B 224 26.26 -21.47 -5.62
CA PHE B 224 27.50 -22.20 -5.33
C PHE B 224 27.48 -22.72 -3.88
N PRO B 225 26.79 -23.84 -3.67
CA PRO B 225 26.52 -24.37 -2.31
C PRO B 225 27.75 -24.64 -1.47
N GLY B 226 28.90 -24.86 -2.10
CA GLY B 226 30.11 -25.17 -1.33
C GLY B 226 30.85 -23.95 -0.83
N LEU B 227 30.38 -22.78 -1.25
CA LEU B 227 31.08 -21.53 -0.97
C LEU B 227 30.67 -20.91 0.37
N ARG B 228 31.62 -20.29 1.04
N ARG B 228 31.61 -20.26 1.04
CA ARG B 228 31.33 -19.50 2.22
CA ARG B 228 31.32 -19.51 2.25
C ARG B 228 31.63 -18.05 1.87
C ARG B 228 31.74 -18.06 2.05
N GLY B 229 30.91 -17.12 2.47
CA GLY B 229 31.17 -15.72 2.20
C GLY B 229 31.39 -14.86 3.42
N THR B 230 31.85 -13.63 3.17
CA THR B 230 31.97 -12.60 4.17
C THR B 230 31.49 -11.32 3.48
N LEU B 231 30.55 -10.64 4.11
CA LEU B 231 30.11 -9.36 3.57
C LEU B 231 30.68 -8.23 4.41
N LEU B 232 31.47 -7.37 3.78
CA LEU B 232 32.06 -6.23 4.46
C LEU B 232 31.29 -4.97 4.09
N GLU B 233 30.75 -4.28 5.09
CA GLU B 233 29.97 -3.05 4.87
C GLU B 233 30.07 -2.07 6.03
N ARG B 234 29.69 -0.83 5.78
CA ARG B 234 29.55 0.15 6.85
C ARG B 234 28.57 -0.43 7.86
N PRO B 235 28.84 -0.22 9.16
CA PRO B 235 28.05 -0.88 10.21
C PRO B 235 26.53 -0.85 10.04
N PRO B 236 25.94 0.33 9.75
CA PRO B 236 24.48 0.38 9.58
C PRO B 236 24.00 -0.51 8.43
N VAL B 237 24.77 -0.53 7.35
CA VAL B 237 24.42 -1.31 6.17
C VAL B 237 24.66 -2.80 6.45
N ALA B 238 25.73 -3.10 7.19
CA ALA B 238 26.04 -4.49 7.51
C ALA B 238 24.84 -5.13 8.21
N GLU B 239 24.15 -4.38 9.07
CA GLU B 239 22.99 -4.93 9.76
C GLU B 239 21.82 -5.15 8.81
N GLU B 240 21.73 -4.30 7.80
CA GLU B 240 20.75 -4.48 6.75
C GLU B 240 21.06 -5.76 5.96
N ALA B 241 22.33 -5.97 5.66
CA ALA B 241 22.74 -7.18 4.93
C ALA B 241 22.45 -8.42 5.78
N ARG B 242 22.67 -8.31 7.08
CA ARG B 242 22.40 -9.42 7.99
C ARG B 242 20.95 -9.85 7.87
N GLU B 243 20.04 -8.88 7.90
CA GLU B 243 18.63 -9.20 7.80
C GLU B 243 18.31 -9.87 6.46
N LEU B 244 18.90 -9.38 5.38
CA LEU B 244 18.61 -9.96 4.07
C LEU B 244 19.11 -11.40 3.94
N LEU B 245 20.36 -11.62 4.31
CA LEU B 245 20.98 -12.94 4.16
C LEU B 245 20.34 -13.96 5.10
N THR B 246 19.98 -13.51 6.29
CA THR B 246 19.27 -14.37 7.24
C THR B 246 17.93 -14.79 6.63
N GLY B 247 17.21 -13.82 6.07
CA GLY B 247 15.93 -14.11 5.45
C GLY B 247 16.04 -15.08 4.28
N ARG B 248 17.22 -15.11 3.66
CA ARG B 248 17.46 -15.98 2.52
C ARG B 248 17.99 -17.33 2.97
N GLY B 249 18.11 -17.51 4.28
CA GLY B 249 18.54 -18.76 4.86
C GLY B 249 20.04 -18.99 4.71
N LEU B 250 20.79 -17.89 4.61
CA LEU B 250 22.24 -17.96 4.37
C LEU B 250 23.09 -17.47 5.54
N ALA B 251 22.46 -17.20 6.68
CA ALA B 251 23.20 -16.68 7.83
C ALA B 251 24.34 -17.60 8.29
N ASP B 252 24.15 -18.90 8.10
CA ASP B 252 25.16 -19.87 8.50
C ASP B 252 26.35 -19.97 7.52
N ARG B 253 26.22 -19.33 6.37
CA ARG B 253 27.21 -19.47 5.30
C ARG B 253 27.89 -18.15 4.95
N CYS B 254 27.45 -17.06 5.55
CA CYS B 254 28.05 -15.75 5.29
C CYS B 254 28.30 -14.97 6.57
N GLU B 255 29.56 -14.66 6.82
CA GLU B 255 29.93 -13.80 7.94
C GLU B 255 29.60 -12.34 7.61
N ILE B 256 29.01 -11.63 8.58
CA ILE B 256 28.74 -10.20 8.42
C ILE B 256 29.85 -9.43 9.11
N LEU B 257 30.56 -8.61 8.34
CA LEU B 257 31.64 -7.83 8.92
C LEU B 257 31.40 -6.32 8.78
N PRO B 258 30.90 -5.69 9.85
CA PRO B 258 30.81 -4.23 9.91
C PRO B 258 32.22 -3.69 9.86
N GLY B 259 32.46 -2.69 9.03
CA GLY B 259 33.82 -2.17 8.92
C GLY B 259 33.98 -1.09 7.87
N ASP B 260 35.23 -0.76 7.58
CA ASP B 260 35.59 0.34 6.69
C ASP B 260 36.65 -0.17 5.73
N PHE B 261 36.35 -0.17 4.43
CA PHE B 261 37.28 -0.76 3.47
C PHE B 261 38.56 0.07 3.24
N PHE B 262 38.63 1.24 3.87
CA PHE B 262 39.87 2.02 3.87
C PHE B 262 40.80 1.55 5.01
N GLU B 263 40.28 0.72 5.90
CA GLU B 263 41.07 0.24 7.04
C GLU B 263 41.24 -1.28 7.05
N THR B 264 40.19 -1.98 6.64
CA THR B 264 40.12 -3.44 6.78
C THR B 264 39.68 -4.14 5.50
N ILE B 265 40.43 -5.16 5.10
CA ILE B 265 39.97 -6.13 4.11
C ILE B 265 40.31 -7.53 4.63
N PRO B 266 39.30 -8.40 4.80
CA PRO B 266 39.51 -9.77 5.26
C PRO B 266 40.57 -10.50 4.45
N ASP B 267 41.49 -11.15 5.17
CA ASP B 267 42.67 -11.76 4.56
C ASP B 267 42.41 -13.17 4.05
N GLY B 268 43.03 -13.51 2.92
CA GLY B 268 43.15 -14.89 2.48
C GLY B 268 41.96 -15.59 1.84
N ALA B 269 41.03 -14.83 1.30
CA ALA B 269 39.88 -15.42 0.62
C ALA B 269 40.29 -15.81 -0.80
N ASP B 270 39.55 -16.74 -1.42
CA ASP B 270 39.82 -17.16 -2.80
C ASP B 270 39.36 -16.11 -3.82
N VAL B 271 38.21 -15.50 -3.56
CA VAL B 271 37.70 -14.50 -4.49
C VAL B 271 37.19 -13.27 -3.72
N TYR B 272 37.56 -12.09 -4.21
CA TYR B 272 37.06 -10.84 -3.68
C TYR B 272 36.17 -10.20 -4.74
N LEU B 273 35.05 -9.61 -4.31
CA LEU B 273 34.14 -8.95 -5.23
C LEU B 273 34.00 -7.48 -4.83
N ILE B 274 33.92 -6.61 -5.82
CA ILE B 274 33.71 -5.19 -5.54
C ILE B 274 32.87 -4.59 -6.68
N LYS B 275 31.60 -4.37 -6.38
CA LYS B 275 30.63 -4.03 -7.42
C LYS B 275 30.03 -2.65 -7.19
N HIS B 276 30.13 -1.79 -8.20
CA HIS B 276 29.60 -0.43 -8.13
C HIS B 276 30.09 0.28 -6.87
N VAL B 277 31.35 0.03 -6.51
CA VAL B 277 31.98 0.72 -5.39
C VAL B 277 33.06 1.67 -5.91
N LEU B 278 33.96 1.16 -6.72
CA LEU B 278 35.11 1.95 -7.13
C LEU B 278 34.72 3.21 -7.91
N HIS B 279 33.59 3.17 -8.64
CA HIS B 279 33.19 4.35 -9.40
C HIS B 279 32.71 5.49 -8.48
N ASP B 280 32.58 5.19 -7.18
CA ASP B 280 32.22 6.20 -6.19
C ASP B 280 33.41 7.06 -5.76
N TRP B 281 34.62 6.62 -6.12
CA TRP B 281 35.84 7.18 -5.52
C TRP B 281 36.79 7.76 -6.55
N ASP B 282 37.54 8.80 -6.17
CA ASP B 282 38.57 9.37 -7.03
C ASP B 282 39.76 8.44 -7.16
N ASP B 283 40.68 8.77 -8.07
CA ASP B 283 41.83 7.90 -8.35
C ASP B 283 42.64 7.53 -7.12
N ASP B 284 42.92 8.49 -6.25
CA ASP B 284 43.77 8.20 -5.09
C ASP B 284 43.05 7.31 -4.06
N ASP B 285 41.75 7.50 -3.92
CA ASP B 285 40.96 6.63 -3.05
C ASP B 285 40.79 5.22 -3.62
N VAL B 286 40.64 5.13 -4.94
CA VAL B 286 40.56 3.82 -5.57
C VAL B 286 41.85 3.05 -5.29
N VAL B 287 42.98 3.72 -5.45
CA VAL B 287 44.27 3.07 -5.22
C VAL B 287 44.40 2.62 -3.76
N ARG B 288 43.94 3.45 -2.82
CA ARG B 288 43.93 3.07 -1.40
C ARG B 288 43.14 1.78 -1.17
N ILE B 289 41.97 1.70 -1.78
CA ILE B 289 41.14 0.51 -1.61
C ILE B 289 41.84 -0.68 -2.24
N LEU B 290 42.27 -0.53 -3.48
CA LEU B 290 42.90 -1.61 -4.23
C LEU B 290 44.15 -2.14 -3.54
N ARG B 291 44.89 -1.24 -2.87
CA ARG B 291 46.12 -1.64 -2.19
C ARG B 291 45.88 -2.47 -0.95
N ARG B 292 44.80 -2.18 -0.23
CA ARG B 292 44.45 -3.02 0.90
C ARG B 292 43.98 -4.39 0.41
N ILE B 293 43.28 -4.42 -0.72
CA ILE B 293 42.82 -5.69 -1.30
C ILE B 293 44.01 -6.54 -1.74
N ALA B 294 44.98 -5.91 -2.40
CA ALA B 294 46.17 -6.61 -2.85
C ALA B 294 46.87 -7.34 -1.69
N THR B 295 47.01 -6.67 -0.55
CA THR B 295 47.72 -7.25 0.57
C THR B 295 46.93 -8.34 1.28
N ALA B 296 45.62 -8.39 1.05
CA ALA B 296 44.79 -9.43 1.65
C ALA B 296 44.73 -10.69 0.77
N MSE B 297 45.20 -10.56 -0.46
CA MSE B 297 45.07 -11.61 -1.45
C MSE B 297 46.20 -12.66 -1.42
O MSE B 297 47.36 -12.30 -1.28
CB MSE B 297 45.00 -11.03 -2.86
CG MSE B 297 43.67 -10.37 -3.18
SE MSE B 297 43.70 -9.40 -4.86
CE MSE B 297 43.80 -10.92 -6.11
N LYS B 298 45.81 -13.92 -1.55
CA LYS B 298 46.79 -14.99 -1.77
C LYS B 298 47.24 -14.89 -3.22
N PRO B 299 48.41 -15.47 -3.53
CA PRO B 299 48.92 -15.47 -4.91
C PRO B 299 47.92 -16.02 -5.93
N ASP B 300 47.08 -16.96 -5.51
CA ASP B 300 46.09 -17.56 -6.39
C ASP B 300 44.70 -16.94 -6.26
N SER B 301 44.54 -16.00 -5.33
CA SER B 301 43.27 -15.30 -5.17
C SER B 301 42.94 -14.54 -6.43
N ARG B 302 41.66 -14.29 -6.65
CA ARG B 302 41.23 -13.41 -7.72
C ARG B 302 40.33 -12.30 -7.18
N LEU B 303 40.49 -11.11 -7.75
CA LEU B 303 39.59 -10.00 -7.47
C LEU B 303 38.69 -9.79 -8.68
N LEU B 304 37.40 -9.68 -8.45
CA LEU B 304 36.49 -9.28 -9.52
C LEU B 304 36.01 -7.85 -9.31
N VAL B 305 36.47 -6.93 -10.15
CA VAL B 305 35.89 -5.59 -10.19
C VAL B 305 34.69 -5.61 -11.12
N ILE B 306 33.52 -5.31 -10.57
CA ILE B 306 32.30 -5.34 -11.35
C ILE B 306 31.73 -3.92 -11.41
N ASP B 307 31.80 -3.31 -12.58
CA ASP B 307 31.39 -1.91 -12.66
C ASP B 307 31.15 -1.51 -14.12
N ASN B 308 30.62 -0.31 -14.32
CA ASN B 308 30.42 0.18 -15.67
C ASN B 308 31.78 0.48 -16.28
N LEU B 309 32.12 -0.22 -17.35
CA LEU B 309 33.38 0.06 -18.04
C LEU B 309 33.08 0.79 -19.33
N ILE B 310 33.55 2.03 -19.40
CA ILE B 310 33.23 2.93 -20.48
C ILE B 310 34.34 2.96 -21.53
N ASP B 311 34.00 3.41 -22.73
CA ASP B 311 35.02 3.73 -23.73
C ASP B 311 34.99 5.23 -23.99
N GLU B 312 35.58 5.68 -25.09
CA GLU B 312 35.68 7.11 -25.29
C GLU B 312 34.51 7.82 -26.00
N ARG B 313 33.43 7.09 -26.28
CA ARG B 313 32.18 7.69 -26.77
C ARG B 313 30.89 6.99 -26.29
N PRO B 314 30.58 7.10 -24.98
CA PRO B 314 29.46 6.42 -24.34
C PRO B 314 28.09 7.01 -24.70
N ALA B 315 27.03 6.31 -24.33
CA ALA B 315 25.68 6.84 -24.49
C ALA B 315 25.40 8.01 -23.53
N ALA B 316 24.49 8.90 -23.93
CA ALA B 316 24.16 10.05 -23.10
C ALA B 316 23.83 9.66 -21.66
N SER B 317 22.94 8.70 -21.50
N SER B 317 22.94 8.69 -21.48
CA SER B 317 22.51 8.26 -20.17
CA SER B 317 22.53 8.30 -20.14
C SER B 317 23.69 7.81 -19.31
C SER B 317 23.70 7.81 -19.29
N THR B 318 24.68 7.20 -19.95
CA THR B 318 25.88 6.74 -19.27
C THR B 318 26.73 7.92 -18.81
N LEU B 319 26.83 8.94 -19.65
CA LEU B 319 27.54 10.15 -19.26
C LEU B 319 26.75 10.93 -18.19
N PHE B 320 25.43 10.82 -18.23
CA PHE B 320 24.63 11.47 -17.20
C PHE B 320 24.91 10.85 -15.85
N VAL B 321 25.04 9.53 -15.82
CA VAL B 321 25.33 8.84 -14.57
C VAL B 321 26.73 9.18 -14.09
N ASP B 322 27.67 9.33 -15.03
CA ASP B 322 29.01 9.73 -14.66
C ASP B 322 28.98 11.10 -13.96
N LEU B 323 28.12 12.00 -14.43
CA LEU B 323 28.05 13.34 -13.85
C LEU B 323 27.39 13.27 -12.47
N LEU B 324 26.41 12.39 -12.32
CA LEU B 324 25.78 12.18 -11.01
C LEU B 324 26.81 11.67 -10.00
N LEU B 325 27.69 10.75 -10.41
CA LEU B 325 28.75 10.28 -9.54
C LEU B 325 29.60 11.44 -9.03
N LEU B 326 29.96 12.33 -9.93
CA LEU B 326 30.73 13.51 -9.54
C LEU B 326 29.97 14.31 -8.48
N VAL B 327 28.73 14.63 -8.79
CA VAL B 327 27.89 15.48 -7.93
C VAL B 327 27.68 14.88 -6.53
N LEU B 328 27.30 13.60 -6.48
CA LEU B 328 27.00 12.99 -5.20
C LEU B 328 28.23 12.64 -4.37
N VAL B 329 29.24 12.05 -5.00
CA VAL B 329 30.37 11.50 -4.23
C VAL B 329 31.76 11.82 -4.79
N GLY B 330 31.83 12.60 -5.86
CA GLY B 330 33.10 13.01 -6.42
C GLY B 330 33.75 11.92 -7.26
N GLY B 331 32.94 10.96 -7.67
CA GLY B 331 33.42 9.80 -8.40
C GLY B 331 33.29 9.98 -9.92
N ALA B 332 33.40 8.88 -10.64
CA ALA B 332 33.45 8.90 -12.10
C ALA B 332 33.41 7.48 -12.63
N GLU B 333 32.87 7.32 -13.83
CA GLU B 333 33.01 6.06 -14.54
C GLU B 333 34.36 6.01 -15.23
N ARG B 334 34.90 4.82 -15.41
CA ARG B 334 36.23 4.67 -15.97
C ARG B 334 36.24 3.63 -17.11
N SER B 335 37.31 3.66 -17.89
CA SER B 335 37.57 2.67 -18.93
C SER B 335 38.40 1.55 -18.33
N GLU B 336 38.50 0.42 -19.03
CA GLU B 336 39.32 -0.67 -18.53
C GLU B 336 40.77 -0.22 -18.36
N SER B 337 41.24 0.60 -19.29
CA SER B 337 42.62 1.08 -19.26
C SER B 337 42.87 1.93 -18.02
N GLU B 338 41.90 2.79 -17.70
CA GLU B 338 42.01 3.64 -16.53
C GLU B 338 42.06 2.79 -15.25
N PHE B 339 41.16 1.81 -15.16
CA PHE B 339 41.21 0.84 -14.06
C PHE B 339 42.55 0.12 -14.02
N ALA B 340 42.96 -0.44 -15.16
CA ALA B 340 44.25 -1.11 -15.25
C ALA B 340 45.35 -0.23 -14.70
N ALA B 341 45.35 1.02 -15.11
CA ALA B 341 46.37 1.95 -14.65
C ALA B 341 46.37 2.03 -13.13
N LEU B 342 45.18 2.12 -12.54
CA LEU B 342 45.06 2.22 -11.10
C LEU B 342 45.42 0.91 -10.41
N LEU B 343 45.04 -0.21 -11.02
CA LEU B 343 45.37 -1.52 -10.47
C LEU B 343 46.88 -1.78 -10.48
N GLU B 344 47.52 -1.48 -11.60
CA GLU B 344 48.97 -1.63 -11.71
C GLU B 344 49.66 -0.76 -10.65
N LYS B 345 49.05 0.38 -10.33
CA LYS B 345 49.59 1.25 -9.28
C LYS B 345 49.39 0.62 -7.91
N SER B 346 48.50 -0.37 -7.81
CA SER B 346 48.22 -1.00 -6.53
C SER B 346 48.85 -2.38 -6.41
N GLY B 347 49.73 -2.73 -7.35
CA GLY B 347 50.42 -4.01 -7.31
C GLY B 347 49.49 -5.13 -7.70
N LEU B 348 48.54 -4.81 -8.57
CA LEU B 348 47.53 -5.75 -9.02
C LEU B 348 47.64 -5.79 -10.52
N ARG B 349 47.13 -6.86 -11.12
CA ARG B 349 47.33 -7.11 -12.53
C ARG B 349 46.03 -7.59 -13.15
N VAL B 350 45.60 -6.94 -14.21
CA VAL B 350 44.44 -7.42 -14.94
C VAL B 350 44.84 -8.66 -15.71
N GLU B 351 44.05 -9.72 -15.56
CA GLU B 351 44.25 -10.94 -16.34
C GLU B 351 43.40 -10.84 -17.56
N ARG B 352 42.11 -10.55 -17.34
CA ARG B 352 41.15 -10.49 -18.43
C ARG B 352 39.85 -9.88 -17.94
N SER B 353 38.92 -9.62 -18.85
CA SER B 353 37.61 -9.10 -18.48
C SER B 353 36.53 -9.90 -19.17
N LEU B 354 35.33 -9.88 -18.61
CA LEU B 354 34.25 -10.76 -19.04
C LEU B 354 32.92 -10.03 -19.07
N PRO B 355 32.03 -10.45 -19.97
CA PRO B 355 30.72 -9.82 -20.10
C PRO B 355 29.72 -10.35 -19.08
N CYS B 356 28.76 -9.52 -18.75
CA CYS B 356 27.74 -9.83 -17.81
C CYS B 356 26.66 -8.78 -17.88
N GLY B 357 25.48 -9.10 -18.38
CA GLY B 357 24.34 -8.20 -18.26
C GLY B 357 23.96 -7.32 -19.45
N ALA B 358 24.61 -7.58 -20.53
CA ALA B 358 24.34 -6.78 -21.73
C ALA B 358 24.08 -5.32 -21.39
N GLY B 359 24.98 -4.73 -20.62
CA GLY B 359 24.96 -3.30 -20.34
C GLY B 359 26.40 -2.85 -20.33
N PRO B 360 26.66 -1.63 -19.85
CA PRO B 360 28.06 -1.18 -19.70
C PRO B 360 28.80 -2.02 -18.66
N VAL B 361 28.05 -2.77 -17.86
CA VAL B 361 28.61 -3.52 -16.73
C VAL B 361 29.38 -4.75 -17.18
N ARG B 362 30.65 -4.82 -16.76
CA ARG B 362 31.49 -5.96 -17.05
C ARG B 362 32.21 -6.44 -15.80
N ILE B 363 32.78 -7.64 -15.88
CA ILE B 363 33.59 -8.21 -14.82
C ILE B 363 35.05 -8.17 -15.22
N VAL B 364 35.86 -7.52 -14.39
CA VAL B 364 37.29 -7.51 -14.63
C VAL B 364 37.93 -8.44 -13.62
N GLU B 365 38.61 -9.47 -14.11
CA GLU B 365 39.24 -10.47 -13.27
C GLU B 365 40.72 -10.16 -13.05
N ILE B 366 41.11 -10.09 -11.80
CA ILE B 366 42.39 -9.52 -11.46
C ILE B 366 43.18 -10.40 -10.52
N ARG B 367 44.50 -10.41 -10.66
CA ARG B 367 45.38 -11.17 -9.79
C ARG B 367 46.47 -10.28 -9.17
N ARG B 368 47.11 -10.77 -8.11
CA ARG B 368 48.31 -10.13 -7.58
C ARG B 368 49.33 -10.08 -8.71
N ALA B 369 50.01 -8.95 -8.87
CA ALA B 369 51.01 -8.83 -9.94
C ALA B 369 52.25 -9.67 -9.65
N GLY C 31 3.59 -4.39 -25.53
CA GLY C 31 3.50 -4.32 -24.08
C GLY C 31 4.88 -4.34 -23.43
N THR C 32 5.70 -5.30 -23.85
CA THR C 32 7.06 -5.39 -23.33
C THR C 32 7.89 -4.22 -23.83
N ALA C 33 7.83 -3.99 -25.14
CA ALA C 33 8.58 -2.90 -25.76
C ALA C 33 8.03 -1.55 -25.31
N ALA C 34 6.70 -1.43 -25.27
CA ALA C 34 6.05 -0.18 -24.87
C ALA C 34 6.43 0.25 -23.46
N ARG C 35 6.50 -0.70 -22.53
CA ARG C 35 6.82 -0.38 -21.15
C ARG C 35 8.27 0.10 -21.01
N ALA C 36 9.16 -0.50 -21.79
CA ALA C 36 10.57 -0.10 -21.79
C ALA C 36 10.75 1.25 -22.46
N ALA C 37 9.97 1.48 -23.52
CA ALA C 37 9.98 2.79 -24.16
C ALA C 37 9.58 3.86 -23.16
N ALA C 38 8.50 3.61 -22.42
CA ALA C 38 8.00 4.58 -21.46
C ALA C 38 9.03 4.85 -20.38
N GLU C 39 9.63 3.78 -19.88
CA GLU C 39 10.63 3.90 -18.83
C GLU C 39 11.82 4.75 -19.28
N GLU C 40 12.26 4.56 -20.52
CA GLU C 40 13.37 5.36 -21.03
C GLU C 40 12.98 6.82 -21.18
N THR C 41 11.76 7.05 -21.67
CA THR C 41 11.26 8.40 -21.82
C THR C 41 11.21 9.13 -20.49
N VAL C 42 10.69 8.46 -19.47
CA VAL C 42 10.65 9.06 -18.15
C VAL C 42 12.04 9.28 -17.58
N ASN C 43 12.94 8.31 -17.75
CA ASN C 43 14.30 8.50 -17.28
C ASN C 43 14.97 9.72 -17.94
N ASP C 44 14.71 9.90 -19.24
CA ASP C 44 15.23 11.05 -19.98
C ASP C 44 14.72 12.37 -19.40
N ILE C 45 13.45 12.39 -19.01
CA ILE C 45 12.89 13.55 -18.34
C ILE C 45 13.64 13.84 -17.05
N LEU C 46 13.87 12.80 -16.26
CA LEU C 46 14.61 12.94 -15.00
C LEU C 46 16.00 13.51 -15.24
N GLN C 47 16.76 12.89 -16.15
CA GLN C 47 18.10 13.38 -16.46
C GLN C 47 18.11 14.79 -17.08
N GLY C 48 16.95 15.24 -17.52
CA GLY C 48 16.79 16.57 -18.08
C GLY C 48 17.12 17.66 -17.06
N ALA C 49 16.93 17.37 -15.78
CA ALA C 49 17.29 18.35 -14.76
C ALA C 49 18.81 18.57 -14.79
N TRP C 50 19.58 17.51 -14.99
CA TRP C 50 21.05 17.60 -14.98
C TRP C 50 21.53 18.26 -16.25
N LYS C 51 20.80 18.02 -17.33
CA LYS C 51 21.11 18.68 -18.59
C LYS C 51 20.96 20.19 -18.45
N ALA C 52 19.87 20.63 -17.82
CA ALA C 52 19.67 22.05 -17.59
C ALA C 52 20.77 22.63 -16.70
N ARG C 53 21.12 21.92 -15.64
CA ARG C 53 22.17 22.41 -14.75
C ARG C 53 23.50 22.51 -15.49
N ALA C 54 23.76 21.55 -16.38
CA ALA C 54 25.00 21.62 -17.18
C ALA C 54 25.07 22.90 -18.01
N ILE C 55 23.94 23.28 -18.61
CA ILE C 55 23.87 24.56 -19.33
C ILE C 55 24.14 25.75 -18.39
N HIS C 56 23.53 25.72 -17.21
CA HIS C 56 23.72 26.76 -16.20
C HIS C 56 25.20 26.97 -15.91
N VAL C 57 25.92 25.87 -15.72
CA VAL C 57 27.35 25.96 -15.43
C VAL C 57 28.13 26.51 -16.62
N ALA C 58 27.80 26.05 -17.82
CA ALA C 58 28.50 26.51 -19.01
C ALA C 58 28.35 28.03 -19.21
N VAL C 59 27.16 28.56 -18.98
CA VAL C 59 26.97 30.01 -19.10
C VAL C 59 27.58 30.76 -17.92
N GLU C 60 27.49 30.19 -16.72
CA GLU C 60 28.11 30.81 -15.57
C GLU C 60 29.62 30.94 -15.76
N LEU C 61 30.25 29.89 -16.29
CA LEU C 61 31.68 29.91 -16.53
C LEU C 61 32.04 30.76 -17.75
N GLY C 62 31.10 30.96 -18.66
CA GLY C 62 31.35 31.77 -19.85
C GLY C 62 31.99 31.00 -20.99
N VAL C 63 31.62 29.74 -21.14
CA VAL C 63 32.20 28.92 -22.22
C VAL C 63 31.84 29.38 -23.64
N PRO C 64 30.55 29.69 -23.90
CA PRO C 64 30.16 30.03 -25.29
C PRO C 64 30.94 31.21 -25.88
N GLU C 65 31.21 32.20 -25.06
CA GLU C 65 31.90 33.39 -25.57
C GLU C 65 33.35 33.09 -25.95
N LEU C 66 33.88 31.95 -25.50
CA LEU C 66 35.24 31.56 -25.84
C LEU C 66 35.35 30.77 -27.15
N LEU C 67 34.21 30.46 -27.76
CA LEU C 67 34.20 29.64 -28.97
C LEU C 67 33.76 30.42 -30.21
N GLN C 68 33.79 31.74 -30.14
CA GLN C 68 33.33 32.57 -31.26
C GLN C 68 34.37 32.79 -32.36
N GLU C 69 35.60 32.35 -32.11
CA GLU C 69 36.69 32.58 -33.04
C GLU C 69 37.34 31.26 -33.41
N GLY C 70 36.53 30.20 -33.40
CA GLY C 70 37.00 28.89 -33.80
C GLY C 70 37.04 27.89 -32.65
N PRO C 71 37.30 26.62 -32.98
CA PRO C 71 37.32 25.52 -32.02
C PRO C 71 38.46 25.68 -30.99
N ARG C 72 38.22 25.20 -29.78
CA ARG C 72 39.21 25.25 -28.72
C ARG C 72 39.24 23.91 -28.00
N THR C 73 40.37 23.56 -27.39
CA THR C 73 40.41 22.33 -26.59
C THR C 73 39.77 22.52 -25.21
N ALA C 74 39.39 21.42 -24.57
CA ALA C 74 38.89 21.49 -23.20
C ALA C 74 39.96 22.10 -22.30
N THR C 75 41.20 21.73 -22.56
CA THR C 75 42.32 22.24 -21.80
C THR C 75 42.34 23.76 -21.84
N ALA C 76 42.26 24.34 -23.03
CA ALA C 76 42.29 25.81 -23.14
C ALA C 76 41.04 26.43 -22.54
N LEU C 77 39.89 25.81 -22.78
CA LEU C 77 38.63 26.31 -22.22
C LEU C 77 38.65 26.30 -20.70
N ALA C 78 39.17 25.23 -20.10
CA ALA C 78 39.27 25.14 -18.66
C ALA C 78 40.17 26.23 -18.06
N GLU C 79 41.31 26.47 -18.70
CA GLU C 79 42.22 27.49 -18.19
C GLU C 79 41.61 28.88 -18.26
N ALA C 80 40.91 29.16 -19.36
CA ALA C 80 40.32 30.48 -19.57
C ALA C 80 39.19 30.76 -18.57
N THR C 81 38.51 29.71 -18.13
CA THR C 81 37.31 29.87 -17.29
C THR C 81 37.53 29.57 -15.81
N GLY C 82 38.74 29.15 -15.46
CA GLY C 82 39.00 28.77 -14.08
C GLY C 82 38.30 27.46 -13.73
N ALA C 83 38.22 26.54 -14.69
CA ALA C 83 37.63 25.23 -14.43
C ALA C 83 38.67 24.14 -14.25
N HIS C 84 38.24 23.03 -13.67
CA HIS C 84 39.09 21.87 -13.51
C HIS C 84 39.07 21.15 -14.84
N GLU C 85 40.24 20.98 -15.46
CA GLU C 85 40.32 20.47 -16.84
C GLU C 85 39.53 19.18 -17.11
N GLN C 86 39.84 18.13 -16.36
CA GLN C 86 39.18 16.84 -16.54
C GLN C 86 37.66 16.94 -16.43
N THR C 87 37.21 17.74 -15.46
CA THR C 87 35.77 17.85 -15.19
C THR C 87 35.04 18.66 -16.26
N LEU C 88 35.69 19.71 -16.76
CA LEU C 88 35.07 20.50 -17.83
C LEU C 88 34.96 19.66 -19.08
N ARG C 89 35.97 18.82 -19.33
CA ARG C 89 35.92 17.89 -20.45
C ARG C 89 34.73 16.95 -20.31
N ARG C 90 34.49 16.45 -19.10
CA ARG C 90 33.30 15.63 -18.86
C ARG C 90 32.02 16.41 -19.20
N LEU C 91 31.93 17.64 -18.72
CA LEU C 91 30.72 18.45 -18.90
C LEU C 91 30.49 18.71 -20.38
N LEU C 92 31.54 19.11 -21.08
CA LEU C 92 31.39 19.48 -22.48
C LEU C 92 31.07 18.25 -23.35
N ARG C 93 31.67 17.12 -23.03
CA ARG C 93 31.36 15.91 -23.78
C ARG C 93 29.92 15.48 -23.59
N LEU C 94 29.43 15.61 -22.36
CA LEU C 94 28.05 15.32 -22.04
C LEU C 94 27.13 16.28 -22.78
N LEU C 95 27.43 17.57 -22.70
CA LEU C 95 26.58 18.56 -23.35
C LEU C 95 26.52 18.32 -24.86
N ALA C 96 27.65 17.99 -25.46
CA ALA C 96 27.68 17.75 -26.90
C ALA C 96 26.84 16.53 -27.30
N THR C 97 26.85 15.47 -26.47
CA THR C 97 26.06 14.29 -26.80
C THR C 97 24.57 14.59 -26.83
N VAL C 98 24.15 15.67 -26.17
CA VAL C 98 22.75 16.05 -26.23
C VAL C 98 22.53 17.31 -27.08
N GLY C 99 23.54 17.66 -27.87
CA GLY C 99 23.36 18.67 -28.92
C GLY C 99 23.84 20.07 -28.61
N VAL C 100 24.43 20.29 -27.44
CA VAL C 100 24.87 21.64 -27.07
C VAL C 100 26.40 21.69 -27.13
N PHE C 101 26.91 22.61 -27.94
CA PHE C 101 28.30 22.57 -28.41
C PHE C 101 28.53 21.36 -29.31
N ASP C 102 29.46 21.50 -30.24
N ASP C 102 29.51 21.50 -30.19
CA ASP C 102 29.88 20.35 -31.05
CA ASP C 102 29.94 20.40 -31.05
C ASP C 102 31.18 19.76 -30.50
C ASP C 102 31.21 19.77 -30.49
N ASP C 103 31.17 18.46 -30.25
CA ASP C 103 32.37 17.72 -29.86
C ASP C 103 33.00 17.26 -31.17
N LEU C 104 34.13 17.83 -31.55
CA LEU C 104 34.73 17.50 -32.86
C LEU C 104 35.20 16.05 -32.96
N GLY C 105 35.40 15.40 -31.82
CA GLY C 105 35.69 13.97 -31.81
C GLY C 105 37.13 13.65 -32.14
N HIS C 106 37.97 14.68 -32.12
CA HIS C 106 39.41 14.50 -32.28
C HIS C 106 40.17 15.65 -31.66
N ASP C 107 41.38 15.35 -31.18
CA ASP C 107 42.32 16.36 -30.69
C ASP C 107 41.73 17.24 -29.58
N ASP C 108 40.80 16.68 -28.80
CA ASP C 108 40.22 17.34 -27.64
C ASP C 108 39.46 18.62 -27.95
N LEU C 109 39.03 18.78 -29.19
CA LEU C 109 38.46 20.04 -29.65
C LEU C 109 36.95 20.14 -29.49
N PHE C 110 36.48 21.33 -29.18
CA PHE C 110 35.05 21.62 -29.12
C PHE C 110 34.77 22.88 -29.94
N ALA C 111 33.54 23.01 -30.42
CA ALA C 111 33.17 24.15 -31.25
C ALA C 111 31.78 24.66 -30.92
N GLN C 112 31.55 25.93 -31.21
CA GLN C 112 30.22 26.50 -31.08
C GLN C 112 29.31 25.73 -32.03
N ASN C 113 28.06 25.56 -31.64
CA ASN C 113 27.04 25.16 -32.62
C ASN C 113 25.78 26.00 -32.48
N ALA C 114 24.71 25.65 -33.20
CA ALA C 114 23.53 26.52 -33.20
C ALA C 114 22.96 26.67 -31.80
N LEU C 115 22.97 25.59 -31.02
CA LEU C 115 22.37 25.65 -29.69
C LEU C 115 23.25 26.43 -28.71
N SER C 116 24.56 26.19 -28.74
CA SER C 116 25.44 26.90 -27.80
C SER C 116 25.53 28.39 -28.16
N ALA C 117 25.42 28.70 -29.45
CA ALA C 117 25.41 30.10 -29.87
C ALA C 117 24.32 30.95 -29.21
N VAL C 118 23.15 30.37 -28.96
CA VAL C 118 22.07 31.19 -28.39
C VAL C 118 22.35 31.48 -26.91
N LEU C 119 23.36 30.82 -26.37
CA LEU C 119 23.77 31.04 -24.98
C LEU C 119 24.75 32.21 -24.83
N LEU C 120 25.18 32.81 -25.93
CA LEU C 120 26.08 33.96 -25.85
C LEU C 120 25.47 35.12 -25.06
N PRO C 121 26.29 35.80 -24.25
CA PRO C 121 25.80 36.90 -23.41
C PRO C 121 25.26 38.02 -24.30
N ASP C 122 24.00 38.36 -24.12
CA ASP C 122 23.36 39.40 -24.91
C ASP C 122 22.15 39.89 -24.13
N PRO C 123 22.18 41.16 -23.67
CA PRO C 123 21.10 41.71 -22.85
C PRO C 123 19.78 41.71 -23.60
N ALA C 124 19.82 41.50 -24.90
CA ALA C 124 18.59 41.46 -25.69
C ALA C 124 18.07 40.04 -25.91
N SER C 125 18.79 39.04 -25.38
CA SER C 125 18.39 37.66 -25.57
C SER C 125 17.70 37.05 -24.35
N PRO C 126 16.40 36.78 -24.46
CA PRO C 126 15.68 36.20 -23.34
C PRO C 126 16.32 34.90 -22.83
N VAL C 127 16.65 33.99 -23.74
CA VAL C 127 17.16 32.67 -23.32
C VAL C 127 18.55 32.76 -22.69
N ALA C 128 19.44 33.58 -23.26
CA ALA C 128 20.78 33.73 -22.67
C ALA C 128 20.70 34.34 -21.29
N THR C 129 19.86 35.36 -21.12
CA THR C 129 19.78 36.03 -19.83
C THR C 129 19.05 35.15 -18.82
N ASP C 130 18.06 34.40 -19.30
CA ASP C 130 17.34 33.50 -18.41
C ASP C 130 18.26 32.37 -17.93
N ALA C 131 19.07 31.83 -18.84
CA ALA C 131 19.99 30.76 -18.44
C ALA C 131 20.90 31.22 -17.29
N ARG C 132 21.42 32.45 -17.39
N ARG C 132 21.43 32.44 -17.40
CA ARG C 132 22.34 32.96 -16.38
CA ARG C 132 22.33 32.97 -16.39
C ARG C 132 21.63 33.29 -15.06
C ARG C 132 21.62 33.21 -15.06
N PHE C 133 20.36 33.67 -15.16
CA PHE C 133 19.52 33.94 -14.00
C PHE C 133 19.25 32.63 -13.26
N GLN C 134 18.91 31.59 -14.02
CA GLN C 134 18.63 30.26 -13.47
C GLN C 134 19.88 29.58 -12.87
N ALA C 135 21.06 29.98 -13.33
CA ALA C 135 22.32 29.45 -12.79
C ALA C 135 22.48 29.74 -11.30
N ALA C 136 21.90 30.84 -10.83
CA ALA C 136 22.02 31.22 -9.42
C ALA C 136 21.55 30.11 -8.49
N PRO C 137 22.32 29.84 -7.44
CA PRO C 137 21.98 28.77 -6.50
C PRO C 137 20.63 29.02 -5.83
N TRP C 138 20.27 30.27 -5.57
CA TRP C 138 18.99 30.57 -4.92
C TRP C 138 17.78 30.34 -5.83
N HIS C 139 18.01 30.39 -7.14
CA HIS C 139 16.96 30.11 -8.11
C HIS C 139 16.68 28.60 -8.07
N TRP C 140 17.74 27.82 -8.25
CA TRP C 140 17.64 26.37 -8.17
C TRP C 140 17.05 25.88 -6.84
N ARG C 141 17.44 26.53 -5.75
CA ARG C 141 16.99 26.12 -4.41
C ARG C 141 15.49 26.36 -4.18
N ALA C 142 14.93 27.38 -4.81
CA ALA C 142 13.48 27.57 -4.74
C ALA C 142 12.79 26.31 -5.25
N TRP C 143 13.33 25.74 -6.32
CA TRP C 143 12.75 24.53 -6.91
C TRP C 143 12.92 23.31 -6.02
N GLU C 144 13.99 23.31 -5.22
CA GLU C 144 14.21 22.25 -4.25
C GLU C 144 12.98 22.06 -3.37
N GLN C 145 12.29 23.16 -3.04
CA GLN C 145 11.15 23.10 -2.13
C GLN C 145 9.80 23.19 -2.85
N LEU C 146 9.76 22.79 -4.11
CA LEU C 146 8.50 22.77 -4.87
C LEU C 146 7.39 22.08 -4.09
N THR C 147 7.70 20.98 -3.42
CA THR C 147 6.70 20.26 -2.65
C THR C 147 5.97 21.14 -1.64
N HIS C 148 6.70 22.07 -1.03
CA HIS C 148 6.11 23.01 -0.08
C HIS C 148 5.04 23.86 -0.76
N SER C 149 5.36 24.34 -1.94
CA SER C 149 4.41 25.16 -2.69
C SER C 149 3.17 24.34 -3.00
N VAL C 150 3.37 23.10 -3.45
CA VAL C 150 2.24 22.26 -3.83
C VAL C 150 1.39 21.90 -2.62
N ARG C 151 2.00 21.86 -1.44
CA ARG C 151 1.25 21.57 -0.21
C ARG C 151 0.51 22.78 0.35
N THR C 152 0.99 23.99 0.04
CA THR C 152 0.49 25.19 0.73
C THR C 152 -0.06 26.27 -0.18
N GLY C 153 0.34 26.28 -1.45
CA GLY C 153 -0.08 27.34 -2.35
C GLY C 153 0.79 28.58 -2.22
N GLU C 154 1.79 28.50 -1.34
CA GLU C 154 2.73 29.61 -1.15
C GLU C 154 4.06 29.40 -1.86
N ALA C 155 4.78 30.50 -2.07
CA ALA C 155 6.09 30.48 -2.70
C ALA C 155 7.06 29.62 -1.89
N SER C 156 7.89 28.86 -2.60
CA SER C 156 8.87 28.03 -1.93
C SER C 156 10.18 28.80 -1.73
N PHE C 157 10.35 29.88 -2.48
CA PHE C 157 11.55 30.71 -2.38
C PHE C 157 11.91 31.08 -0.93
N ASP C 158 10.93 31.59 -0.19
CA ASP C 158 11.16 32.09 1.16
C ASP C 158 11.60 30.94 2.08
N VAL C 159 10.91 29.83 1.98
CA VAL C 159 11.19 28.67 2.81
C VAL C 159 12.57 28.08 2.48
N ALA C 160 12.92 28.08 1.20
CA ALA C 160 14.23 27.59 0.76
C ALA C 160 15.38 28.55 1.04
N ASN C 161 15.14 29.85 0.87
CA ASN C 161 16.23 30.83 0.91
C ASN C 161 16.24 31.72 2.16
N GLY C 162 15.27 31.55 3.05
CA GLY C 162 15.23 32.31 4.28
C GLY C 162 14.95 33.79 4.02
N THR C 163 14.56 34.10 2.80
CA THR C 163 14.18 35.46 2.44
C THR C 163 13.29 35.44 1.20
N SER C 164 12.60 36.55 0.94
CA SER C 164 11.71 36.64 -0.22
C SER C 164 12.49 37.03 -1.46
N PHE C 165 11.93 36.70 -2.62
CA PHE C 165 12.53 37.13 -3.88
C PHE C 165 12.70 38.64 -3.95
N TRP C 166 11.65 39.38 -3.60
CA TRP C 166 11.73 40.84 -3.64
C TRP C 166 12.80 41.38 -2.66
N GLN C 167 12.92 40.77 -1.50
CA GLN C 167 13.90 41.20 -0.50
C GLN C 167 15.32 40.92 -0.95
N LEU C 168 15.55 39.72 -1.47
CA LEU C 168 16.85 39.35 -1.98
C LEU C 168 17.29 40.30 -3.09
N THR C 169 16.41 40.58 -4.04
CA THR C 169 16.77 41.44 -5.15
C THR C 169 16.90 42.90 -4.72
N HIS C 170 16.34 43.24 -3.56
CA HIS C 170 16.53 44.56 -3.00
C HIS C 170 17.93 44.70 -2.38
N GLU C 171 18.34 43.66 -1.66
CA GLU C 171 19.58 43.68 -0.88
C GLU C 171 20.82 43.18 -1.62
N ASP C 172 20.63 42.33 -2.62
CA ASP C 172 21.75 41.71 -3.31
C ASP C 172 21.86 42.25 -4.73
N PRO C 173 22.85 43.12 -4.98
CA PRO C 173 23.00 43.75 -6.29
C PRO C 173 23.26 42.75 -7.40
N LYS C 174 23.91 41.64 -7.08
CA LYS C 174 24.18 40.63 -8.09
C LYS C 174 22.87 39.93 -8.48
N ALA C 175 22.07 39.56 -7.49
CA ALA C 175 20.78 38.93 -7.72
C ALA C 175 19.84 39.87 -8.49
N ARG C 176 19.82 41.13 -8.09
CA ARG C 176 19.00 42.14 -8.74
C ARG C 176 19.37 42.25 -10.21
N GLU C 177 20.67 42.27 -10.50
CA GLU C 177 21.12 42.39 -11.89
C GLU C 177 20.75 41.17 -12.75
N LEU C 178 20.92 39.98 -12.22
CA LEU C 178 20.51 38.76 -12.93
C LEU C 178 19.03 38.83 -13.28
N PHE C 179 18.21 39.15 -12.27
CA PHE C 179 16.78 39.25 -12.51
C PHE C 179 16.44 40.37 -13.51
N ASN C 180 16.94 41.57 -13.26
CA ASN C 180 16.60 42.70 -14.13
C ASN C 180 17.02 42.46 -15.57
N ARG C 181 18.12 41.73 -15.77
CA ARG C 181 18.58 41.42 -17.13
C ARG C 181 17.66 40.41 -17.81
N ALA C 182 17.23 39.41 -17.06
CA ALA C 182 16.37 38.38 -17.62
C ALA C 182 15.00 38.97 -17.95
N MSE C 183 14.48 39.83 -17.08
CA MSE C 183 13.22 40.51 -17.35
C MSE C 183 13.38 41.50 -18.50
O MSE C 183 12.52 41.60 -19.36
CB MSE C 183 12.71 41.23 -16.09
CG MSE C 183 11.32 41.83 -16.23
SE MSE C 183 9.93 40.44 -16.38
CE MSE C 183 9.63 40.60 -18.28
N GLY C 184 14.50 42.21 -18.51
CA GLY C 184 14.72 43.28 -19.46
C GLY C 184 14.86 42.84 -20.90
N SER C 185 15.36 41.63 -21.11
CA SER C 185 15.52 41.10 -22.46
C SER C 185 14.14 40.79 -23.05
N VAL C 186 13.30 40.14 -22.25
CA VAL C 186 11.93 39.86 -22.67
C VAL C 186 11.22 41.17 -22.96
N SER C 187 11.42 42.15 -22.10
CA SER C 187 10.72 43.42 -22.21
C SER C 187 11.06 44.16 -23.51
N LEU C 188 12.32 44.09 -23.92
CA LEU C 188 12.76 44.75 -25.15
C LEU C 188 12.01 44.20 -26.35
N THR C 189 11.79 42.89 -26.36
CA THR C 189 11.05 42.24 -27.42
C THR C 189 9.58 42.65 -27.43
N GLU C 190 9.02 42.89 -26.24
CA GLU C 190 7.60 43.21 -26.12
C GLU C 190 7.30 44.70 -26.30
N ALA C 191 8.25 45.54 -25.94
CA ALA C 191 8.02 46.99 -25.94
C ALA C 191 7.47 47.48 -27.27
N GLY C 192 8.19 47.19 -28.35
CA GLY C 192 7.75 47.59 -29.68
C GLY C 192 6.37 47.06 -30.04
N GLN C 193 6.06 45.84 -29.59
CA GLN C 193 4.77 45.23 -29.86
C GLN C 193 3.63 45.99 -29.19
N VAL C 194 3.79 46.31 -27.91
CA VAL C 194 2.76 47.06 -27.22
C VAL C 194 2.56 48.42 -27.85
N ALA C 195 3.67 49.11 -28.14
CA ALA C 195 3.61 50.45 -28.69
C ALA C 195 2.86 50.50 -30.02
N ALA C 196 2.91 49.40 -30.76
CA ALA C 196 2.31 49.34 -32.09
C ALA C 196 0.92 48.72 -32.10
N ALA C 197 0.48 48.21 -30.95
CA ALA C 197 -0.78 47.48 -30.89
C ALA C 197 -1.89 48.27 -30.22
N TYR C 198 -1.54 49.35 -29.54
CA TYR C 198 -2.52 50.18 -28.87
C TYR C 198 -2.39 51.63 -29.29
N ASP C 199 -3.51 52.30 -29.50
CA ASP C 199 -3.51 53.68 -29.96
C ASP C 199 -3.42 54.66 -28.79
N PHE C 200 -2.23 55.20 -28.56
CA PHE C 200 -1.99 56.11 -27.44
C PHE C 200 -2.24 57.58 -27.83
N SER C 201 -2.76 57.80 -29.04
CA SER C 201 -2.96 59.15 -29.58
C SER C 201 -3.75 60.10 -28.67
N GLY C 202 -4.84 59.62 -28.09
CA GLY C 202 -5.69 60.48 -27.29
C GLY C 202 -5.17 60.79 -25.90
N ALA C 203 -3.98 60.32 -25.58
CA ALA C 203 -3.44 60.47 -24.24
C ALA C 203 -2.33 61.51 -24.15
N ALA C 204 -2.32 62.26 -23.05
CA ALA C 204 -1.27 63.25 -22.81
C ALA C 204 -0.28 62.73 -21.78
N THR C 205 -0.76 61.93 -20.84
CA THR C 205 0.09 61.39 -19.79
C THR C 205 -0.03 59.87 -19.63
N ALA C 206 1.08 59.23 -19.30
CA ALA C 206 1.14 57.79 -19.10
C ALA C 206 1.97 57.46 -17.86
N VAL C 207 1.57 56.42 -17.14
CA VAL C 207 2.32 55.95 -15.97
C VAL C 207 2.58 54.45 -16.13
N ASP C 208 3.85 54.05 -16.14
CA ASP C 208 4.17 52.62 -16.14
C ASP C 208 4.41 52.13 -14.71
N ILE C 209 3.52 51.28 -14.23
CA ILE C 209 3.58 50.81 -12.85
C ILE C 209 4.46 49.56 -12.74
N GLY C 210 5.57 49.67 -12.04
CA GLY C 210 6.53 48.58 -11.94
C GLY C 210 7.15 48.33 -13.30
N GLY C 211 7.56 49.40 -13.96
CA GLY C 211 8.01 49.38 -15.34
C GLY C 211 9.40 48.82 -15.63
N GLY C 212 10.01 48.18 -14.63
CA GLY C 212 11.32 47.59 -14.81
C GLY C 212 12.36 48.60 -15.27
N ARG C 213 13.09 48.28 -16.33
CA ARG C 213 14.15 49.15 -16.83
C ARG C 213 13.69 50.15 -17.88
N GLY C 214 12.38 50.25 -18.09
CA GLY C 214 11.82 51.32 -18.90
C GLY C 214 11.73 51.11 -20.40
N SER C 215 11.99 49.90 -20.89
CA SER C 215 11.89 49.66 -22.33
C SER C 215 10.47 49.89 -22.85
N LEU C 216 9.46 49.53 -22.06
CA LEU C 216 8.09 49.76 -22.51
C LEU C 216 7.80 51.25 -22.64
N MSE C 217 7.98 51.98 -21.54
CA MSE C 217 7.77 53.42 -21.54
C MSE C 217 8.53 54.07 -22.70
O MSE C 217 7.99 54.92 -23.40
CB MSE C 217 8.19 54.02 -20.20
CG MSE C 217 7.95 55.53 -20.10
SE MSE C 217 6.10 56.02 -20.53
CE MSE C 217 5.27 55.59 -18.84
N ALA C 218 9.78 53.66 -22.90
CA ALA C 218 10.60 54.20 -23.98
C ALA C 218 10.00 53.99 -25.37
N ALA C 219 9.53 52.77 -25.62
CA ALA C 219 8.96 52.44 -26.92
C ALA C 219 7.67 53.21 -27.17
N VAL C 220 6.90 53.45 -26.12
CA VAL C 220 5.63 54.17 -26.23
C VAL C 220 5.85 55.67 -26.44
N LEU C 221 6.80 56.23 -25.69
CA LEU C 221 7.18 57.63 -25.86
C LEU C 221 7.73 57.90 -27.25
N ASP C 222 8.51 56.95 -27.77
CA ASP C 222 9.04 57.07 -29.13
C ASP C 222 7.93 57.18 -30.15
N ALA C 223 6.95 56.30 -30.04
CA ALA C 223 5.88 56.21 -31.03
C ALA C 223 4.80 57.28 -30.85
N PHE C 224 4.86 58.03 -29.76
CA PHE C 224 3.85 59.03 -29.46
C PHE C 224 4.46 60.30 -28.86
N PRO C 225 5.00 61.18 -29.74
CA PRO C 225 5.77 62.38 -29.38
C PRO C 225 5.11 63.31 -28.36
N GLY C 226 3.80 63.46 -28.39
CA GLY C 226 3.14 64.38 -27.48
C GLY C 226 3.00 63.84 -26.07
N LEU C 227 3.17 62.52 -25.93
CA LEU C 227 2.97 61.85 -24.65
C LEU C 227 4.07 62.15 -23.63
N ARG C 228 3.67 62.30 -22.36
CA ARG C 228 4.63 62.44 -21.27
C ARG C 228 4.49 61.27 -20.32
N GLY C 229 5.62 60.74 -19.84
CA GLY C 229 5.59 59.53 -19.05
C GLY C 229 6.10 59.68 -17.64
N THR C 230 5.59 58.81 -16.76
CA THR C 230 6.14 58.62 -15.43
C THR C 230 6.43 57.13 -15.25
N LEU C 231 7.62 56.81 -14.73
CA LEU C 231 7.96 55.42 -14.45
C LEU C 231 8.06 55.15 -12.95
N LEU C 232 7.18 54.30 -12.44
CA LEU C 232 7.18 53.93 -11.02
C LEU C 232 7.92 52.61 -10.85
N GLU C 233 8.96 52.60 -10.02
CA GLU C 233 9.72 51.38 -9.72
C GLU C 233 10.36 51.44 -8.37
N ARG C 234 10.81 50.29 -7.89
CA ARG C 234 11.67 50.22 -6.72
C ARG C 234 12.92 51.07 -6.97
N PRO C 235 13.41 51.74 -5.91
CA PRO C 235 14.49 52.72 -6.06
C PRO C 235 15.65 52.23 -6.92
N PRO C 236 16.28 51.10 -6.57
CA PRO C 236 17.46 50.68 -7.36
C PRO C 236 17.10 50.50 -8.83
N VAL C 237 15.93 49.92 -9.06
CA VAL C 237 15.46 49.65 -10.42
C VAL C 237 15.16 50.96 -11.15
N ALA C 238 14.56 51.90 -10.43
CA ALA C 238 14.20 53.19 -11.01
C ALA C 238 15.41 53.86 -11.65
N GLU C 239 16.56 53.77 -10.98
CA GLU C 239 17.77 54.40 -11.51
C GLU C 239 18.25 53.73 -12.79
N GLU C 240 18.07 52.41 -12.88
CA GLU C 240 18.44 51.71 -14.10
C GLU C 240 17.53 52.13 -15.24
N ALA C 241 16.26 52.37 -14.92
CA ALA C 241 15.29 52.90 -15.89
C ALA C 241 15.75 54.27 -16.37
N ARG C 242 16.15 55.10 -15.41
CA ARG C 242 16.65 56.44 -15.75
C ARG C 242 17.79 56.35 -16.76
N GLU C 243 18.71 55.42 -16.56
CA GLU C 243 19.83 55.27 -17.47
C GLU C 243 19.38 54.91 -18.88
N LEU C 244 18.46 53.94 -18.97
CA LEU C 244 17.94 53.52 -20.27
C LEU C 244 17.22 54.66 -20.99
N LEU C 245 16.32 55.32 -20.27
CA LEU C 245 15.50 56.38 -20.86
C LEU C 245 16.35 57.60 -21.22
N THR C 246 17.36 57.89 -20.42
CA THR C 246 18.27 58.99 -20.72
C THR C 246 19.01 58.68 -22.02
N GLY C 247 19.55 57.47 -22.13
CA GLY C 247 20.28 57.06 -23.31
C GLY C 247 19.43 57.08 -24.57
N ARG C 248 18.12 56.93 -24.40
CA ARG C 248 17.21 56.93 -25.53
C ARG C 248 16.75 58.35 -25.87
N GLY C 249 17.18 59.30 -25.07
CA GLY C 249 16.91 60.71 -25.32
C GLY C 249 15.55 61.17 -24.81
N LEU C 250 15.03 60.46 -23.83
CA LEU C 250 13.67 60.70 -23.34
C LEU C 250 13.67 61.20 -21.91
N ALA C 251 14.84 61.56 -21.41
CA ALA C 251 14.98 61.96 -20.02
C ALA C 251 14.06 63.13 -19.64
N ASP C 252 13.86 64.05 -20.57
CA ASP C 252 13.02 65.21 -20.29
C ASP C 252 11.53 64.91 -20.48
N ARG C 253 11.24 63.74 -21.06
CA ARG C 253 9.86 63.37 -21.36
C ARG C 253 9.30 62.37 -20.36
N CYS C 254 10.16 61.82 -19.50
CA CYS C 254 9.70 60.82 -18.55
C CYS C 254 10.22 61.12 -17.15
N GLU C 255 9.30 61.23 -16.20
CA GLU C 255 9.66 61.41 -14.81
C GLU C 255 9.94 60.05 -14.17
N ILE C 256 11.00 59.97 -13.38
CA ILE C 256 11.34 58.74 -12.69
C ILE C 256 10.86 58.80 -11.26
N LEU C 257 9.99 57.86 -10.88
CA LEU C 257 9.38 57.88 -9.55
C LEU C 257 9.72 56.63 -8.74
N PRO C 258 10.73 56.73 -7.87
CA PRO C 258 10.97 55.60 -6.96
C PRO C 258 9.79 55.46 -6.03
N GLY C 259 9.22 54.26 -5.93
CA GLY C 259 8.06 54.07 -5.08
C GLY C 259 7.66 52.62 -4.84
N ASP C 260 6.55 52.46 -4.14
CA ASP C 260 5.99 51.16 -3.79
C ASP C 260 4.54 51.19 -4.25
N PHE C 261 4.17 50.34 -5.20
CA PHE C 261 2.81 50.40 -5.76
C PHE C 261 1.72 49.85 -4.83
N PHE C 262 2.10 49.43 -3.63
CA PHE C 262 1.09 49.14 -2.61
C PHE C 262 0.74 50.43 -1.85
N GLU C 263 1.52 51.48 -2.11
CA GLU C 263 1.39 52.75 -1.40
C GLU C 263 1.07 53.90 -2.36
N THR C 264 1.98 54.11 -3.31
CA THR C 264 1.96 55.30 -4.14
C THR C 264 1.65 55.02 -5.59
N ILE C 265 0.51 55.54 -6.06
CA ILE C 265 0.26 55.61 -7.50
C ILE C 265 -0.09 57.04 -7.88
N PRO C 266 0.72 57.65 -8.76
CA PRO C 266 0.46 59.01 -9.25
C PRO C 266 -0.95 59.10 -9.80
N ASP C 267 -1.76 60.04 -9.32
CA ASP C 267 -3.14 60.13 -9.78
C ASP C 267 -3.31 61.10 -10.96
N GLY C 268 -4.34 60.86 -11.77
CA GLY C 268 -4.71 61.77 -12.83
C GLY C 268 -4.11 61.55 -14.22
N ALA C 269 -3.37 60.47 -14.39
CA ALA C 269 -2.82 60.15 -15.71
C ALA C 269 -3.91 59.64 -16.65
N ASP C 270 -3.70 59.82 -17.95
CA ASP C 270 -4.64 59.35 -18.96
C ASP C 270 -4.58 57.83 -19.11
N VAL C 271 -3.38 57.28 -19.17
CA VAL C 271 -3.21 55.84 -19.29
C VAL C 271 -2.23 55.29 -18.26
N TYR C 272 -2.65 54.24 -17.56
CA TYR C 272 -1.74 53.52 -16.68
C TYR C 272 -1.37 52.19 -17.34
N LEU C 273 -0.11 51.81 -17.21
CA LEU C 273 0.38 50.56 -17.79
C LEU C 273 0.92 49.65 -16.69
N ILE C 274 0.69 48.35 -16.84
CA ILE C 274 1.21 47.42 -15.86
C ILE C 274 1.47 46.08 -16.55
N LYS C 275 2.74 45.84 -16.87
CA LYS C 275 3.14 44.71 -17.68
C LYS C 275 3.96 43.72 -16.87
N HIS C 276 3.50 42.47 -16.86
CA HIS C 276 4.19 41.38 -16.18
C HIS C 276 4.44 41.69 -14.71
N VAL C 277 3.46 42.37 -14.09
CA VAL C 277 3.54 42.65 -12.67
C VAL C 277 2.48 41.88 -11.91
N LEU C 278 1.23 41.98 -12.36
CA LEU C 278 0.14 41.35 -11.64
C LEU C 278 0.29 39.84 -11.49
N HIS C 279 0.92 39.18 -12.47
CA HIS C 279 1.10 37.73 -12.35
C HIS C 279 2.09 37.33 -11.24
N ASP C 280 2.78 38.33 -10.69
CA ASP C 280 3.66 38.10 -9.54
C ASP C 280 2.91 37.93 -8.21
N TRP C 281 1.61 38.30 -8.20
CA TRP C 281 0.87 38.45 -6.95
C TRP C 281 -0.35 37.56 -6.82
N ASP C 282 -0.68 37.18 -5.59
CA ASP C 282 -1.89 36.37 -5.35
C ASP C 282 -3.15 37.24 -5.45
N ASP C 283 -4.32 36.61 -5.35
CA ASP C 283 -5.57 37.33 -5.57
C ASP C 283 -5.73 38.56 -4.65
N ASP C 284 -5.54 38.38 -3.35
CA ASP C 284 -5.69 39.50 -2.42
C ASP C 284 -4.74 40.64 -2.76
N ASP C 285 -3.48 40.30 -3.02
CA ASP C 285 -2.48 41.32 -3.34
C ASP C 285 -2.74 42.00 -4.68
N VAL C 286 -3.29 41.27 -5.64
CA VAL C 286 -3.66 41.91 -6.90
C VAL C 286 -4.79 42.91 -6.64
N VAL C 287 -5.77 42.52 -5.83
CA VAL C 287 -6.88 43.42 -5.51
C VAL C 287 -6.37 44.69 -4.83
N ARG C 288 -5.41 44.55 -3.91
CA ARG C 288 -4.78 45.72 -3.29
C ARG C 288 -4.18 46.67 -4.33
N ILE C 289 -3.44 46.13 -5.28
CA ILE C 289 -2.81 46.95 -6.30
C ILE C 289 -3.86 47.62 -7.18
N LEU C 290 -4.88 46.86 -7.54
CA LEU C 290 -5.94 47.37 -8.41
C LEU C 290 -6.73 48.51 -7.76
N ARG C 291 -7.01 48.38 -6.47
CA ARG C 291 -7.74 49.44 -5.75
C ARG C 291 -6.93 50.72 -5.75
N ARG C 292 -5.63 50.60 -5.53
CA ARG C 292 -4.74 51.75 -5.63
C ARG C 292 -4.82 52.43 -6.98
N ILE C 293 -4.74 51.63 -8.05
CA ILE C 293 -4.78 52.17 -9.40
C ILE C 293 -6.14 52.78 -9.70
N ALA C 294 -7.20 52.11 -9.27
CA ALA C 294 -8.56 52.61 -9.50
C ALA C 294 -8.71 53.98 -8.87
N THR C 295 -8.23 54.12 -7.63
CA THR C 295 -8.29 55.38 -6.91
C THR C 295 -7.58 56.49 -7.67
N ALA C 296 -6.50 56.13 -8.36
CA ALA C 296 -5.64 57.09 -9.03
C ALA C 296 -6.18 57.51 -10.39
N MSE C 297 -6.97 56.65 -11.00
N MSE C 297 -6.96 56.64 -11.01
CA MSE C 297 -7.51 56.89 -12.33
CA MSE C 297 -7.48 56.89 -12.36
C MSE C 297 -8.59 57.96 -12.33
C MSE C 297 -8.63 57.90 -12.38
O MSE C 297 -9.38 58.05 -11.39
O MSE C 297 -9.50 57.88 -11.50
CB MSE C 297 -8.08 55.60 -12.91
CB MSE C 297 -7.94 55.58 -13.01
CG MSE C 297 -7.06 54.48 -13.10
CG MSE C 297 -6.84 54.80 -13.72
SE MSE C 297 -7.93 52.78 -13.47
SE MSE C 297 -7.55 53.47 -14.96
CE MSE C 297 -8.89 53.27 -15.12
CE MSE C 297 -8.35 52.25 -13.67
N LYS C 298 -8.62 58.77 -13.38
CA LYS C 298 -9.75 59.64 -13.65
C LYS C 298 -10.84 58.73 -14.22
N PRO C 299 -12.10 59.17 -14.14
CA PRO C 299 -13.22 58.37 -14.66
C PRO C 299 -13.07 58.01 -16.15
N ASP C 300 -12.31 58.80 -16.91
CA ASP C 300 -12.10 58.50 -18.33
C ASP C 300 -10.70 57.98 -18.62
N SER C 301 -9.98 57.58 -17.57
CA SER C 301 -8.67 56.97 -17.76
C SER C 301 -8.79 55.54 -18.31
N ARG C 302 -7.67 54.99 -18.74
CA ARG C 302 -7.59 53.57 -19.11
C ARG C 302 -6.44 52.92 -18.36
N LEU C 303 -6.62 51.66 -17.97
CA LEU C 303 -5.54 50.86 -17.43
C LEU C 303 -5.23 49.76 -18.44
N LEU C 304 -3.97 49.58 -18.79
CA LEU C 304 -3.58 48.48 -19.66
C LEU C 304 -2.87 47.42 -18.84
N VAL C 305 -3.55 46.30 -18.59
CA VAL C 305 -2.90 45.16 -17.99
C VAL C 305 -2.33 44.34 -19.11
N ILE C 306 -1.00 44.27 -19.17
CA ILE C 306 -0.32 43.55 -20.21
C ILE C 306 0.38 42.36 -19.57
N ASP C 307 -0.08 41.17 -19.89
CA ASP C 307 0.43 39.98 -19.24
C ASP C 307 0.14 38.72 -20.04
N ASN C 308 0.70 37.61 -19.59
CA ASN C 308 0.43 36.32 -20.20
C ASN C 308 -0.98 35.90 -19.83
N LEU C 309 -1.84 35.69 -20.83
CA LEU C 309 -3.20 35.26 -20.55
C LEU C 309 -3.37 33.77 -20.78
N ILE C 310 -4.00 33.09 -19.84
CA ILE C 310 -4.30 31.69 -19.99
C ILE C 310 -5.62 31.56 -20.75
N ASP C 311 -5.59 30.88 -21.87
CA ASP C 311 -6.83 30.69 -22.62
C ASP C 311 -7.05 29.19 -22.75
N GLU C 312 -7.99 28.80 -23.60
CA GLU C 312 -8.21 27.40 -23.93
C GLU C 312 -6.89 26.75 -24.39
N ARG C 313 -6.55 25.60 -23.83
CA ARG C 313 -5.36 24.86 -24.27
C ARG C 313 -4.07 25.67 -24.32
N PRO C 314 -3.62 26.14 -23.15
CA PRO C 314 -2.36 26.88 -23.06
C PRO C 314 -1.15 26.02 -23.47
N ALA C 315 -0.12 26.67 -24.02
CA ALA C 315 1.13 26.00 -24.36
C ALA C 315 1.82 25.52 -23.10
N ALA C 316 2.58 24.42 -23.20
CA ALA C 316 3.36 23.91 -22.08
C ALA C 316 4.26 25.01 -21.49
N SER C 317 4.94 25.76 -22.37
CA SER C 317 5.88 26.76 -21.88
C SER C 317 5.16 27.83 -21.08
N THR C 318 3.92 28.11 -21.43
CA THR C 318 3.11 29.07 -20.68
C THR C 318 2.88 28.54 -19.27
N LEU C 319 2.53 27.26 -19.15
CA LEU C 319 2.30 26.68 -17.83
C LEU C 319 3.61 26.48 -17.04
N PHE C 320 4.72 26.30 -17.73
CA PHE C 320 6.01 26.24 -17.03
C PHE C 320 6.28 27.57 -16.33
N VAL C 321 6.03 28.67 -17.03
CA VAL C 321 6.20 29.99 -16.44
C VAL C 321 5.23 30.22 -15.29
N ASP C 322 3.99 29.72 -15.43
CA ASP C 322 3.03 29.81 -14.34
C ASP C 322 3.60 29.14 -13.09
N LEU C 323 4.26 28.00 -13.27
CA LEU C 323 4.79 27.28 -12.11
C LEU C 323 5.98 28.02 -11.50
N LEU C 324 6.82 28.59 -12.36
CA LEU C 324 7.95 29.40 -11.89
C LEU C 324 7.48 30.60 -11.05
N LEU C 325 6.39 31.24 -11.46
CA LEU C 325 5.82 32.35 -10.69
C LEU C 325 5.47 31.90 -9.28
N LEU C 326 4.81 30.76 -9.18
CA LEU C 326 4.49 30.19 -7.88
C LEU C 326 5.75 29.98 -7.02
N VAL C 327 6.74 29.32 -7.60
CA VAL C 327 7.97 28.98 -6.89
C VAL C 327 8.72 30.23 -6.42
N LEU C 328 8.89 31.20 -7.31
CA LEU C 328 9.65 32.41 -7.00
C LEU C 328 8.91 33.43 -6.10
N VAL C 329 7.67 33.75 -6.44
CA VAL C 329 6.98 34.87 -5.79
C VAL C 329 5.56 34.57 -5.30
N GLY C 330 5.10 33.34 -5.50
CA GLY C 330 3.77 32.95 -5.05
C GLY C 330 2.69 33.39 -6.00
N GLY C 331 3.09 33.75 -7.22
CA GLY C 331 2.17 34.25 -8.22
C GLY C 331 1.58 33.14 -9.09
N ALA C 332 0.94 33.55 -10.18
CA ALA C 332 0.22 32.64 -11.07
C ALA C 332 -0.18 33.39 -12.33
N GLU C 333 -0.31 32.66 -13.43
CA GLU C 333 -0.89 33.22 -14.64
C GLU C 333 -2.40 33.09 -14.52
N ARG C 334 -3.14 34.00 -15.16
CA ARG C 334 -4.59 33.99 -15.07
C ARG C 334 -5.23 34.04 -16.44
N SER C 335 -6.48 33.62 -16.52
CA SER C 335 -7.29 33.81 -17.71
C SER C 335 -7.90 35.20 -17.64
N GLU C 336 -8.51 35.65 -18.74
CA GLU C 336 -9.12 36.96 -18.71
C GLU C 336 -10.27 36.98 -17.70
N SER C 337 -11.05 35.91 -17.65
CA SER C 337 -12.15 35.79 -16.71
C SER C 337 -11.68 35.93 -15.27
N GLU C 338 -10.55 35.30 -14.95
CA GLU C 338 -9.99 35.42 -13.62
C GLU C 338 -9.57 36.86 -13.31
N PHE C 339 -8.91 37.51 -14.26
CA PHE C 339 -8.57 38.93 -14.10
C PHE C 339 -9.84 39.76 -13.95
N ALA C 340 -10.87 39.43 -14.71
CA ALA C 340 -12.13 40.19 -14.65
C ALA C 340 -12.74 40.08 -13.25
N ALA C 341 -12.64 38.90 -12.64
CA ALA C 341 -13.19 38.72 -11.30
C ALA C 341 -12.49 39.64 -10.31
N LEU C 342 -11.16 39.74 -10.41
CA LEU C 342 -10.40 40.57 -9.49
C LEU C 342 -10.64 42.05 -9.76
N LEU C 343 -10.69 42.41 -11.03
CA LEU C 343 -10.97 43.79 -11.40
C LEU C 343 -12.33 44.23 -10.85
N GLU C 344 -13.31 43.35 -10.93
CA GLU C 344 -14.66 43.67 -10.47
C GLU C 344 -14.67 43.95 -8.98
N LYS C 345 -13.87 43.18 -8.24
CA LYS C 345 -13.76 43.35 -6.80
C LYS C 345 -13.05 44.64 -6.46
N SER C 346 -12.46 45.27 -7.48
CA SER C 346 -11.62 46.44 -7.28
C SER C 346 -12.22 47.69 -7.89
N GLY C 347 -13.45 47.60 -8.42
CA GLY C 347 -14.12 48.74 -9.00
C GLY C 347 -13.67 49.03 -10.43
N LEU C 348 -13.26 47.99 -11.14
CA LEU C 348 -12.76 48.16 -12.49
C LEU C 348 -13.47 47.20 -13.43
N ARG C 349 -13.34 47.42 -14.73
CA ARG C 349 -14.02 46.56 -15.69
C ARG C 349 -13.22 46.48 -16.97
N VAL C 350 -13.23 45.29 -17.57
CA VAL C 350 -12.58 45.09 -18.85
C VAL C 350 -13.38 45.81 -19.93
N GLU C 351 -12.67 46.63 -20.70
CA GLU C 351 -13.26 47.35 -21.83
C GLU C 351 -13.02 46.57 -23.11
N ARG C 352 -11.81 46.04 -23.27
CA ARG C 352 -11.54 45.14 -24.38
C ARG C 352 -10.17 44.47 -24.26
N SER C 353 -10.03 43.34 -24.93
CA SER C 353 -8.79 42.58 -24.93
C SER C 353 -8.21 42.58 -26.34
N LEU C 354 -6.90 42.84 -26.44
CA LEU C 354 -6.25 42.93 -27.73
C LEU C 354 -5.05 42.01 -27.80
N PRO C 355 -4.83 41.38 -28.96
CA PRO C 355 -3.64 40.55 -29.15
C PRO C 355 -2.38 41.39 -29.06
N CYS C 356 -1.31 40.78 -28.60
CA CYS C 356 -0.02 41.46 -28.53
C CYS C 356 1.07 40.48 -28.90
N GLY C 357 1.62 40.64 -30.11
CA GLY C 357 2.66 39.75 -30.60
C GLY C 357 2.19 38.31 -30.67
N ALA C 358 3.16 37.40 -30.84
CA ALA C 358 2.86 35.98 -30.91
C ALA C 358 3.29 35.29 -29.63
N GLY C 359 2.34 34.68 -28.95
CA GLY C 359 2.57 34.07 -27.65
C GLY C 359 1.33 34.31 -26.83
N PRO C 360 1.39 34.08 -25.52
CA PRO C 360 0.20 34.26 -24.69
C PRO C 360 -0.04 35.70 -24.23
N VAL C 361 0.89 36.61 -24.51
CA VAL C 361 0.73 37.99 -24.04
C VAL C 361 -0.46 38.69 -24.67
N ARG C 362 -1.27 39.35 -23.86
CA ARG C 362 -2.34 40.18 -24.40
C ARG C 362 -2.40 41.53 -23.68
N ILE C 363 -3.05 42.50 -24.32
CA ILE C 363 -3.32 43.78 -23.67
C ILE C 363 -4.78 43.82 -23.24
N VAL C 364 -5.02 43.87 -21.95
CA VAL C 364 -6.38 43.96 -21.45
C VAL C 364 -6.66 45.42 -21.11
N GLU C 365 -7.48 46.06 -21.94
CA GLU C 365 -7.83 47.46 -21.73
C GLU C 365 -8.95 47.60 -20.71
N ILE C 366 -8.74 48.42 -19.70
CA ILE C 366 -9.61 48.47 -18.54
C ILE C 366 -10.04 49.90 -18.21
N ARG C 367 -11.26 50.05 -17.73
CA ARG C 367 -11.72 51.35 -17.26
C ARG C 367 -12.42 51.23 -15.92
N ARG C 368 -12.71 52.36 -15.30
CA ARG C 368 -13.41 52.37 -14.01
C ARG C 368 -14.83 51.88 -14.18
N ALA C 369 -15.31 51.08 -13.23
CA ALA C 369 -16.69 50.62 -13.28
C ALA C 369 -17.65 51.77 -12.98
N GLY D 31 -1.76 -16.48 -13.97
CA GLY D 31 -1.67 -15.08 -13.59
C GLY D 31 -2.86 -14.64 -12.75
N THR D 32 -3.79 -13.93 -13.39
CA THR D 32 -5.00 -13.50 -12.72
C THR D 32 -5.91 -14.70 -12.47
N ALA D 33 -5.59 -15.82 -13.10
CA ALA D 33 -6.33 -17.06 -12.87
C ALA D 33 -5.88 -17.66 -11.55
N ALA D 34 -4.62 -17.42 -11.20
CA ALA D 34 -4.07 -17.91 -9.94
C ALA D 34 -4.62 -17.09 -8.78
N ARG D 35 -4.74 -15.78 -8.97
CA ARG D 35 -5.27 -14.92 -7.93
C ARG D 35 -6.72 -15.25 -7.67
N ALA D 36 -7.45 -15.57 -8.73
CA ALA D 36 -8.86 -15.94 -8.61
C ALA D 36 -9.02 -17.19 -7.75
N ALA D 37 -8.16 -18.18 -8.00
CA ALA D 37 -8.18 -19.40 -7.20
C ALA D 37 -7.78 -19.13 -5.76
N ALA D 38 -6.81 -18.25 -5.56
CA ALA D 38 -6.38 -17.90 -4.21
C ALA D 38 -7.54 -17.24 -3.46
N GLU D 39 -8.25 -16.37 -4.15
CA GLU D 39 -9.39 -15.69 -3.54
C GLU D 39 -10.52 -16.65 -3.19
N GLU D 40 -10.83 -17.58 -4.10
CA GLU D 40 -11.88 -18.56 -3.81
C GLU D 40 -11.50 -19.44 -2.63
N THR D 41 -10.24 -19.86 -2.57
CA THR D 41 -9.75 -20.67 -1.45
C THR D 41 -9.93 -19.96 -0.11
N VAL D 42 -9.58 -18.68 -0.07
CA VAL D 42 -9.70 -17.95 1.19
C VAL D 42 -11.17 -17.71 1.51
N ASN D 43 -11.96 -17.42 0.49
CA ASN D 43 -13.39 -17.23 0.72
C ASN D 43 -14.04 -18.50 1.28
N ASP D 44 -13.64 -19.66 0.76
CA ASP D 44 -14.14 -20.93 1.29
C ASP D 44 -13.78 -21.09 2.77
N ILE D 45 -12.60 -20.62 3.16
CA ILE D 45 -12.21 -20.65 4.57
C ILE D 45 -13.14 -19.79 5.41
N LEU D 46 -13.41 -18.59 4.94
CA LEU D 46 -14.31 -17.69 5.66
C LEU D 46 -15.69 -18.30 5.82
N GLN D 47 -16.25 -18.83 4.73
CA GLN D 47 -17.58 -19.43 4.79
C GLN D 47 -17.61 -20.71 5.63
N GLY D 48 -16.44 -21.29 5.88
CA GLY D 48 -16.35 -22.47 6.72
C GLY D 48 -16.83 -22.22 8.15
N ALA D 49 -16.75 -20.98 8.62
CA ALA D 49 -17.25 -20.69 9.98
C ALA D 49 -18.74 -20.95 10.03
N TRP D 50 -19.42 -20.54 8.97
CA TRP D 50 -20.86 -20.69 8.87
C TRP D 50 -21.24 -22.14 8.68
N LYS D 51 -20.38 -22.90 7.99
CA LYS D 51 -20.64 -24.31 7.78
C LYS D 51 -20.61 -25.02 9.14
N ALA D 52 -19.61 -24.67 9.95
CA ALA D 52 -19.50 -25.19 11.31
C ALA D 52 -20.74 -24.84 12.13
N ARG D 53 -21.16 -23.58 12.07
CA ARG D 53 -22.29 -23.15 12.89
C ARG D 53 -23.58 -23.86 12.45
N ALA D 54 -23.73 -24.15 11.15
CA ALA D 54 -24.92 -24.86 10.68
C ALA D 54 -24.98 -26.27 11.28
N ILE D 55 -23.82 -26.90 11.42
CA ILE D 55 -23.75 -28.20 12.09
C ILE D 55 -24.12 -28.06 13.57
N HIS D 56 -23.57 -27.02 14.22
CA HIS D 56 -23.89 -26.75 15.62
C HIS D 56 -25.41 -26.67 15.80
N VAL D 57 -26.07 -25.93 14.92
CA VAL D 57 -27.53 -25.83 14.99
C VAL D 57 -28.22 -27.16 14.71
N ALA D 58 -27.78 -27.89 13.69
CA ALA D 58 -28.40 -29.17 13.39
C ALA D 58 -28.33 -30.12 14.59
N VAL D 59 -27.19 -30.13 15.30
CA VAL D 59 -27.06 -30.96 16.50
C VAL D 59 -27.83 -30.42 17.70
N GLU D 60 -27.87 -29.10 17.86
CA GLU D 60 -28.62 -28.53 18.96
C GLU D 60 -30.10 -28.88 18.83
N LEU D 61 -30.60 -28.83 17.60
CA LEU D 61 -32.01 -29.13 17.36
C LEU D 61 -32.29 -30.60 17.46
N GLY D 62 -31.25 -31.41 17.21
CA GLY D 62 -31.38 -32.85 17.27
C GLY D 62 -31.88 -33.48 15.97
N VAL D 63 -31.46 -32.93 14.84
CA VAL D 63 -31.90 -33.46 13.55
C VAL D 63 -31.41 -34.89 13.23
N PRO D 64 -30.11 -35.16 13.46
CA PRO D 64 -29.59 -36.48 13.06
C PRO D 64 -30.38 -37.65 13.66
N GLU D 65 -30.75 -37.53 14.93
CA GLU D 65 -31.43 -38.61 15.64
C GLU D 65 -32.86 -38.83 15.13
N LEU D 66 -33.37 -37.91 14.34
CA LEU D 66 -34.72 -38.04 13.79
C LEU D 66 -34.68 -38.74 12.43
N LEU D 67 -33.49 -38.99 11.92
CA LEU D 67 -33.34 -39.58 10.60
C LEU D 67 -32.90 -41.05 10.65
N GLN D 68 -33.08 -41.68 11.80
CA GLN D 68 -32.60 -43.06 11.99
C GLN D 68 -33.56 -44.11 11.45
N GLU D 69 -34.80 -43.72 11.16
CA GLU D 69 -35.76 -44.67 10.61
C GLU D 69 -36.22 -44.21 9.23
N GLY D 70 -35.26 -43.88 8.37
CA GLY D 70 -35.58 -43.46 7.02
C GLY D 70 -35.70 -41.96 6.87
N PRO D 71 -35.80 -41.48 5.63
CA PRO D 71 -35.85 -40.04 5.32
C PRO D 71 -37.05 -39.35 5.95
N ARG D 72 -36.95 -38.05 6.18
CA ARG D 72 -38.04 -37.28 6.74
C ARG D 72 -38.09 -35.93 6.02
N THR D 73 -39.26 -35.31 5.98
CA THR D 73 -39.40 -34.01 5.31
C THR D 73 -38.87 -32.90 6.21
N ALA D 74 -38.46 -31.79 5.59
CA ALA D 74 -38.07 -30.63 6.39
C ALA D 74 -39.24 -30.18 7.26
N THR D 75 -40.46 -30.38 6.78
CA THR D 75 -41.66 -29.99 7.52
C THR D 75 -41.75 -30.77 8.83
N ALA D 76 -41.59 -32.09 8.73
CA ALA D 76 -41.67 -32.94 9.92
C ALA D 76 -40.50 -32.68 10.87
N LEU D 77 -39.31 -32.51 10.33
CA LEU D 77 -38.15 -32.22 11.16
C LEU D 77 -38.31 -30.89 11.88
N ALA D 78 -38.84 -29.88 11.19
CA ALA D 78 -39.05 -28.57 11.81
C ALA D 78 -40.08 -28.66 12.93
N GLU D 79 -41.15 -29.41 12.70
CA GLU D 79 -42.16 -29.54 13.76
C GLU D 79 -41.59 -30.27 14.98
N ALA D 80 -40.86 -31.35 14.73
CA ALA D 80 -40.26 -32.13 15.81
C ALA D 80 -39.24 -31.33 16.62
N THR D 81 -38.55 -30.37 15.99
CA THR D 81 -37.44 -29.67 16.65
C THR D 81 -37.76 -28.26 17.10
N GLY D 82 -38.92 -27.74 16.69
CA GLY D 82 -39.28 -26.37 17.03
C GLY D 82 -38.57 -25.36 16.15
N ALA D 83 -38.34 -25.74 14.89
CA ALA D 83 -37.70 -24.83 13.93
C ALA D 83 -38.75 -24.22 13.02
N HIS D 84 -38.39 -23.08 12.42
CA HIS D 84 -39.20 -22.46 11.38
C HIS D 84 -39.01 -23.27 10.10
N GLU D 85 -40.10 -23.81 9.55
CA GLU D 85 -40.06 -24.77 8.45
C GLU D 85 -39.15 -24.32 7.30
N GLN D 86 -39.41 -23.14 6.75
CA GLN D 86 -38.66 -22.72 5.57
C GLN D 86 -37.20 -22.49 5.91
N THR D 87 -36.93 -22.07 7.15
CA THR D 87 -35.55 -21.77 7.52
C THR D 87 -34.77 -23.06 7.77
N LEU D 88 -35.40 -24.07 8.37
CA LEU D 88 -34.71 -25.35 8.54
C LEU D 88 -34.44 -25.96 7.18
N ARG D 89 -35.38 -25.78 6.26
CA ARG D 89 -35.21 -26.28 4.90
C ARG D 89 -33.98 -25.67 4.25
N ARG D 90 -33.82 -24.36 4.40
CA ARG D 90 -32.62 -23.68 3.92
C ARG D 90 -31.36 -24.26 4.55
N LEU D 91 -31.37 -24.41 5.87
CA LEU D 91 -30.22 -24.97 6.58
C LEU D 91 -29.86 -26.35 6.06
N LEU D 92 -30.85 -27.22 5.91
CA LEU D 92 -30.61 -28.60 5.47
C LEU D 92 -30.15 -28.67 4.02
N ARG D 93 -30.72 -27.82 3.19
N ARG D 93 -30.70 -27.82 3.17
CA ARG D 93 -30.32 -27.71 1.80
CA ARG D 93 -30.28 -27.78 1.78
C ARG D 93 -28.85 -27.37 1.73
C ARG D 93 -28.84 -27.29 1.66
N LEU D 94 -28.45 -26.34 2.50
CA LEU D 94 -27.07 -25.91 2.53
C LEU D 94 -26.17 -27.04 3.00
N LEU D 95 -26.52 -27.66 4.12
CA LEU D 95 -25.67 -28.71 4.67
C LEU D 95 -25.49 -29.83 3.67
N ALA D 96 -26.57 -30.24 3.01
CA ALA D 96 -26.51 -31.31 2.02
C ALA D 96 -25.61 -30.94 0.85
N THR D 97 -25.61 -29.68 0.42
CA THR D 97 -24.72 -29.28 -0.68
C THR D 97 -23.25 -29.40 -0.31
N VAL D 98 -22.94 -29.39 0.97
CA VAL D 98 -21.56 -29.57 1.40
C VAL D 98 -21.34 -30.94 2.03
N GLY D 99 -22.24 -31.88 1.72
CA GLY D 99 -22.03 -33.28 2.07
C GLY D 99 -22.63 -33.80 3.36
N VAL D 100 -23.28 -32.94 4.13
CA VAL D 100 -23.82 -33.35 5.43
C VAL D 100 -25.33 -33.50 5.33
N PHE D 101 -25.84 -34.71 5.55
CA PHE D 101 -27.19 -35.11 5.16
C PHE D 101 -27.33 -35.24 3.65
N ASP D 102 -28.29 -36.06 3.24
N ASP D 102 -28.27 -36.07 3.22
CA ASP D 102 -28.59 -36.22 1.83
CA ASP D 102 -28.57 -36.23 1.81
C ASP D 102 -29.92 -35.52 1.52
C ASP D 102 -29.92 -35.54 1.49
N ASP D 103 -29.90 -34.65 0.51
CA ASP D 103 -31.12 -33.99 0.02
C ASP D 103 -31.65 -34.86 -1.12
N LEU D 104 -32.77 -35.54 -0.90
CA LEU D 104 -33.29 -36.51 -1.89
C LEU D 104 -33.77 -35.83 -3.17
N GLY D 105 -34.12 -34.55 -3.07
CA GLY D 105 -34.48 -33.78 -4.26
C GLY D 105 -35.93 -33.91 -4.65
N HIS D 106 -36.73 -34.56 -3.81
CA HIS D 106 -38.16 -34.63 -4.01
C HIS D 106 -38.90 -34.78 -2.69
N ASP D 107 -40.14 -34.31 -2.68
CA ASP D 107 -41.04 -34.47 -1.54
C ASP D 107 -40.51 -33.91 -0.22
N ASP D 108 -39.59 -32.94 -0.32
CA ASP D 108 -39.05 -32.25 0.84
C ASP D 108 -38.24 -33.19 1.72
N LEU D 109 -37.79 -34.30 1.15
CA LEU D 109 -37.15 -35.34 1.97
C LEU D 109 -35.65 -35.16 2.18
N PHE D 110 -35.21 -35.35 3.42
CA PHE D 110 -33.79 -35.47 3.72
C PHE D 110 -33.50 -36.80 4.40
N ALA D 111 -32.29 -37.32 4.20
CA ALA D 111 -31.89 -38.59 4.74
C ALA D 111 -30.55 -38.50 5.46
N GLN D 112 -30.31 -39.44 6.36
CA GLN D 112 -29.02 -39.59 7.00
C GLN D 112 -27.99 -40.00 5.96
N ASN D 113 -26.78 -39.49 6.08
CA ASN D 113 -25.67 -40.00 5.27
C ASN D 113 -24.42 -40.22 6.12
N ALA D 114 -23.32 -40.60 5.49
CA ALA D 114 -22.13 -41.01 6.23
C ALA D 114 -21.66 -39.92 7.19
N LEU D 115 -21.61 -38.68 6.71
CA LEU D 115 -21.20 -37.54 7.53
C LEU D 115 -22.20 -37.17 8.63
N SER D 116 -23.50 -37.14 8.32
CA SER D 116 -24.47 -36.82 9.37
C SER D 116 -24.60 -37.92 10.43
N ALA D 117 -24.34 -39.16 10.04
CA ALA D 117 -24.44 -40.28 10.98
C ALA D 117 -23.43 -40.10 12.11
N VAL D 118 -22.32 -39.48 11.76
CA VAL D 118 -21.27 -39.16 12.72
C VAL D 118 -21.77 -38.24 13.85
N LEU D 119 -22.86 -37.52 13.60
CA LEU D 119 -23.38 -36.54 14.55
C LEU D 119 -24.47 -37.09 15.47
N LEU D 120 -24.81 -38.37 15.32
CA LEU D 120 -25.79 -38.98 16.21
C LEU D 120 -25.33 -38.88 17.67
N PRO D 121 -26.28 -38.57 18.57
CA PRO D 121 -25.98 -38.50 20.01
C PRO D 121 -25.45 -39.86 20.44
N ASP D 122 -24.28 -39.92 21.02
CA ASP D 122 -23.71 -41.15 21.45
C ASP D 122 -22.52 -40.76 22.30
N PRO D 123 -22.53 -41.15 23.57
CA PRO D 123 -21.47 -40.76 24.50
C PRO D 123 -20.11 -41.28 24.11
N ALA D 124 -20.06 -42.25 23.24
CA ALA D 124 -18.78 -42.76 22.77
C ALA D 124 -18.27 -42.05 21.51
N SER D 125 -19.04 -41.07 21.01
CA SER D 125 -18.64 -40.38 19.78
C SER D 125 -18.00 -39.02 20.06
N PRO D 126 -16.68 -38.91 19.81
CA PRO D 126 -15.97 -37.65 20.02
C PRO D 126 -16.57 -36.49 19.20
N VAL D 127 -16.88 -36.71 17.92
CA VAL D 127 -17.37 -35.60 17.09
C VAL D 127 -18.78 -35.15 17.46
N ALA D 128 -19.65 -36.10 17.77
CA ALA D 128 -21.02 -35.77 18.14
C ALA D 128 -21.08 -34.96 19.42
N THR D 129 -20.34 -35.40 20.44
CA THR D 129 -20.33 -34.69 21.70
C THR D 129 -19.64 -33.33 21.56
N ASP D 130 -18.57 -33.27 20.77
CA ASP D 130 -17.88 -32.01 20.60
C ASP D 130 -18.75 -31.00 19.82
N ALA D 131 -19.48 -31.49 18.81
CA ALA D 131 -20.35 -30.59 18.06
C ALA D 131 -21.38 -29.92 18.98
N ARG D 132 -21.95 -30.69 19.88
CA ARG D 132 -22.99 -30.19 20.78
C ARG D 132 -22.44 -29.22 21.82
N PHE D 133 -21.20 -29.46 22.23
CA PHE D 133 -20.45 -28.61 23.16
C PHE D 133 -20.19 -27.26 22.47
N GLN D 134 -19.68 -27.34 21.24
CA GLN D 134 -19.39 -26.13 20.45
C GLN D 134 -20.64 -25.32 20.11
N ALA D 135 -21.79 -25.97 20.11
CA ALA D 135 -23.05 -25.26 19.82
C ALA D 135 -23.40 -24.22 20.88
N ALA D 136 -22.92 -24.44 22.11
CA ALA D 136 -23.20 -23.51 23.22
C ALA D 136 -22.71 -22.12 22.88
N PRO D 137 -23.52 -21.10 23.18
CA PRO D 137 -23.19 -19.72 22.81
C PRO D 137 -21.92 -19.21 23.49
N TRP D 138 -21.66 -19.63 24.72
CA TRP D 138 -20.46 -19.20 25.43
C TRP D 138 -19.18 -19.78 24.81
N HIS D 139 -19.31 -20.89 24.10
CA HIS D 139 -18.16 -21.52 23.43
C HIS D 139 -17.79 -20.67 22.21
N TRP D 140 -18.76 -20.46 21.33
CA TRP D 140 -18.58 -19.60 20.16
C TRP D 140 -18.15 -18.20 20.58
N ARG D 141 -18.70 -17.71 21.68
CA ARG D 141 -18.38 -16.36 22.14
C ARG D 141 -16.90 -16.23 22.59
N ALA D 142 -16.33 -17.31 23.11
CA ALA D 142 -14.90 -17.28 23.46
C ALA D 142 -14.09 -16.98 22.20
N TRP D 143 -14.48 -17.62 21.09
CA TRP D 143 -13.82 -17.42 19.81
C TRP D 143 -14.05 -16.01 19.26
N GLU D 144 -15.17 -15.38 19.65
CA GLU D 144 -15.43 -14.01 19.26
C GLU D 144 -14.29 -13.11 19.68
N GLN D 145 -13.70 -13.42 20.83
CA GLN D 145 -12.66 -12.58 21.42
C GLN D 145 -11.26 -13.18 21.30
N LEU D 146 -11.05 -13.99 20.27
CA LEU D 146 -9.75 -14.60 20.01
C LEU D 146 -8.66 -13.53 19.95
N THR D 147 -8.96 -12.38 19.37
CA THR D 147 -7.97 -11.31 19.30
C THR D 147 -7.39 -10.94 20.67
N HIS D 148 -8.23 -10.98 21.70
CA HIS D 148 -7.79 -10.71 23.06
C HIS D 148 -6.73 -11.71 23.51
N SER D 149 -6.94 -12.98 23.18
CA SER D 149 -5.97 -14.01 23.55
C SER D 149 -4.64 -13.77 22.83
N VAL D 150 -4.72 -13.38 21.57
CA VAL D 150 -3.51 -13.14 20.79
C VAL D 150 -2.74 -11.93 21.30
N ARG D 151 -3.47 -10.95 21.82
CA ARG D 151 -2.85 -9.76 22.39
C ARG D 151 -2.28 -9.97 23.81
N THR D 152 -2.78 -10.96 24.53
CA THR D 152 -2.46 -11.07 25.96
C THR D 152 -1.83 -12.40 26.39
N GLY D 153 -2.05 -13.45 25.61
CA GLY D 153 -1.61 -14.78 25.99
C GLY D 153 -2.53 -15.43 27.00
N GLU D 154 -3.64 -14.77 27.27
CA GLU D 154 -4.61 -15.30 28.24
C GLU D 154 -5.92 -15.74 27.58
N ALA D 155 -6.68 -16.56 28.30
CA ALA D 155 -7.93 -17.10 27.77
C ALA D 155 -8.89 -15.98 27.41
N SER D 156 -9.54 -16.08 26.26
CA SER D 156 -10.56 -15.11 25.86
C SER D 156 -11.91 -15.43 26.51
N PHE D 157 -12.07 -16.68 26.95
CA PHE D 157 -13.32 -17.11 27.56
C PHE D 157 -13.78 -16.15 28.65
N ASP D 158 -12.84 -15.73 29.49
CA ASP D 158 -13.19 -14.93 30.67
C ASP D 158 -13.73 -13.56 30.29
N VAL D 159 -13.08 -12.91 29.33
CA VAL D 159 -13.52 -11.58 28.88
C VAL D 159 -14.79 -11.67 28.05
N ALA D 160 -14.94 -12.74 27.28
CA ALA D 160 -16.13 -12.93 26.47
C ALA D 160 -17.36 -13.21 27.33
N ASN D 161 -17.17 -14.02 28.37
CA ASN D 161 -18.30 -14.60 29.09
C ASN D 161 -18.49 -14.10 30.53
N GLY D 162 -17.52 -13.36 31.05
CA GLY D 162 -17.65 -12.78 32.38
C GLY D 162 -17.37 -13.76 33.50
N THR D 163 -16.90 -14.96 33.13
CA THR D 163 -16.59 -15.99 34.11
C THR D 163 -15.54 -16.90 33.48
N SER D 164 -14.81 -17.67 34.27
CA SER D 164 -13.84 -18.60 33.70
C SER D 164 -14.56 -19.87 33.24
N PHE D 165 -13.89 -20.66 32.40
CA PHE D 165 -14.45 -21.93 31.96
C PHE D 165 -14.71 -22.83 33.16
N TRP D 166 -13.76 -22.91 34.09
CA TRP D 166 -13.94 -23.77 35.25
C TRP D 166 -15.11 -23.32 36.13
N GLN D 167 -15.26 -22.01 36.32
CA GLN D 167 -16.35 -21.49 37.14
C GLN D 167 -17.69 -21.77 36.47
N LEU D 168 -17.76 -21.57 35.16
CA LEU D 168 -19.00 -21.86 34.46
C LEU D 168 -19.40 -23.31 34.62
N THR D 169 -18.45 -24.24 34.44
CA THR D 169 -18.79 -25.66 34.51
C THR D 169 -19.08 -26.08 35.95
N HIS D 170 -18.73 -25.23 36.90
CA HIS D 170 -19.08 -25.45 38.30
C HIS D 170 -20.52 -25.01 38.60
N GLU D 171 -20.94 -23.89 38.00
CA GLU D 171 -22.22 -23.25 38.34
C GLU D 171 -23.40 -23.65 37.46
N ASP D 172 -23.11 -24.14 36.25
CA ASP D 172 -24.14 -24.44 35.27
C ASP D 172 -24.04 -25.90 34.87
N PRO D 173 -24.98 -26.73 35.38
CA PRO D 173 -24.96 -28.17 35.11
C PRO D 173 -25.15 -28.56 33.65
N LYS D 174 -25.75 -27.68 32.86
CA LYS D 174 -25.86 -27.97 31.44
C LYS D 174 -24.50 -27.84 30.75
N ALA D 175 -23.79 -26.77 31.05
CA ALA D 175 -22.46 -26.55 30.50
C ALA D 175 -21.53 -27.64 30.99
N ARG D 176 -21.68 -27.96 32.27
CA ARG D 176 -20.92 -29.04 32.87
C ARG D 176 -21.14 -30.33 32.09
N GLU D 177 -22.40 -30.64 31.81
CA GLU D 177 -22.71 -31.87 31.11
C GLU D 177 -22.17 -31.89 29.68
N LEU D 178 -22.31 -30.78 28.97
CA LEU D 178 -21.79 -30.70 27.61
C LEU D 178 -20.29 -30.99 27.59
N PHE D 179 -19.58 -30.38 28.53
CA PHE D 179 -18.13 -30.57 28.64
C PHE D 179 -17.76 -31.99 29.04
N ASN D 180 -18.36 -32.48 30.11
CA ASN D 180 -18.01 -33.83 30.57
C ASN D 180 -18.29 -34.89 29.51
N ARG D 181 -19.34 -34.70 28.71
CA ARG D 181 -19.62 -35.61 27.61
C ARG D 181 -18.58 -35.50 26.51
N ALA D 182 -18.24 -34.27 26.13
CA ALA D 182 -17.24 -34.07 25.08
C ALA D 182 -15.91 -34.72 25.49
N MSE D 183 -15.53 -34.53 26.75
N MSE D 183 -15.54 -34.53 26.75
CA MSE D 183 -14.27 -35.10 27.25
CA MSE D 183 -14.31 -35.11 27.28
C MSE D 183 -14.39 -36.61 27.47
C MSE D 183 -14.43 -36.62 27.38
O MSE D 183 -13.45 -37.35 27.16
O MSE D 183 -13.54 -37.35 26.96
CB MSE D 183 -13.85 -34.40 28.55
CB MSE D 183 -14.00 -34.54 28.66
CG MSE D 183 -12.46 -34.78 29.08
CG MSE D 183 -13.67 -33.07 28.62
SE MSE D 183 -10.98 -34.13 27.97
SE MSE D 183 -12.40 -32.74 27.19
CE MSE D 183 -10.52 -35.83 27.11
CE MSE D 183 -10.79 -33.39 28.05
N GLY D 184 -15.53 -37.07 27.97
CA GLY D 184 -15.75 -38.49 28.21
C GLY D 184 -15.71 -39.36 26.97
N SER D 185 -16.13 -38.82 25.83
CA SER D 185 -16.14 -39.59 24.59
C SER D 185 -14.73 -39.84 24.11
N VAL D 186 -13.93 -38.79 24.11
CA VAL D 186 -12.53 -38.90 23.73
C VAL D 186 -11.85 -39.89 24.66
N SER D 187 -12.18 -39.80 25.95
CA SER D 187 -11.50 -40.61 26.94
C SER D 187 -11.79 -42.09 26.75
N LEU D 188 -13.02 -42.41 26.34
CA LEU D 188 -13.40 -43.82 26.14
C LEU D 188 -12.47 -44.50 25.16
N THR D 189 -12.12 -43.82 24.07
CA THR D 189 -11.18 -44.38 23.11
C THR D 189 -9.79 -44.54 23.71
N GLU D 190 -9.33 -43.49 24.38
CA GLU D 190 -7.99 -43.48 24.93
C GLU D 190 -7.80 -44.51 26.04
N ALA D 191 -8.86 -44.79 26.78
CA ALA D 191 -8.74 -45.60 27.99
C ALA D 191 -8.13 -46.98 27.69
N GLY D 192 -8.60 -47.63 26.64
CA GLY D 192 -8.14 -48.95 26.28
C GLY D 192 -6.72 -48.92 25.71
N GLN D 193 -6.41 -47.87 24.96
CA GLN D 193 -5.09 -47.70 24.38
C GLN D 193 -4.04 -47.57 25.49
N VAL D 194 -4.31 -46.74 26.48
CA VAL D 194 -3.39 -46.57 27.60
C VAL D 194 -3.22 -47.89 28.36
N ALA D 195 -4.34 -48.52 28.70
CA ALA D 195 -4.29 -49.79 29.45
C ALA D 195 -3.48 -50.87 28.72
N ALA D 196 -3.37 -50.74 27.40
CA ALA D 196 -2.68 -51.73 26.58
C ALA D 196 -1.25 -51.34 26.26
N ALA D 197 -0.91 -50.07 26.45
CA ALA D 197 0.41 -49.57 26.09
C ALA D 197 1.36 -49.61 27.27
N TYR D 198 0.81 -49.59 28.47
CA TYR D 198 1.62 -49.50 29.68
C TYR D 198 1.45 -50.71 30.58
N ASP D 199 2.57 -51.33 30.92
CA ASP D 199 2.56 -52.48 31.82
C ASP D 199 2.36 -52.06 33.27
N PHE D 200 1.11 -52.14 33.75
CA PHE D 200 0.77 -51.75 35.12
C PHE D 200 0.97 -52.89 36.12
N SER D 201 1.37 -54.06 35.66
CA SER D 201 1.54 -55.19 36.57
C SER D 201 2.60 -54.90 37.62
N GLY D 202 2.35 -55.30 38.85
CA GLY D 202 3.29 -55.03 39.93
C GLY D 202 2.96 -53.77 40.70
N ALA D 203 1.99 -53.01 40.19
CA ALA D 203 1.47 -51.85 40.91
C ALA D 203 0.29 -52.27 41.76
N ALA D 204 0.28 -51.82 43.01
CA ALA D 204 -0.82 -52.13 43.92
C ALA D 204 -1.86 -51.03 43.90
N THR D 205 -1.40 -49.79 43.78
CA THR D 205 -2.27 -48.63 43.87
C THR D 205 -2.03 -47.65 42.73
N ALA D 206 -3.11 -47.08 42.21
CA ALA D 206 -3.05 -46.11 41.14
C ALA D 206 -3.96 -44.94 41.50
N VAL D 207 -3.53 -43.72 41.15
CA VAL D 207 -4.35 -42.53 41.41
C VAL D 207 -4.49 -41.75 40.10
N ASP D 208 -5.74 -41.50 39.69
CA ASP D 208 -5.98 -40.69 38.50
C ASP D 208 -6.38 -39.29 38.93
N ILE D 209 -5.51 -38.34 38.62
CA ILE D 209 -5.63 -36.96 39.05
C ILE D 209 -6.47 -36.22 38.01
N GLY D 210 -7.67 -35.78 38.42
CA GLY D 210 -8.59 -35.13 37.50
C GLY D 210 -9.02 -36.10 36.40
N GLY D 211 -9.47 -37.29 36.81
CA GLY D 211 -9.73 -38.38 35.90
C GLY D 211 -11.11 -38.36 35.23
N GLY D 212 -11.75 -37.20 35.22
CA GLY D 212 -13.04 -37.06 34.55
C GLY D 212 -14.10 -38.02 35.01
N ARG D 213 -14.74 -38.70 34.05
CA ARG D 213 -15.80 -39.65 34.37
C ARG D 213 -15.28 -41.05 34.68
N GLY D 214 -13.96 -41.21 34.72
CA GLY D 214 -13.36 -42.44 35.21
C GLY D 214 -13.12 -43.56 34.22
N SER D 215 -13.33 -43.29 32.94
CA SER D 215 -13.13 -44.33 31.93
C SER D 215 -11.68 -44.81 31.88
N LEU D 216 -10.72 -43.92 32.13
CA LEU D 216 -9.34 -44.36 32.12
C LEU D 216 -9.11 -45.34 33.28
N MSE D 217 -9.54 -44.94 34.47
CA MSE D 217 -9.39 -45.79 35.64
C MSE D 217 -10.09 -47.13 35.44
O MSE D 217 -9.55 -48.17 35.80
CB MSE D 217 -9.94 -45.09 36.90
CG MSE D 217 -9.82 -45.91 38.17
SE MSE D 217 -7.96 -46.33 38.62
CE MSE D 217 -7.44 -44.61 39.36
N ALA D 218 -11.29 -47.09 34.86
CA ALA D 218 -12.03 -48.32 34.58
C ALA D 218 -11.25 -49.26 33.66
N ALA D 219 -10.70 -48.74 32.57
CA ALA D 219 -9.98 -49.59 31.63
C ALA D 219 -8.74 -50.22 32.27
N VAL D 220 -8.03 -49.45 33.07
CA VAL D 220 -6.81 -49.97 33.69
C VAL D 220 -7.15 -51.03 34.75
N LEU D 221 -8.16 -50.78 35.57
CA LEU D 221 -8.60 -51.76 36.55
C LEU D 221 -9.05 -53.07 35.89
N ASP D 222 -9.82 -52.96 34.81
CA ASP D 222 -10.24 -54.16 34.07
C ASP D 222 -9.02 -54.99 33.70
N ALA D 223 -8.01 -54.33 33.15
CA ALA D 223 -6.87 -55.03 32.57
C ALA D 223 -5.87 -55.55 33.61
N PHE D 224 -5.96 -55.04 34.83
CA PHE D 224 -5.03 -55.41 35.89
C PHE D 224 -5.76 -55.65 37.21
N PRO D 225 -6.22 -56.90 37.42
CA PRO D 225 -7.07 -57.30 38.52
C PRO D 225 -6.46 -57.08 39.91
N GLY D 226 -5.14 -57.00 40.00
CA GLY D 226 -4.50 -56.76 41.28
C GLY D 226 -4.63 -55.32 41.74
N LEU D 227 -4.83 -54.42 40.79
CA LEU D 227 -4.78 -52.99 41.04
C LEU D 227 -5.96 -52.45 41.86
N ARG D 228 -5.65 -51.60 42.83
CA ARG D 228 -6.67 -50.80 43.50
C ARG D 228 -6.48 -49.34 43.06
N GLY D 229 -7.58 -48.60 42.93
CA GLY D 229 -7.52 -47.26 42.38
C GLY D 229 -8.07 -46.15 43.26
N THR D 230 -7.66 -44.92 42.97
CA THR D 230 -8.24 -43.74 43.58
C THR D 230 -8.43 -42.67 42.51
N LEU D 231 -9.64 -42.13 42.43
CA LEU D 231 -9.93 -41.07 41.46
C LEU D 231 -10.20 -39.75 42.13
N LEU D 232 -9.49 -38.71 41.68
CA LEU D 232 -9.70 -37.35 42.19
C LEU D 232 -10.37 -36.52 41.11
N GLU D 233 -11.42 -35.80 41.49
CA GLU D 233 -12.13 -34.91 40.58
C GLU D 233 -12.95 -33.92 41.36
N ARG D 234 -13.33 -32.83 40.70
CA ARG D 234 -14.32 -31.92 41.25
C ARG D 234 -15.56 -32.73 41.59
N PRO D 235 -16.29 -32.30 42.63
CA PRO D 235 -17.40 -33.08 43.20
C PRO D 235 -18.46 -33.56 42.20
N PRO D 236 -18.96 -32.67 41.33
CA PRO D 236 -20.01 -33.11 40.41
C PRO D 236 -19.61 -34.25 39.46
N VAL D 237 -18.48 -34.15 38.78
CA VAL D 237 -18.09 -35.22 37.86
C VAL D 237 -17.54 -36.44 38.62
N ALA D 238 -17.03 -36.20 39.83
CA ALA D 238 -16.61 -37.29 40.71
C ALA D 238 -17.76 -38.29 40.89
N GLU D 239 -18.96 -37.76 41.10
CA GLU D 239 -20.14 -38.60 41.25
C GLU D 239 -20.53 -39.26 39.93
N GLU D 240 -20.22 -38.60 38.82
CA GLU D 240 -20.44 -39.21 37.53
C GLU D 240 -19.46 -40.36 37.32
N ALA D 241 -18.24 -40.19 37.81
CA ALA D 241 -17.25 -41.26 37.71
C ALA D 241 -17.70 -42.45 38.55
N ARG D 242 -18.27 -42.15 39.72
CA ARG D 242 -18.79 -43.20 40.60
C ARG D 242 -19.84 -44.03 39.87
N GLU D 243 -20.70 -43.36 39.09
CA GLU D 243 -21.70 -44.07 38.29
C GLU D 243 -21.04 -45.00 37.28
N LEU D 244 -20.11 -44.47 36.51
CA LEU D 244 -19.47 -45.26 35.47
C LEU D 244 -18.76 -46.46 36.07
N LEU D 245 -17.98 -46.21 37.11
CA LEU D 245 -17.20 -47.28 37.74
C LEU D 245 -18.11 -48.31 38.40
N THR D 246 -19.09 -47.84 39.16
CA THR D 246 -20.06 -48.73 39.78
C THR D 246 -20.75 -49.58 38.73
N GLY D 247 -21.24 -48.93 37.69
CA GLY D 247 -21.94 -49.61 36.60
C GLY D 247 -21.09 -50.67 35.93
N ARG D 248 -19.78 -50.60 36.14
CA ARG D 248 -18.88 -51.59 35.55
C ARG D 248 -18.33 -52.58 36.57
N GLY D 249 -18.89 -52.54 37.77
CA GLY D 249 -18.53 -53.50 38.81
C GLY D 249 -17.15 -53.29 39.37
N LEU D 250 -16.71 -52.03 39.42
CA LEU D 250 -15.38 -51.70 39.91
C LEU D 250 -15.45 -50.83 41.17
N ALA D 251 -16.67 -50.63 41.67
CA ALA D 251 -16.89 -49.75 42.81
C ALA D 251 -16.06 -50.15 44.04
N ASP D 252 -15.75 -51.43 44.16
CA ASP D 252 -15.04 -51.93 45.33
C ASP D 252 -13.53 -51.74 45.19
N ARG D 253 -13.08 -51.55 43.96
CA ARG D 253 -11.65 -51.45 43.66
C ARG D 253 -11.18 -50.01 43.45
N CYS D 254 -12.08 -49.04 43.60
CA CYS D 254 -11.72 -47.64 43.36
C CYS D 254 -12.42 -46.71 44.33
N GLU D 255 -11.63 -45.93 45.06
CA GLU D 255 -12.16 -44.88 45.91
C GLU D 255 -12.34 -43.61 45.09
N ILE D 256 -13.40 -42.86 45.39
CA ILE D 256 -13.65 -41.58 44.74
C ILE D 256 -13.43 -40.47 45.75
N LEU D 257 -12.46 -39.60 45.50
CA LEU D 257 -12.21 -38.47 46.38
C LEU D 257 -12.61 -37.17 45.68
N PRO D 258 -13.80 -36.65 46.01
CA PRO D 258 -14.23 -35.37 45.43
C PRO D 258 -13.48 -34.21 46.04
N GLY D 259 -13.24 -33.19 45.23
CA GLY D 259 -12.64 -31.97 45.72
C GLY D 259 -11.51 -31.45 44.85
N ASP D 260 -10.81 -30.45 45.37
CA ASP D 260 -9.65 -29.89 44.71
C ASP D 260 -8.54 -30.90 44.88
N PHE D 261 -7.94 -31.34 43.78
CA PHE D 261 -6.91 -32.38 43.93
C PHE D 261 -5.67 -31.92 44.69
N PHE D 262 -5.48 -30.61 44.84
CA PHE D 262 -4.37 -30.08 45.64
C PHE D 262 -4.48 -30.52 47.09
N GLU D 263 -5.71 -30.72 47.55
CA GLU D 263 -5.96 -31.18 48.90
C GLU D 263 -6.00 -32.70 48.96
N THR D 264 -6.58 -33.31 47.93
CA THR D 264 -6.91 -34.75 47.99
C THR D 264 -5.82 -35.71 47.51
N ILE D 265 -4.83 -35.22 46.77
CA ILE D 265 -3.78 -36.10 46.23
C ILE D 265 -3.11 -36.93 47.32
N PRO D 266 -3.37 -38.25 47.32
CA PRO D 266 -2.86 -39.20 48.32
C PRO D 266 -1.36 -39.43 48.22
N ASP D 267 -0.68 -39.48 49.37
CA ASP D 267 0.73 -39.86 49.40
C ASP D 267 0.87 -41.35 49.19
N GLY D 268 1.99 -41.78 48.63
CA GLY D 268 2.38 -43.18 48.64
C GLY D 268 1.77 -44.16 47.64
N ALA D 269 1.15 -43.64 46.57
CA ALA D 269 0.64 -44.52 45.54
C ALA D 269 1.78 -45.01 44.66
N ASP D 270 1.58 -46.17 44.03
CA ASP D 270 2.59 -46.73 43.13
C ASP D 270 2.63 -45.99 41.81
N VAL D 271 1.46 -45.64 41.29
CA VAL D 271 1.40 -44.92 40.02
C VAL D 271 0.36 -43.81 40.06
N TYR D 272 0.75 -42.66 39.53
CA TYR D 272 -0.14 -41.53 39.40
C TYR D 272 -0.37 -41.30 37.92
N LEU D 273 -1.62 -41.04 37.55
CA LEU D 273 -1.99 -40.79 36.18
C LEU D 273 -2.56 -39.39 36.05
N ILE D 274 -2.24 -38.71 34.95
CA ILE D 274 -2.82 -37.40 34.72
C ILE D 274 -2.97 -37.18 33.21
N LYS D 275 -4.21 -37.26 32.75
CA LYS D 275 -4.51 -37.29 31.34
C LYS D 275 -5.31 -36.06 30.90
N HIS D 276 -4.78 -35.34 29.92
CA HIS D 276 -5.46 -34.17 29.37
C HIS D 276 -5.83 -33.20 30.48
N VAL D 277 -4.91 -33.02 31.43
CA VAL D 277 -5.09 -32.06 32.50
C VAL D 277 -4.04 -30.96 32.37
N LEU D 278 -2.78 -31.35 32.25
CA LEU D 278 -1.69 -30.37 32.26
C LEU D 278 -1.76 -29.37 31.11
N HIS D 279 -2.27 -29.80 29.96
CA HIS D 279 -2.36 -28.89 28.82
C HIS D 279 -3.42 -27.79 29.02
N ASP D 280 -4.24 -27.93 30.06
CA ASP D 280 -5.21 -26.88 30.41
C ASP D 280 -4.55 -25.69 31.08
N TRP D 281 -3.29 -25.84 31.48
CA TRP D 281 -2.67 -24.89 32.39
C TRP D 281 -1.42 -24.26 31.81
N ASP D 282 -1.14 -23.01 32.20
CA ASP D 282 0.09 -22.35 31.76
C ASP D 282 1.31 -22.91 32.50
N ASP D 283 2.51 -22.52 32.05
CA ASP D 283 3.74 -23.14 32.56
C ASP D 283 3.82 -23.16 34.08
N ASP D 284 3.59 -21.99 34.69
CA ASP D 284 3.72 -21.85 36.13
C ASP D 284 2.70 -22.69 36.90
N ASP D 285 1.48 -22.77 36.38
CA ASP D 285 0.46 -23.63 37.01
C ASP D 285 0.78 -25.12 36.84
N VAL D 286 1.29 -25.48 35.66
CA VAL D 286 1.74 -26.86 35.48
C VAL D 286 2.83 -27.22 36.51
N VAL D 287 3.78 -26.32 36.72
CA VAL D 287 4.83 -26.59 37.70
C VAL D 287 4.23 -26.76 39.11
N ARG D 288 3.25 -25.92 39.44
CA ARG D 288 2.57 -26.04 40.72
C ARG D 288 1.93 -27.41 40.90
N ILE D 289 1.32 -27.92 39.84
CA ILE D 289 0.68 -29.23 39.90
C ILE D 289 1.72 -30.34 40.01
N LEU D 290 2.79 -30.22 39.22
CA LEU D 290 3.86 -31.22 39.22
C LEU D 290 4.57 -31.30 40.58
N ARG D 291 4.90 -30.15 41.16
CA ARG D 291 5.56 -30.13 42.46
C ARG D 291 4.67 -30.79 43.53
N ARG D 292 3.37 -30.56 43.43
CA ARG D 292 2.43 -31.17 44.35
C ARG D 292 2.40 -32.70 44.22
N ILE D 293 2.49 -33.20 43.00
CA ILE D 293 2.53 -34.64 42.75
C ILE D 293 3.84 -35.23 43.25
N ALA D 294 4.95 -34.55 42.96
CA ALA D 294 6.27 -35.03 43.36
C ALA D 294 6.34 -35.30 44.87
N THR D 295 5.81 -34.38 45.67
CA THR D 295 5.87 -34.56 47.12
C THR D 295 5.05 -35.76 47.59
N ALA D 296 4.11 -36.22 46.77
CA ALA D 296 3.30 -37.36 47.14
C ALA D 296 3.90 -38.70 46.71
N MSE D 297 4.88 -38.65 45.82
CA MSE D 297 5.44 -39.87 45.26
C MSE D 297 6.48 -40.53 46.16
O MSE D 297 7.39 -39.87 46.68
CB MSE D 297 6.06 -39.60 43.88
CG MSE D 297 5.05 -39.23 42.81
SE MSE D 297 5.96 -38.57 41.21
CE MSE D 297 6.73 -40.23 40.59
N LYS D 298 6.35 -41.84 46.33
CA LYS D 298 7.40 -42.68 46.91
C LYS D 298 8.56 -42.73 45.94
N PRO D 299 9.75 -43.06 46.45
CA PRO D 299 10.96 -43.09 45.61
C PRO D 299 10.83 -43.99 44.38
N ASP D 300 10.05 -45.05 44.46
CA ASP D 300 9.91 -46.00 43.34
C ASP D 300 8.63 -45.81 42.54
N SER D 301 7.89 -44.74 42.85
CA SER D 301 6.65 -44.46 42.13
C SER D 301 6.89 -43.99 40.71
N ARG D 302 5.83 -44.01 39.91
CA ARG D 302 5.89 -43.51 38.56
C ARG D 302 4.73 -42.54 38.34
N LEU D 303 4.97 -41.52 37.52
CA LEU D 303 3.90 -40.62 37.10
C LEU D 303 3.72 -40.82 35.60
N LEU D 304 2.47 -40.97 35.16
CA LEU D 304 2.18 -41.00 33.74
C LEU D 304 1.48 -39.71 33.36
N VAL D 305 2.18 -38.85 32.66
CA VAL D 305 1.52 -37.70 32.06
C VAL D 305 1.06 -38.17 30.68
N ILE D 306 -0.26 -38.19 30.49
CA ILE D 306 -0.85 -38.61 29.24
C ILE D 306 -1.49 -37.39 28.58
N ASP D 307 -0.93 -36.95 27.46
CA ASP D 307 -1.41 -35.76 26.82
C ASP D 307 -0.92 -35.66 25.38
N ASN D 308 -1.41 -34.66 24.68
CA ASN D 308 -1.03 -34.42 23.29
C ASN D 308 0.36 -33.83 23.26
N LEU D 309 1.26 -34.45 22.51
CA LEU D 309 2.60 -33.89 22.39
C LEU D 309 2.83 -33.28 21.02
N ILE D 310 3.37 -32.07 21.01
CA ILE D 310 3.82 -31.45 19.79
C ILE D 310 5.18 -32.04 19.43
N ASP D 311 5.32 -32.57 18.22
CA ASP D 311 6.63 -32.99 17.75
C ASP D 311 7.05 -32.10 16.61
N GLU D 312 8.01 -32.56 15.80
CA GLU D 312 8.52 -31.74 14.72
C GLU D 312 7.57 -31.70 13.51
N ARG D 313 6.54 -32.54 13.54
CA ARG D 313 5.60 -32.62 12.43
C ARG D 313 4.14 -32.60 12.90
N PRO D 314 3.74 -31.54 13.62
CA PRO D 314 2.38 -31.55 14.17
C PRO D 314 1.32 -31.39 13.09
N ALA D 315 0.28 -32.20 13.18
CA ALA D 315 -0.84 -32.12 12.25
C ALA D 315 -1.58 -30.81 12.47
N ALA D 316 -2.18 -30.30 11.41
CA ALA D 316 -3.09 -29.17 11.55
C ALA D 316 -4.09 -29.35 12.70
N SER D 317 -4.74 -30.50 12.79
CA SER D 317 -5.76 -30.69 13.81
C SER D 317 -5.17 -30.60 15.21
N THR D 318 -3.91 -31.00 15.33
CA THR D 318 -3.22 -30.91 16.62
C THR D 318 -3.02 -29.45 17.02
N LEU D 319 -2.65 -28.62 16.05
CA LEU D 319 -2.46 -27.20 16.33
C LEU D 319 -3.79 -26.47 16.57
N PHE D 320 -4.86 -26.95 15.95
CA PHE D 320 -6.17 -26.35 16.21
C PHE D 320 -6.57 -26.56 17.66
N VAL D 321 -6.32 -27.76 18.19
CA VAL D 321 -6.64 -28.02 19.60
C VAL D 321 -5.80 -27.17 20.52
N ASP D 322 -4.54 -26.94 20.16
CA ASP D 322 -3.70 -26.04 20.91
C ASP D 322 -4.32 -24.65 21.03
N LEU D 323 -4.91 -24.15 19.95
CA LEU D 323 -5.50 -22.82 19.95
C LEU D 323 -6.80 -22.81 20.78
N LEU D 324 -7.58 -23.88 20.68
CA LEU D 324 -8.78 -24.04 21.50
C LEU D 324 -8.45 -24.00 22.99
N LEU D 325 -7.37 -24.68 23.37
CA LEU D 325 -6.94 -24.65 24.77
C LEU D 325 -6.65 -23.23 25.25
N LEU D 326 -5.99 -22.46 24.40
CA LEU D 326 -5.71 -21.07 24.75
C LEU D 326 -7.03 -20.30 24.94
N VAL D 327 -7.93 -20.43 23.98
CA VAL D 327 -9.20 -19.72 24.01
C VAL D 327 -10.03 -20.04 25.26
N LEU D 328 -10.24 -21.34 25.52
CA LEU D 328 -11.09 -21.76 26.62
C LEU D 328 -10.48 -21.57 28.02
N VAL D 329 -9.24 -22.02 28.21
CA VAL D 329 -8.65 -22.09 29.54
C VAL D 329 -7.25 -21.47 29.69
N GLY D 330 -6.73 -20.89 28.62
CA GLY D 330 -5.41 -20.25 28.67
C GLY D 330 -4.26 -21.25 28.58
N GLY D 331 -4.57 -22.48 28.16
CA GLY D 331 -3.58 -23.54 28.13
C GLY D 331 -2.87 -23.67 26.79
N ALA D 332 -2.19 -24.79 26.59
CA ALA D 332 -1.35 -24.96 25.42
C ALA D 332 -0.88 -26.40 25.32
N GLU D 333 -0.63 -26.86 24.10
CA GLU D 333 0.04 -28.14 23.92
C GLU D 333 1.55 -27.93 24.02
N ARG D 334 2.27 -28.96 24.45
CA ARG D 334 3.71 -28.87 24.66
C ARG D 334 4.44 -30.02 23.97
N SER D 335 5.71 -29.79 23.63
CA SER D 335 6.58 -30.85 23.15
C SER D 335 7.16 -31.63 24.34
N GLU D 336 7.83 -32.73 24.05
CA GLU D 336 8.44 -33.51 25.13
C GLU D 336 9.47 -32.69 25.88
N SER D 337 10.33 -31.99 25.14
CA SER D 337 11.38 -31.21 25.77
C SER D 337 10.79 -30.04 26.57
N GLU D 338 9.67 -29.50 26.13
CA GLU D 338 9.00 -28.47 26.91
C GLU D 338 8.49 -29.02 28.24
N PHE D 339 7.88 -30.20 28.19
CA PHE D 339 7.45 -30.87 29.41
C PHE D 339 8.67 -31.22 30.27
N ALA D 340 9.75 -31.63 29.61
CA ALA D 340 10.95 -32.06 30.33
C ALA D 340 11.53 -30.90 31.14
N ALA D 341 11.46 -29.69 30.58
CA ALA D 341 11.94 -28.50 31.27
C ALA D 341 11.08 -28.22 32.49
N LEU D 342 9.76 -28.34 32.34
CA LEU D 342 8.88 -28.15 33.48
C LEU D 342 9.08 -29.22 34.57
N LEU D 343 9.28 -30.47 34.15
CA LEU D 343 9.49 -31.55 35.12
C LEU D 343 10.76 -31.29 35.92
N GLU D 344 11.77 -30.76 35.25
CA GLU D 344 13.04 -30.48 35.91
C GLU D 344 13.00 -29.23 36.80
N LYS D 345 11.88 -28.49 36.76
CA LYS D 345 11.63 -27.44 37.74
C LYS D 345 10.83 -28.00 38.91
N SER D 346 10.49 -29.29 38.82
CA SER D 346 9.53 -29.88 39.74
C SER D 346 10.04 -31.11 40.48
N GLY D 347 11.30 -31.48 40.26
CA GLY D 347 11.89 -32.62 40.94
C GLY D 347 11.57 -33.95 40.28
N LEU D 348 11.28 -33.89 38.99
CA LEU D 348 10.83 -35.05 38.24
C LEU D 348 11.69 -35.28 37.00
N ARG D 349 11.71 -36.51 36.49
CA ARG D 349 12.51 -36.84 35.31
C ARG D 349 11.76 -37.74 34.35
N VAL D 350 11.90 -37.46 33.06
CA VAL D 350 11.33 -38.35 32.05
C VAL D 350 12.11 -39.67 32.00
N GLU D 351 11.40 -40.79 32.11
CA GLU D 351 12.01 -42.10 31.94
C GLU D 351 11.83 -42.62 30.50
N ARG D 352 10.60 -42.55 30.00
CA ARG D 352 10.26 -43.06 28.67
C ARG D 352 9.06 -42.29 28.14
N SER D 353 8.91 -42.29 26.82
CA SER D 353 7.74 -41.70 26.17
C SER D 353 7.12 -42.70 25.20
N LEU D 354 5.91 -43.14 25.51
CA LEU D 354 5.28 -44.21 24.74
C LEU D 354 4.16 -43.70 23.85
N PRO D 355 4.11 -44.20 22.61
CA PRO D 355 3.00 -43.93 21.70
C PRO D 355 1.70 -44.41 22.29
N CYS D 356 0.60 -43.78 21.89
CA CYS D 356 -0.72 -44.12 22.40
C CYS D 356 -1.75 -43.75 21.35
N GLY D 357 -2.25 -44.75 20.63
CA GLY D 357 -3.17 -44.50 19.53
C GLY D 357 -2.45 -43.99 18.30
N ALA D 358 -3.16 -43.29 17.41
CA ALA D 358 -2.56 -42.83 16.17
C ALA D 358 -2.62 -41.30 15.99
N GLY D 359 -2.99 -40.60 17.05
CA GLY D 359 -2.95 -39.14 17.06
C GLY D 359 -1.70 -38.72 17.79
N PRO D 360 -1.72 -37.51 18.37
CA PRO D 360 -0.54 -36.97 19.06
C PRO D 360 -0.43 -37.38 20.54
N VAL D 361 -1.31 -38.27 20.99
CA VAL D 361 -1.28 -38.66 22.39
C VAL D 361 -0.05 -39.51 22.72
N ARG D 362 0.64 -39.16 23.81
CA ARG D 362 1.77 -39.95 24.28
C ARG D 362 1.62 -40.20 25.77
N ILE D 363 2.19 -41.29 26.24
CA ILE D 363 2.29 -41.54 27.68
C ILE D 363 3.72 -41.20 28.08
N VAL D 364 3.89 -40.20 28.92
CA VAL D 364 5.21 -39.82 29.38
C VAL D 364 5.42 -40.41 30.78
N GLU D 365 6.31 -41.38 30.85
CA GLU D 365 6.57 -42.09 32.10
C GLU D 365 7.62 -41.34 32.90
N ILE D 366 7.31 -41.00 34.15
CA ILE D 366 8.13 -40.06 34.90
C ILE D 366 8.47 -40.59 36.29
N ARG D 367 9.71 -40.38 36.71
CA ARG D 367 10.15 -40.78 38.05
C ARG D 367 10.53 -39.55 38.85
N ARG D 368 10.62 -39.69 40.16
CA ARG D 368 11.04 -38.60 41.05
C ARG D 368 12.56 -38.55 41.05
N ALA D 369 13.14 -37.35 40.94
CA ALA D 369 14.59 -37.20 40.82
C ALA D 369 15.38 -37.65 42.05
CA CA E . -19.63 16.18 -16.94
C1 MPD F . -24.43 -10.70 2.28
C2 MPD F . -24.45 -9.20 2.55
O2 MPD F . -24.20 -8.51 1.31
CM MPD F . -23.35 -8.85 3.56
C3 MPD F . -25.82 -8.87 3.12
C4 MPD F . -26.22 -7.40 3.08
O4 MPD F . -25.22 -6.60 2.49
C5 MPD F . -26.58 -6.89 4.47
N SAH G . -27.01 -1.44 -4.22
CA SAH G . -25.71 -1.46 -3.46
CB SAH G . -25.89 -1.74 -1.94
CG SAH G . -26.57 -3.06 -1.57
SD SAH G . -26.58 -3.30 0.21
C SAH G . -24.80 -2.49 -4.05
O SAH G . -23.59 -2.47 -3.79
OXT SAH G . -25.24 -3.37 -4.81
C5' SAH G . -28.23 -2.74 0.58
C4' SAH G . -28.34 -1.21 0.74
O4' SAH G . -29.67 -0.78 1.11
C3' SAH G . -27.42 -0.55 1.77
O3' SAH G . -26.48 0.29 1.09
C2' SAH G . -28.32 0.29 2.68
O2' SAH G . -27.79 1.58 2.97
C1' SAH G . -29.55 0.46 1.83
N9 SAH G . -30.81 0.66 2.59
C8 SAH G . -31.26 -0.10 3.61
N7 SAH G . -32.46 0.35 4.04
C5 SAH G . -32.80 1.42 3.28
C6 SAH G . -33.92 2.35 3.19
N6 SAH G . -34.97 2.20 4.05
N1 SAH G . -33.89 3.34 2.26
C2 SAH G . -32.85 3.47 1.42
N3 SAH G . -31.77 2.64 1.44
C4 SAH G . -31.70 1.62 2.33
CA CA H . 31.39 4.04 -27.68
CA CA I . 8.81 23.64 -26.87
CA CA J . 38.63 14.08 -4.89
C1 MPD K . 23.31 6.72 -7.77
C2 MPD K . 24.61 6.02 -8.14
O2 MPD K . 24.41 4.58 -8.01
CM MPD K . 25.01 6.33 -9.58
C3 MPD K . 25.74 6.45 -7.20
C4 MPD K . 25.39 6.08 -5.77
O4 MPD K . 25.41 4.66 -5.66
C5 MPD K . 26.39 6.69 -4.80
N SAH L . 27.91 -3.43 -3.94
CA SAH L . 26.53 -2.90 -3.73
CB SAH L . 26.55 -1.45 -3.21
CG SAH L . 27.19 -0.39 -4.12
SD SAH L . 26.88 1.26 -3.53
C SAH L . 25.76 -2.99 -5.02
O SAH L . 24.56 -2.75 -5.07
OXT SAH L . 26.32 -3.29 -6.08
C5' SAH L . 28.39 1.60 -2.67
C4' SAH L . 28.49 0.94 -1.28
O4' SAH L . 29.73 1.23 -0.63
C3' SAH L . 27.40 1.34 -0.28
O3' SAH L . 26.66 0.18 0.07
C2' SAH L . 28.14 1.85 0.95
O2' SAH L . 27.56 1.39 2.18
C1' SAH L . 29.50 1.23 0.80
N9 SAH L . 30.58 1.99 1.45
C8 SAH L . 30.84 3.31 1.29
N7 SAH L . 31.93 3.66 2.00
C5 SAH L . 32.37 2.56 2.63
C6 SAH L . 33.49 2.25 3.54
N6 SAH L . 34.35 3.23 3.92
N1 SAH L . 33.61 0.98 3.97
C2 SAH L . 32.76 0.01 3.58
N3 SAH L . 31.72 0.21 2.75
C4 SAH L . 31.48 1.46 2.27
C1 MPD M . 8.40 34.75 -14.58
C2 MPD M . 9.74 35.46 -14.78
O2 MPD M . 9.48 36.68 -15.53
CM MPD M . 10.71 34.62 -15.59
C3 MPD M . 10.32 35.90 -13.45
C4 MPD M . 9.37 36.88 -12.77
O4 MPD M . 9.68 38.17 -13.23
C5 MPD M . 9.52 36.89 -11.24
N SAH N . 7.03 45.87 -16.23
CA SAH N . 8.46 45.40 -16.35
CB SAH N . 8.93 44.64 -15.10
CG SAH N . 8.14 43.38 -14.72
SD SAH N . 8.93 42.42 -13.45
C SAH N . 8.59 44.57 -17.60
O SAH N . 9.69 44.35 -18.11
OXT SAH N . 7.59 44.11 -18.17
C5' SAH N . 8.05 43.00 -12.03
C4' SAH N . 8.59 44.35 -11.52
O4' SAH N . 7.83 44.80 -10.39
C3' SAH N . 10.05 44.34 -11.05
O3' SAH N . 10.83 45.22 -11.88
C2' SAH N . 10.03 44.88 -9.63
O2' SAH N . 11.07 45.84 -9.39
C1' SAH N . 8.68 45.56 -9.54
N9 SAH N . 8.16 45.61 -8.16
C8 SAH N . 8.03 44.57 -7.29
N7 SAH N . 7.51 45.01 -6.11
C5 SAH N . 7.29 46.32 -6.23
C6 SAH N . 6.76 47.40 -5.36
N6 SAH N . 6.32 47.11 -4.11
N1 SAH N . 6.71 48.65 -5.87
C2 SAH N . 7.12 48.93 -7.12
N3 SAH N . 7.63 48.00 -7.96
C4 SAH N . 7.74 46.72 -7.57
C1 MPD O . -11.82 -29.12 24.69
C2 MPD O . -10.41 -29.50 25.13
O2 MPD O . -10.40 -30.90 25.45
CM MPD O . -9.39 -29.25 24.03
C3 MPD O . -10.02 -28.69 26.36
C4 MPD O . -11.08 -28.82 27.42
O4 MPD O . -10.94 -30.10 28.02
C5 MPD O . -10.90 -27.74 28.48
N SAH P . -8.56 -36.91 32.79
CA SAH P . -9.93 -36.79 32.21
CB SAH P . -10.45 -35.35 32.23
CG SAH P . -9.60 -34.32 31.48
SD SAH P . -10.43 -32.76 31.39
C SAH P . -9.90 -37.33 30.80
O SAH P . -8.84 -37.49 30.18
OXT SAH P . -10.95 -37.63 30.22
C5' SAH P . -9.72 -31.91 32.78
C4' SAH P . -10.37 -32.33 34.11
O4' SAH P . -9.69 -31.72 35.22
C3' SAH P . -11.85 -31.94 34.29
O3' SAH P . -12.64 -33.13 34.40
C2' SAH P . -11.92 -31.15 35.58
O2' SAH P . -13.02 -31.58 36.39
C1' SAH P . -10.62 -31.50 36.29
N9 SAH P . -10.11 -30.45 37.20
C8 SAH P . -9.77 -29.19 36.87
N7 SAH P . -9.33 -28.53 37.97
C5 SAH P . -9.38 -29.37 39.01
C6 SAH P . -9.04 -29.30 40.46
N6 SAH P . -8.56 -28.16 41.01
N1 SAH P . -9.24 -30.42 41.20
C2 SAH P . -9.72 -31.54 40.66
N3 SAH P . -10.04 -31.68 39.35
C4 SAH P . -9.89 -30.64 38.50
#